data_1JOT
# 
_entry.id   1JOT 
# 
_audit_conform.dict_name       mmcif_pdbx.dic 
_audit_conform.dict_version    5.389 
_audit_conform.dict_location   http://mmcif.pdb.org/dictionaries/ascii/mmcif_pdbx.dic 
# 
loop_
_database_2.database_id 
_database_2.database_code 
_database_2.pdbx_database_accession 
_database_2.pdbx_DOI 
PDB   1JOT         pdb_00001jot 10.2210/pdb1jot/pdb 
WWPDB D_1000174357 ?            ?                   
# 
loop_
_pdbx_audit_revision_history.ordinal 
_pdbx_audit_revision_history.data_content_type 
_pdbx_audit_revision_history.major_revision 
_pdbx_audit_revision_history.minor_revision 
_pdbx_audit_revision_history.revision_date 
1 'Structure model' 1 0 1998-12-30 
2 'Structure model' 1 1 2008-03-24 
3 'Structure model' 1 2 2011-07-13 
4 'Structure model' 1 3 2018-03-07 
5 'Structure model' 2 0 2020-07-29 
6 'Structure model' 2 1 2024-02-07 
7 'Structure model' 2 2 2024-04-03 
# 
loop_
_pdbx_audit_revision_details.ordinal 
_pdbx_audit_revision_details.revision_ordinal 
_pdbx_audit_revision_details.data_content_type 
_pdbx_audit_revision_details.provider 
_pdbx_audit_revision_details.type 
_pdbx_audit_revision_details.description 
_pdbx_audit_revision_details.details 
1 1 'Structure model' repository 'Initial release' ?                          ? 
2 5 'Structure model' repository Remediation       'Carbohydrate remediation' ? 
# 
loop_
_pdbx_audit_revision_group.ordinal 
_pdbx_audit_revision_group.revision_ordinal 
_pdbx_audit_revision_group.data_content_type 
_pdbx_audit_revision_group.group 
1  2 'Structure model' 'Version format compliance' 
2  3 'Structure model' 'Derived calculations'      
3  3 'Structure model' 'Version format compliance' 
4  4 'Structure model' 'Data collection'           
5  4 'Structure model' Other                       
6  5 'Structure model' 'Atomic model'              
7  5 'Structure model' 'Data collection'           
8  5 'Structure model' 'Derived calculations'      
9  5 'Structure model' 'Structure summary'         
10 6 'Structure model' 'Data collection'           
11 6 'Structure model' 'Database references'       
12 6 'Structure model' 'Structure summary'         
13 7 'Structure model' 'Refinement description'    
# 
loop_
_pdbx_audit_revision_category.ordinal 
_pdbx_audit_revision_category.revision_ordinal 
_pdbx_audit_revision_category.data_content_type 
_pdbx_audit_revision_category.category 
1  4 'Structure model' diffrn_source                 
2  4 'Structure model' pdbx_database_status          
3  5 'Structure model' atom_site                     
4  5 'Structure model' chem_comp                     
5  5 'Structure model' entity                        
6  5 'Structure model' entity_name_com               
7  5 'Structure model' pdbx_branch_scheme            
8  5 'Structure model' pdbx_chem_comp_identifier     
9  5 'Structure model' pdbx_entity_branch            
10 5 'Structure model' pdbx_entity_branch_descriptor 
11 5 'Structure model' pdbx_entity_branch_link       
12 5 'Structure model' pdbx_entity_branch_list       
13 5 'Structure model' pdbx_entity_nonpoly           
14 5 'Structure model' pdbx_molecule_features        
15 5 'Structure model' pdbx_nonpoly_scheme           
16 5 'Structure model' pdbx_struct_assembly_gen      
17 5 'Structure model' struct_asym                   
18 5 'Structure model' struct_conn                   
19 5 'Structure model' struct_site                   
20 5 'Structure model' struct_site_gen               
21 6 'Structure model' chem_comp                     
22 6 'Structure model' chem_comp_atom                
23 6 'Structure model' chem_comp_bond                
24 6 'Structure model' database_2                    
25 7 'Structure model' pdbx_initial_refinement_model 
# 
loop_
_pdbx_audit_revision_item.ordinal 
_pdbx_audit_revision_item.revision_ordinal 
_pdbx_audit_revision_item.data_content_type 
_pdbx_audit_revision_item.item 
1  4 'Structure model' '_diffrn_source.source'                  
2  4 'Structure model' '_pdbx_database_status.process_site'     
3  5 'Structure model' '_atom_site.B_iso_or_equiv'              
4  5 'Structure model' '_atom_site.Cartn_x'                     
5  5 'Structure model' '_atom_site.Cartn_y'                     
6  5 'Structure model' '_atom_site.Cartn_z'                     
7  5 'Structure model' '_atom_site.auth_asym_id'                
8  5 'Structure model' '_atom_site.auth_atom_id'                
9  5 'Structure model' '_atom_site.auth_comp_id'                
10 5 'Structure model' '_atom_site.auth_seq_id'                 
11 5 'Structure model' '_atom_site.label_asym_id'               
12 5 'Structure model' '_atom_site.label_atom_id'               
13 5 'Structure model' '_atom_site.label_comp_id'               
14 5 'Structure model' '_atom_site.label_entity_id'             
15 5 'Structure model' '_atom_site.type_symbol'                 
16 5 'Structure model' '_chem_comp.name'                        
17 5 'Structure model' '_chem_comp.type'                        
18 5 'Structure model' '_pdbx_struct_assembly_gen.asym_id_list' 
19 5 'Structure model' '_struct_conn.pdbx_leaving_atom_flag'    
20 5 'Structure model' '_struct_conn.ptnr1_auth_asym_id'        
21 5 'Structure model' '_struct_conn.ptnr1_auth_comp_id'        
22 5 'Structure model' '_struct_conn.ptnr1_auth_seq_id'         
23 5 'Structure model' '_struct_conn.ptnr1_label_atom_id'       
24 5 'Structure model' '_struct_conn.ptnr1_label_comp_id'       
25 5 'Structure model' '_struct_conn.ptnr2_auth_asym_id'        
26 5 'Structure model' '_struct_conn.ptnr2_auth_comp_id'        
27 5 'Structure model' '_struct_conn.ptnr2_auth_seq_id'         
28 5 'Structure model' '_struct_conn.ptnr2_label_asym_id'       
29 5 'Structure model' '_struct_conn.ptnr2_label_atom_id'       
30 5 'Structure model' '_struct_conn.ptnr2_label_comp_id'       
31 6 'Structure model' '_chem_comp.pdbx_synonyms'               
32 6 'Structure model' '_database_2.pdbx_DOI'                   
33 6 'Structure model' '_database_2.pdbx_database_accession'    
# 
_pdbx_database_status.status_code                     REL 
_pdbx_database_status.entry_id                        1JOT 
_pdbx_database_status.recvd_initial_deposition_date   1997-12-05 
_pdbx_database_status.deposit_site                    ? 
_pdbx_database_status.process_site                    BNL 
_pdbx_database_status.status_code_sf                  REL 
_pdbx_database_status.status_code_mr                  ? 
_pdbx_database_status.SG_entry                        ? 
_pdbx_database_status.pdb_format_compatible           Y 
_pdbx_database_status.status_code_cs                  ? 
_pdbx_database_status.methods_development_category    ? 
_pdbx_database_status.status_code_nmr_data            ? 
# 
loop_
_audit_author.name 
_audit_author.pdbx_ordinal 
'Lee, X.'          1 
'Thompson, A.'     2 
'Zhang, Z.'        3 
'Hoa, T.-T.'       4 
'Biesterfeldt, J.' 5 
'Ogata, C.'        6 
'Xu, L.'           7 
'Johnston, R.A.Z.' 8 
'Young, N.M.'      9 
# 
_citation.id                        primary 
_citation.title                     
'Structure of the complex of Maclura pomifera agglutinin and the T-antigen disaccharide, Galbeta1,3GalNAc.' 
_citation.journal_abbrev            J.Biol.Chem. 
_citation.journal_volume            273 
_citation.page_first                6312 
_citation.page_last                 6318 
_citation.year                      1998 
_citation.journal_id_ASTM           JBCHA3 
_citation.country                   US 
_citation.journal_id_ISSN           0021-9258 
_citation.journal_id_CSD            0071 
_citation.book_publisher            ? 
_citation.pdbx_database_id_PubMed   9497359 
_citation.pdbx_database_id_DOI      10.1074/jbc.273.11.6312 
# 
loop_
_citation_author.citation_id 
_citation_author.name 
_citation_author.ordinal 
_citation_author.identifier_ORCID 
primary 'Lee, X.'          1 ? 
primary 'Thompson, A.'     2 ? 
primary 'Zhang, Z.'        3 ? 
primary 'Ton-that, H.'     4 ? 
primary 'Biesterfeldt, J.' 5 ? 
primary 'Ogata, C.'        6 ? 
primary 'Xu, L.'           7 ? 
primary 'Johnston, R.A.'   8 ? 
primary 'Young, N.M.'      9 ? 
# 
loop_
_entity.id 
_entity.type 
_entity.src_method 
_entity.pdbx_description 
_entity.formula_weight 
_entity.pdbx_number_of_molecules 
_entity.pdbx_ec 
_entity.pdbx_mutation 
_entity.pdbx_fragment 
_entity.details 
1 polymer  nat AGGLUTININ                                                                 14768.595 1  ? ? ? ? 
2 polymer  nat AGGLUTININ                                                                 2144.373  1  ? ? ? ? 
3 branched man 'beta-D-galactopyranose-(1-3)-2-acetamido-2-deoxy-alpha-D-galactopyranose' 383.349   1  ? ? ? ? 
4 water    nat water                                                                      18.015    91 ? ? ? ? 
# 
_entity_name_com.entity_id   3 
_entity_name_com.name        'Thomsen-Friedenreich antigen' 
# 
loop_
_entity_poly.entity_id 
_entity_poly.type 
_entity_poly.nstd_linkage 
_entity_poly.nstd_monomer 
_entity_poly.pdbx_seq_one_letter_code 
_entity_poly.pdbx_seq_one_letter_code_can 
_entity_poly.pdbx_strand_id 
_entity_poly.pdbx_target_identifier 
1 'polypeptide(L)' no no 
;GVTFDDGAYTGIREINFEYNSETAIGGLRVTYDLNGMPFVAEDHKSFITGFKPVKISLEFPSEYIVEVSGYVGKVEGYTV
IRSLTFKTNKQTYGPYGVTNGTPFSLPIENGLIVGFKGSIGYWLDYFSIYLSL
;
;GVTFDDGAYTGIREINFEYNSETAIGGLRVTYDLNGMPFVAEDHKSFITGFKPVKISLEFPSEYIVEVSGYVGKVEGYTV
IRSLTFKTNKQTYGPYGVTNGTPFSLPIENGLIVGFKGSIGYWLDYFSIYLSL
;
A ? 
2 'polypeptide(L)' no no GRNGKSQSIIVGPWGDRVTN GRNGKSQSIIVGPWGDRVTN B ? 
# 
_pdbx_entity_nonpoly.entity_id   4 
_pdbx_entity_nonpoly.name        water 
_pdbx_entity_nonpoly.comp_id     HOH 
# 
loop_
_entity_poly_seq.entity_id 
_entity_poly_seq.num 
_entity_poly_seq.mon_id 
_entity_poly_seq.hetero 
1 1   GLY n 
1 2   VAL n 
1 3   THR n 
1 4   PHE n 
1 5   ASP n 
1 6   ASP n 
1 7   GLY n 
1 8   ALA n 
1 9   TYR n 
1 10  THR n 
1 11  GLY n 
1 12  ILE n 
1 13  ARG n 
1 14  GLU n 
1 15  ILE n 
1 16  ASN n 
1 17  PHE n 
1 18  GLU n 
1 19  TYR n 
1 20  ASN n 
1 21  SER n 
1 22  GLU n 
1 23  THR n 
1 24  ALA n 
1 25  ILE n 
1 26  GLY n 
1 27  GLY n 
1 28  LEU n 
1 29  ARG n 
1 30  VAL n 
1 31  THR n 
1 32  TYR n 
1 33  ASP n 
1 34  LEU n 
1 35  ASN n 
1 36  GLY n 
1 37  MET n 
1 38  PRO n 
1 39  PHE n 
1 40  VAL n 
1 41  ALA n 
1 42  GLU n 
1 43  ASP n 
1 44  HIS n 
1 45  LYS n 
1 46  SER n 
1 47  PHE n 
1 48  ILE n 
1 49  THR n 
1 50  GLY n 
1 51  PHE n 
1 52  LYS n 
1 53  PRO n 
1 54  VAL n 
1 55  LYS n 
1 56  ILE n 
1 57  SER n 
1 58  LEU n 
1 59  GLU n 
1 60  PHE n 
1 61  PRO n 
1 62  SER n 
1 63  GLU n 
1 64  TYR n 
1 65  ILE n 
1 66  VAL n 
1 67  GLU n 
1 68  VAL n 
1 69  SER n 
1 70  GLY n 
1 71  TYR n 
1 72  VAL n 
1 73  GLY n 
1 74  LYS n 
1 75  VAL n 
1 76  GLU n 
1 77  GLY n 
1 78  TYR n 
1 79  THR n 
1 80  VAL n 
1 81  ILE n 
1 82  ARG n 
1 83  SER n 
1 84  LEU n 
1 85  THR n 
1 86  PHE n 
1 87  LYS n 
1 88  THR n 
1 89  ASN n 
1 90  LYS n 
1 91  GLN n 
1 92  THR n 
1 93  TYR n 
1 94  GLY n 
1 95  PRO n 
1 96  TYR n 
1 97  GLY n 
1 98  VAL n 
1 99  THR n 
1 100 ASN n 
1 101 GLY n 
1 102 THR n 
1 103 PRO n 
1 104 PHE n 
1 105 SER n 
1 106 LEU n 
1 107 PRO n 
1 108 ILE n 
1 109 GLU n 
1 110 ASN n 
1 111 GLY n 
1 112 LEU n 
1 113 ILE n 
1 114 VAL n 
1 115 GLY n 
1 116 PHE n 
1 117 LYS n 
1 118 GLY n 
1 119 SER n 
1 120 ILE n 
1 121 GLY n 
1 122 TYR n 
1 123 TRP n 
1 124 LEU n 
1 125 ASP n 
1 126 TYR n 
1 127 PHE n 
1 128 SER n 
1 129 ILE n 
1 130 TYR n 
1 131 LEU n 
1 132 SER n 
1 133 LEU n 
2 1   GLY n 
2 2   ARG n 
2 3   ASN n 
2 4   GLY n 
2 5   LYS n 
2 6   SER n 
2 7   GLN n 
2 8   SER n 
2 9   ILE n 
2 10  ILE n 
2 11  VAL n 
2 12  GLY n 
2 13  PRO n 
2 14  TRP n 
2 15  GLY n 
2 16  ASP n 
2 17  ARG n 
2 18  VAL n 
2 19  THR n 
2 20  ASN n 
# 
loop_
_entity_src_nat.entity_id 
_entity_src_nat.pdbx_src_id 
_entity_src_nat.pdbx_alt_source_flag 
_entity_src_nat.pdbx_beg_seq_num 
_entity_src_nat.pdbx_end_seq_num 
_entity_src_nat.common_name 
_entity_src_nat.pdbx_organism_scientific 
_entity_src_nat.pdbx_ncbi_taxonomy_id 
_entity_src_nat.genus 
_entity_src_nat.species 
_entity_src_nat.strain 
_entity_src_nat.tissue 
_entity_src_nat.tissue_fraction 
_entity_src_nat.pdbx_secretion 
_entity_src_nat.pdbx_fragment 
_entity_src_nat.pdbx_variant 
_entity_src_nat.pdbx_cell_line 
_entity_src_nat.pdbx_atcc 
_entity_src_nat.pdbx_cellular_location 
_entity_src_nat.pdbx_organ 
_entity_src_nat.pdbx_organelle 
_entity_src_nat.pdbx_cell 
_entity_src_nat.pdbx_plasmid_name 
_entity_src_nat.pdbx_plasmid_details 
_entity_src_nat.details 
1 1 sample ? ? 'Osage orange' 'Maclura pomifera' 3496 Maclura ? ? ? ? ? ? ? ? ? ? SEEDS ? ? ? ? 
'FROM THE SEEDS OF THE MORACEAE PLANT FAMILY' 
2 1 sample ? ? 'Osage orange' 'Maclura pomifera' 3496 Maclura ? ? ? ? ? ? ? ? ? ? SEEDS ? ? ? ? 
'FROM THE SEEDS OF THE MORACEAE PLANT FAMILY' 
# 
_pdbx_entity_branch.entity_id   3 
_pdbx_entity_branch.type        oligosaccharide 
# 
loop_
_pdbx_entity_branch_descriptor.ordinal 
_pdbx_entity_branch_descriptor.entity_id 
_pdbx_entity_branch_descriptor.descriptor 
_pdbx_entity_branch_descriptor.type 
_pdbx_entity_branch_descriptor.program 
_pdbx_entity_branch_descriptor.program_version 
1 3 DGalpb1-3DGalpNAca1-ROH                                              'Glycam Condensed Sequence' GMML       1.0   
2 3 'WURCS=2.0/2,2,1/[a2112h-1a_1-5_2*NCC/3=O][a2112h-1b_1-5]/1-2/a3-b1' WURCS                       PDB2Glycan 1.1.0 
3 3 '[][a-D-GalpNAc]{[(3+1)][b-D-Galp]{}}'                               LINUCS                      PDB-CARE   ?     
# 
_pdbx_entity_branch_link.link_id                    1 
_pdbx_entity_branch_link.entity_id                  3 
_pdbx_entity_branch_link.entity_branch_list_num_1   2 
_pdbx_entity_branch_link.comp_id_1                  GAL 
_pdbx_entity_branch_link.atom_id_1                  C1 
_pdbx_entity_branch_link.leaving_atom_id_1          O1 
_pdbx_entity_branch_link.entity_branch_list_num_2   1 
_pdbx_entity_branch_link.comp_id_2                  A2G 
_pdbx_entity_branch_link.atom_id_2                  O3 
_pdbx_entity_branch_link.leaving_atom_id_2          HO3 
_pdbx_entity_branch_link.value_order                sing 
_pdbx_entity_branch_link.details                    ? 
# 
loop_
_chem_comp.id 
_chem_comp.type 
_chem_comp.mon_nstd_flag 
_chem_comp.name 
_chem_comp.pdbx_synonyms 
_chem_comp.formula 
_chem_comp.formula_weight 
A2G 'D-saccharide, alpha linking' . 2-acetamido-2-deoxy-alpha-D-galactopyranose 
;N-acetyl-alpha-D-galactosamine; 2-acetamido-2-deoxy-alpha-D-galactose; 2-acetamido-2-deoxy-D-galactose; 2-acetamido-2-deoxy-galactose; N-ACETYL-2-DEOXY-2-AMINO-GALACTOSE
;
'C8 H15 N O6'    221.208 
ALA 'L-peptide linking'           y ALANINE                                     ? 'C3 H7 N O2'     89.093  
ARG 'L-peptide linking'           y ARGININE                                    ? 'C6 H15 N4 O2 1' 175.209 
ASN 'L-peptide linking'           y ASPARAGINE                                  ? 'C4 H8 N2 O3'    132.118 
ASP 'L-peptide linking'           y 'ASPARTIC ACID'                             ? 'C4 H7 N O4'     133.103 
GAL 'D-saccharide, beta linking'  . beta-D-galactopyranose                      'beta-D-galactose; D-galactose; galactose' 
'C6 H12 O6'      180.156 
GLN 'L-peptide linking'           y GLUTAMINE                                   ? 'C5 H10 N2 O3'   146.144 
GLU 'L-peptide linking'           y 'GLUTAMIC ACID'                             ? 'C5 H9 N O4'     147.129 
GLY 'peptide linking'             y GLYCINE                                     ? 'C2 H5 N O2'     75.067  
HIS 'L-peptide linking'           y HISTIDINE                                   ? 'C6 H10 N3 O2 1' 156.162 
HOH non-polymer                   . WATER                                       ? 'H2 O'           18.015  
ILE 'L-peptide linking'           y ISOLEUCINE                                  ? 'C6 H13 N O2'    131.173 
LEU 'L-peptide linking'           y LEUCINE                                     ? 'C6 H13 N O2'    131.173 
LYS 'L-peptide linking'           y LYSINE                                      ? 'C6 H15 N2 O2 1' 147.195 
MET 'L-peptide linking'           y METHIONINE                                  ? 'C5 H11 N O2 S'  149.211 
PHE 'L-peptide linking'           y PHENYLALANINE                               ? 'C9 H11 N O2'    165.189 
PRO 'L-peptide linking'           y PROLINE                                     ? 'C5 H9 N O2'     115.130 
SER 'L-peptide linking'           y SERINE                                      ? 'C3 H7 N O3'     105.093 
THR 'L-peptide linking'           y THREONINE                                   ? 'C4 H9 N O3'     119.119 
TRP 'L-peptide linking'           y TRYPTOPHAN                                  ? 'C11 H12 N2 O2'  204.225 
TYR 'L-peptide linking'           y TYROSINE                                    ? 'C9 H11 N O3'    181.189 
VAL 'L-peptide linking'           y VALINE                                      ? 'C5 H11 N O2'    117.146 
# 
loop_
_pdbx_chem_comp_identifier.comp_id 
_pdbx_chem_comp_identifier.type 
_pdbx_chem_comp_identifier.program 
_pdbx_chem_comp_identifier.program_version 
_pdbx_chem_comp_identifier.identifier 
A2G 'CONDENSED IUPAC CARBOHYDRATE SYMBOL' GMML     1.0 DGalpNAca                        
A2G 'COMMON NAME'                         GMML     1.0 N-acetyl-a-D-galactopyranosamine 
A2G 'IUPAC CARBOHYDRATE SYMBOL'           PDB-CARE 1.0 a-D-GalpNAc                      
A2G 'SNFG CARBOHYDRATE SYMBOL'            GMML     1.0 GalNAc                           
GAL 'CONDENSED IUPAC CARBOHYDRATE SYMBOL' GMML     1.0 DGalpb                           
GAL 'COMMON NAME'                         GMML     1.0 b-D-galactopyranose              
GAL 'IUPAC CARBOHYDRATE SYMBOL'           PDB-CARE 1.0 b-D-Galp                         
GAL 'SNFG CARBOHYDRATE SYMBOL'            GMML     1.0 Gal                              
# 
loop_
_pdbx_poly_seq_scheme.asym_id 
_pdbx_poly_seq_scheme.entity_id 
_pdbx_poly_seq_scheme.seq_id 
_pdbx_poly_seq_scheme.mon_id 
_pdbx_poly_seq_scheme.ndb_seq_num 
_pdbx_poly_seq_scheme.pdb_seq_num 
_pdbx_poly_seq_scheme.auth_seq_num 
_pdbx_poly_seq_scheme.pdb_mon_id 
_pdbx_poly_seq_scheme.auth_mon_id 
_pdbx_poly_seq_scheme.pdb_strand_id 
_pdbx_poly_seq_scheme.pdb_ins_code 
_pdbx_poly_seq_scheme.hetero 
A 1 1   GLY 1   1   1   GLY GLY A . n 
A 1 2   VAL 2   2   2   VAL VAL A . n 
A 1 3   THR 3   3   3   THR THR A . n 
A 1 4   PHE 4   4   4   PHE PHE A . n 
A 1 5   ASP 5   5   5   ASP ASP A . n 
A 1 6   ASP 6   6   6   ASP ASP A . n 
A 1 7   GLY 7   7   7   GLY GLY A . n 
A 1 8   ALA 8   8   8   ALA ALA A . n 
A 1 9   TYR 9   9   9   TYR TYR A . n 
A 1 10  THR 10  10  10  THR THR A . n 
A 1 11  GLY 11  11  11  GLY GLY A . n 
A 1 12  ILE 12  12  12  ILE ILE A . n 
A 1 13  ARG 13  13  13  ARG ARG A . n 
A 1 14  GLU 14  14  14  GLU GLU A . n 
A 1 15  ILE 15  15  15  ILE ILE A . n 
A 1 16  ASN 16  16  16  ASN ASN A . n 
A 1 17  PHE 17  17  17  PHE PHE A . n 
A 1 18  GLU 18  18  18  GLU GLU A . n 
A 1 19  TYR 19  19  19  TYR TYR A . n 
A 1 20  ASN 20  20  20  ASN ASN A . n 
A 1 21  SER 21  21  21  SER SER A . n 
A 1 22  GLU 22  22  22  GLU GLU A . n 
A 1 23  THR 23  23  23  THR THR A . n 
A 1 24  ALA 24  24  24  ALA ALA A . n 
A 1 25  ILE 25  25  25  ILE ILE A . n 
A 1 26  GLY 26  26  26  GLY GLY A . n 
A 1 27  GLY 27  27  27  GLY GLY A . n 
A 1 28  LEU 28  28  28  LEU LEU A . n 
A 1 29  ARG 29  29  29  ARG ARG A . n 
A 1 30  VAL 30  30  30  VAL VAL A . n 
A 1 31  THR 31  31  31  THR THR A . n 
A 1 32  TYR 32  32  32  TYR TYR A . n 
A 1 33  ASP 33  33  33  ASP ASP A . n 
A 1 34  LEU 34  34  34  LEU LEU A . n 
A 1 35  ASN 35  35  35  ASN ASN A . n 
A 1 36  GLY 36  36  36  GLY GLY A . n 
A 1 37  MET 37  37  37  MET MET A . n 
A 1 38  PRO 38  38  38  PRO PRO A . n 
A 1 39  PHE 39  39  39  PHE PHE A . n 
A 1 40  VAL 40  40  40  VAL VAL A . n 
A 1 41  ALA 41  41  41  ALA ALA A . n 
A 1 42  GLU 42  42  42  GLU GLU A . n 
A 1 43  ASP 43  43  43  ASP ASP A . n 
A 1 44  HIS 44  44  44  HIS HIS A . n 
A 1 45  LYS 45  45  45  LYS LYS A . n 
A 1 46  SER 46  46  46  SER SER A . n 
A 1 47  PHE 47  47  47  PHE PHE A . n 
A 1 48  ILE 48  48  48  ILE ILE A . n 
A 1 49  THR 49  49  49  THR THR A . n 
A 1 50  GLY 50  50  50  GLY GLY A . n 
A 1 51  PHE 51  51  51  PHE PHE A . n 
A 1 52  LYS 52  52  52  LYS LYS A . n 
A 1 53  PRO 53  53  53  PRO PRO A . n 
A 1 54  VAL 54  54  54  VAL VAL A . n 
A 1 55  LYS 55  55  55  LYS LYS A . n 
A 1 56  ILE 56  56  56  ILE ILE A . n 
A 1 57  SER 57  57  57  SER SER A . n 
A 1 58  LEU 58  58  58  LEU LEU A . n 
A 1 59  GLU 59  59  59  GLU GLU A . n 
A 1 60  PHE 60  60  60  PHE PHE A . n 
A 1 61  PRO 61  61  61  PRO PRO A . n 
A 1 62  SER 62  62  62  SER SER A . n 
A 1 63  GLU 63  63  63  GLU GLU A . n 
A 1 64  TYR 64  64  64  TYR TYR A . n 
A 1 65  ILE 65  65  65  ILE ILE A . n 
A 1 66  VAL 66  66  66  VAL VAL A . n 
A 1 67  GLU 67  67  67  GLU GLU A . n 
A 1 68  VAL 68  68  68  VAL VAL A . n 
A 1 69  SER 69  69  69  SER SER A . n 
A 1 70  GLY 70  70  70  GLY GLY A . n 
A 1 71  TYR 71  71  71  TYR TYR A . n 
A 1 72  VAL 72  72  72  VAL VAL A . n 
A 1 73  GLY 73  73  73  GLY GLY A . n 
A 1 74  LYS 74  74  74  LYS LYS A . n 
A 1 75  VAL 75  75  75  VAL VAL A . n 
A 1 76  GLU 76  76  76  GLU GLU A . n 
A 1 77  GLY 77  77  77  GLY GLY A . n 
A 1 78  TYR 78  78  78  TYR TYR A . n 
A 1 79  THR 79  79  79  THR THR A . n 
A 1 80  VAL 80  80  80  VAL VAL A . n 
A 1 81  ILE 81  81  81  ILE ILE A . n 
A 1 82  ARG 82  82  82  ARG ARG A . n 
A 1 83  SER 83  83  83  SER SER A . n 
A 1 84  LEU 84  84  84  LEU LEU A . n 
A 1 85  THR 85  85  85  THR THR A . n 
A 1 86  PHE 86  86  86  PHE PHE A . n 
A 1 87  LYS 87  87  87  LYS LYS A . n 
A 1 88  THR 88  88  88  THR THR A . n 
A 1 89  ASN 89  89  89  ASN ASN A . n 
A 1 90  LYS 90  90  90  LYS LYS A . n 
A 1 91  GLN 91  91  91  GLN GLN A . n 
A 1 92  THR 92  92  92  THR THR A . n 
A 1 93  TYR 93  93  93  TYR TYR A . n 
A 1 94  GLY 94  94  94  GLY GLY A . n 
A 1 95  PRO 95  95  95  PRO PRO A . n 
A 1 96  TYR 96  96  96  TYR TYR A . n 
A 1 97  GLY 97  97  97  GLY GLY A . n 
A 1 98  VAL 98  98  98  VAL VAL A . n 
A 1 99  THR 99  99  99  THR THR A . n 
A 1 100 ASN 100 100 100 ASN ASN A . n 
A 1 101 GLY 101 101 101 GLY GLY A . n 
A 1 102 THR 102 102 102 THR THR A . n 
A 1 103 PRO 103 103 103 PRO PRO A . n 
A 1 104 PHE 104 104 104 PHE PHE A . n 
A 1 105 SER 105 105 105 SER SER A . n 
A 1 106 LEU 106 106 106 LEU LEU A . n 
A 1 107 PRO 107 107 107 PRO PRO A . n 
A 1 108 ILE 108 108 108 ILE ILE A . n 
A 1 109 GLU 109 109 109 GLU GLU A . n 
A 1 110 ASN 110 110 110 ASN ASN A . n 
A 1 111 GLY 111 111 111 GLY GLY A . n 
A 1 112 LEU 112 112 112 LEU LEU A . n 
A 1 113 ILE 113 113 113 ILE ILE A . n 
A 1 114 VAL 114 114 114 VAL VAL A . n 
A 1 115 GLY 115 115 115 GLY GLY A . n 
A 1 116 PHE 116 116 116 PHE PHE A . n 
A 1 117 LYS 117 117 117 LYS LYS A . n 
A 1 118 GLY 118 118 118 GLY GLY A . n 
A 1 119 SER 119 119 119 SER SER A . n 
A 1 120 ILE 120 120 120 ILE ILE A . n 
A 1 121 GLY 121 121 121 GLY GLY A . n 
A 1 122 TYR 122 122 122 TYR TYR A . n 
A 1 123 TRP 123 123 123 TRP TRP A . n 
A 1 124 LEU 124 124 124 LEU LEU A . n 
A 1 125 ASP 125 125 125 ASP ASP A . n 
A 1 126 TYR 126 126 126 TYR TYR A . n 
A 1 127 PHE 127 127 127 PHE PHE A . n 
A 1 128 SER 128 128 128 SER SER A . n 
A 1 129 ILE 129 129 129 ILE ILE A . n 
A 1 130 TYR 130 130 130 TYR TYR A . n 
A 1 131 LEU 131 131 131 LEU LEU A . n 
A 1 132 SER 132 132 132 SER SER A . n 
A 1 133 LEU 133 133 133 LEU LEU A . n 
B 2 1   GLY 1   2   ?   ?   ?   B . n 
B 2 2   ARG 2   3   3   ARG ARG B . n 
B 2 3   ASN 3   4   4   ASN ASN B . n 
B 2 4   GLY 4   5   5   GLY GLY B . n 
B 2 5   LYS 5   6   6   LYS LYS B . n 
B 2 6   SER 6   7   7   SER SER B . n 
B 2 7   GLN 7   8   8   GLN GLN B . n 
B 2 8   SER 8   9   9   SER SER B . n 
B 2 9   ILE 9   10  10  ILE ILE B . n 
B 2 10  ILE 10  11  11  ILE ILE B . n 
B 2 11  VAL 11  12  12  VAL VAL B . n 
B 2 12  GLY 12  13  13  GLY GLY B . n 
B 2 13  PRO 13  14  14  PRO PRO B . n 
B 2 14  TRP 14  15  15  TRP TRP B . n 
B 2 15  GLY 15  16  16  GLY GLY B . n 
B 2 16  ASP 16  17  17  ASP ASP B . n 
B 2 17  ARG 17  18  18  ARG ARG B . n 
B 2 18  VAL 18  19  ?   ?   ?   B . n 
B 2 19  THR 19  20  ?   ?   ?   B . n 
B 2 20  ASN 20  21  ?   ?   ?   B . n 
# 
loop_
_pdbx_branch_scheme.asym_id 
_pdbx_branch_scheme.entity_id 
_pdbx_branch_scheme.mon_id 
_pdbx_branch_scheme.num 
_pdbx_branch_scheme.pdb_asym_id 
_pdbx_branch_scheme.pdb_mon_id 
_pdbx_branch_scheme.pdb_seq_num 
_pdbx_branch_scheme.auth_asym_id 
_pdbx_branch_scheme.auth_mon_id 
_pdbx_branch_scheme.auth_seq_num 
_pdbx_branch_scheme.hetero 
C 3 A2G 1 C A2G 1 ? NGA 135 n 
C 3 GAL 2 C GAL 2 ? GAL 134 n 
# 
loop_
_pdbx_nonpoly_scheme.asym_id 
_pdbx_nonpoly_scheme.entity_id 
_pdbx_nonpoly_scheme.mon_id 
_pdbx_nonpoly_scheme.ndb_seq_num 
_pdbx_nonpoly_scheme.pdb_seq_num 
_pdbx_nonpoly_scheme.auth_seq_num 
_pdbx_nonpoly_scheme.pdb_mon_id 
_pdbx_nonpoly_scheme.auth_mon_id 
_pdbx_nonpoly_scheme.pdb_strand_id 
_pdbx_nonpoly_scheme.pdb_ins_code 
D 4 HOH 1  136 1  HOH HOH A . 
D 4 HOH 2  137 2  HOH HOH A . 
D 4 HOH 3  138 3  HOH HOH A . 
D 4 HOH 4  139 4  HOH HOH A . 
D 4 HOH 5  140 5  HOH HOH A . 
D 4 HOH 6  141 6  HOH HOH A . 
D 4 HOH 7  142 7  HOH HOH A . 
D 4 HOH 8  143 8  HOH HOH A . 
D 4 HOH 9  144 9  HOH HOH A . 
D 4 HOH 10 145 10 HOH HOH A . 
D 4 HOH 11 146 11 HOH HOH A . 
D 4 HOH 12 147 12 HOH HOH A . 
D 4 HOH 13 148 13 HOH HOH A . 
D 4 HOH 14 149 14 HOH HOH A . 
D 4 HOH 15 150 15 HOH HOH A . 
D 4 HOH 16 151 16 HOH HOH A . 
D 4 HOH 17 152 17 HOH HOH A . 
D 4 HOH 18 153 18 HOH HOH A . 
D 4 HOH 19 154 20 HOH HOH A . 
D 4 HOH 20 155 21 HOH HOH A . 
D 4 HOH 21 156 22 HOH HOH A . 
D 4 HOH 22 157 23 HOH HOH A . 
D 4 HOH 23 158 25 HOH HOH A . 
D 4 HOH 24 159 26 HOH HOH A . 
D 4 HOH 25 160 27 HOH HOH A . 
D 4 HOH 26 161 28 HOH HOH A . 
D 4 HOH 27 162 29 HOH HOH A . 
D 4 HOH 28 163 30 HOH HOH A . 
D 4 HOH 29 164 31 HOH HOH A . 
D 4 HOH 30 165 32 HOH HOH A . 
D 4 HOH 31 166 33 HOH HOH A . 
D 4 HOH 32 167 34 HOH HOH A . 
D 4 HOH 33 168 35 HOH HOH A . 
D 4 HOH 34 169 36 HOH HOH A . 
D 4 HOH 35 170 39 HOH HOH A . 
D 4 HOH 36 171 40 HOH HOH A . 
D 4 HOH 37 172 41 HOH HOH A . 
D 4 HOH 38 173 42 HOH HOH A . 
D 4 HOH 39 174 43 HOH HOH A . 
D 4 HOH 40 175 45 HOH HOH A . 
D 4 HOH 41 176 46 HOH HOH A . 
D 4 HOH 42 177 47 HOH HOH A . 
D 4 HOH 43 178 48 HOH HOH A . 
D 4 HOH 44 179 49 HOH HOH A . 
D 4 HOH 45 180 50 HOH HOH A . 
D 4 HOH 46 181 51 HOH HOH A . 
D 4 HOH 47 182 52 HOH HOH A . 
D 4 HOH 48 183 53 HOH HOH A . 
D 4 HOH 49 184 54 HOH HOH A . 
D 4 HOH 50 185 55 HOH HOH A . 
D 4 HOH 51 186 56 HOH HOH A . 
D 4 HOH 52 187 57 HOH HOH A . 
D 4 HOH 53 188 58 HOH HOH A . 
D 4 HOH 54 189 59 HOH HOH A . 
D 4 HOH 55 190 60 HOH HOH A . 
D 4 HOH 56 191 61 HOH HOH A . 
D 4 HOH 57 192 62 HOH HOH A . 
D 4 HOH 58 193 63 HOH HOH A . 
D 4 HOH 59 194 64 HOH HOH A . 
D 4 HOH 60 195 65 HOH HOH A . 
D 4 HOH 61 196 66 HOH HOH A . 
D 4 HOH 62 197 67 HOH HOH A . 
D 4 HOH 63 198 68 HOH HOH A . 
D 4 HOH 64 199 69 HOH HOH A . 
D 4 HOH 65 200 71 HOH HOH A . 
D 4 HOH 66 201 72 HOH HOH A . 
D 4 HOH 67 202 73 HOH HOH A . 
D 4 HOH 68 203 74 HOH HOH A . 
D 4 HOH 69 204 75 HOH HOH A . 
D 4 HOH 70 205 76 HOH HOH A . 
D 4 HOH 71 206 77 HOH HOH A . 
D 4 HOH 72 207 79 HOH HOH A . 
D 4 HOH 73 208 80 HOH HOH A . 
D 4 HOH 74 209 81 HOH HOH A . 
D 4 HOH 75 210 82 HOH HOH A . 
D 4 HOH 76 211 83 HOH HOH A . 
D 4 HOH 77 212 85 HOH HOH A . 
D 4 HOH 78 213 86 HOH HOH A . 
D 4 HOH 79 214 87 HOH HOH A . 
D 4 HOH 80 215 88 HOH HOH A . 
D 4 HOH 81 216 89 HOH HOH A . 
D 4 HOH 82 217 90 HOH HOH A . 
D 4 HOH 83 218 91 HOH HOH A . 
E 4 HOH 1  22  19 HOH HOH B . 
E 4 HOH 2  23  24 HOH HOH B . 
E 4 HOH 3  24  37 HOH HOH B . 
E 4 HOH 4  25  38 HOH HOH B . 
E 4 HOH 5  26  44 HOH HOH B . 
E 4 HOH 6  27  70 HOH HOH B . 
E 4 HOH 7  28  78 HOH HOH B . 
E 4 HOH 8  29  84 HOH HOH B . 
# 
loop_
_pdbx_unobs_or_zero_occ_atoms.id 
_pdbx_unobs_or_zero_occ_atoms.PDB_model_num 
_pdbx_unobs_or_zero_occ_atoms.polymer_flag 
_pdbx_unobs_or_zero_occ_atoms.occupancy_flag 
_pdbx_unobs_or_zero_occ_atoms.auth_asym_id 
_pdbx_unobs_or_zero_occ_atoms.auth_comp_id 
_pdbx_unobs_or_zero_occ_atoms.auth_seq_id 
_pdbx_unobs_or_zero_occ_atoms.PDB_ins_code 
_pdbx_unobs_or_zero_occ_atoms.auth_atom_id 
_pdbx_unobs_or_zero_occ_atoms.label_alt_id 
_pdbx_unobs_or_zero_occ_atoms.label_asym_id 
_pdbx_unobs_or_zero_occ_atoms.label_comp_id 
_pdbx_unobs_or_zero_occ_atoms.label_seq_id 
_pdbx_unobs_or_zero_occ_atoms.label_atom_id 
1 1 Y 1 B ARG 3 ? CG  ? B ARG 2 CG  
2 1 Y 1 B ARG 3 ? CD  ? B ARG 2 CD  
3 1 Y 1 B ARG 3 ? NE  ? B ARG 2 NE  
4 1 Y 1 B ARG 3 ? CZ  ? B ARG 2 CZ  
5 1 Y 1 B ARG 3 ? NH1 ? B ARG 2 NH1 
6 1 Y 1 B ARG 3 ? NH2 ? B ARG 2 NH2 
# 
loop_
_software.name 
_software.classification 
_software.version 
_software.citation_id 
_software.pdbx_ordinal 
X-PLOR   'model building' 3.85                     ? 1 
X-PLOR   refinement       3.85                     ? 2 
SOFTWARE 'data reduction' 'CAME WITH THE DETECTOR' ? 3 
HAMLIN   'data scaling'   .                        ? 4 
X-PLOR   phasing          3.85                     ? 5 
# 
_cell.entry_id           1JOT 
_cell.length_a           67.600 
_cell.length_b           67.600 
_cell.length_c           149.260 
_cell.angle_alpha        90.00 
_cell.angle_beta         90.00 
_cell.angle_gamma        120.00 
_cell.Z_PDB              12 
_cell.pdbx_unique_axis   ? 
# 
_symmetry.entry_id                         1JOT 
_symmetry.space_group_name_H-M             'P 64 2 2' 
_symmetry.pdbx_full_space_group_name_H-M   ? 
_symmetry.cell_setting                     ? 
_symmetry.Int_Tables_number                181 
# 
_exptl.entry_id          1JOT 
_exptl.method            'X-RAY DIFFRACTION' 
_exptl.crystals_number   1 
# 
_exptl_crystal.id                    1 
_exptl_crystal.density_meas          ? 
_exptl_crystal.density_Matthews      2.83 
_exptl_crystal.density_percent_sol   56 
_exptl_crystal.description           ? 
# 
_exptl_crystal_grow.crystal_id      1 
_exptl_crystal_grow.method          'VAPOR DIFFUSION, SITTING DROP' 
_exptl_crystal_grow.temp            ? 
_exptl_crystal_grow.temp_details    ? 
_exptl_crystal_grow.pH              4.5 
_exptl_crystal_grow.pdbx_pH_range   ? 
_exptl_crystal_grow.pdbx_details    
;CONVENTIONAL VAPOR DIFFUSION OF SITTING DROP. 1.0M OF LITHIUM SULFATE BUFFERED WITH 0.2 SODIUM CITRATE AT PH4.5 IN RESERVOIR DROPS MADE OF 15 MICROLITERS OF PROTEIN SOLUTION (10.0 MG/ML) AND EQUAL VOLUMN OF RESERVOIR SOLUTION. ROOM TEMPERATURE., vapor diffusion - sitting drop
;
# 
_diffrn.id                     1 
_diffrn.ambient_temp           300 
_diffrn.ambient_temp_details   ? 
_diffrn.crystal_id             1 
# 
_diffrn_detector.diffrn_id              1 
_diffrn_detector.detector               'AREA DETECTOR' 
_diffrn_detector.type                   'XUONG-HAMLIN MULTIWIRE' 
_diffrn_detector.pdbx_collection_date   1991-07 
_diffrn_detector.details                ? 
# 
_diffrn_radiation.diffrn_id                        1 
_diffrn_radiation.wavelength_id                    1 
_diffrn_radiation.pdbx_monochromatic_or_laue_m_l   M 
_diffrn_radiation.monochromator                    YES 
_diffrn_radiation.pdbx_diffrn_protocol             ? 
_diffrn_radiation.pdbx_scattering_type             x-ray 
# 
_diffrn_radiation_wavelength.id           1 
_diffrn_radiation_wavelength.wavelength   1.5434 
_diffrn_radiation_wavelength.wt           1.0 
# 
_diffrn_source.diffrn_id                   1 
_diffrn_source.source                      'ROTATING ANODE' 
_diffrn_source.type                        RIGAKU 
_diffrn_source.pdbx_synchrotron_site       ? 
_diffrn_source.pdbx_synchrotron_beamline   ? 
_diffrn_source.pdbx_wavelength             1.5434 
_diffrn_source.pdbx_wavelength_list        ? 
# 
_reflns.entry_id                     1JOT 
_reflns.observed_criterion_sigma_I   2 
_reflns.observed_criterion_sigma_F   ? 
_reflns.d_resolution_low             30.0 
_reflns.d_resolution_high            2.20 
_reflns.number_obs                   10135 
_reflns.number_all                   ? 
_reflns.percent_possible_obs         93.9999 
_reflns.pdbx_Rmerge_I_obs            0.036 
_reflns.pdbx_Rsym_value              ? 
_reflns.pdbx_netI_over_sigmaI        7.84 
_reflns.B_iso_Wilson_estimate        ? 
_reflns.pdbx_redundancy              9.6 
_reflns.pdbx_ordinal                 1 
_reflns.pdbx_diffrn_id               1 
# 
_reflns_shell.d_res_high             2.20 
_reflns_shell.d_res_low              3.99 
_reflns_shell.percent_possible_all   ? 
_reflns_shell.Rmerge_I_obs           ? 
_reflns_shell.pdbx_Rsym_value        ? 
_reflns_shell.meanI_over_sigI_obs    ? 
_reflns_shell.pdbx_redundancy        ? 
_reflns_shell.pdbx_ordinal           1 
_reflns_shell.pdbx_diffrn_id         1 
# 
_refine.entry_id                                 1JOT 
_refine.ls_number_reflns_obs                     9636 
_refine.ls_number_reflns_all                     ? 
_refine.pdbx_ls_sigma_I                          ? 
_refine.pdbx_ls_sigma_F                          2 
_refine.pdbx_data_cutoff_high_absF               ? 
_refine.pdbx_data_cutoff_low_absF                ? 
_refine.pdbx_data_cutoff_high_rms_absF           ? 
_refine.ls_d_res_low                             6.0 
_refine.ls_d_res_high                            2.20 
_refine.ls_percent_reflns_obs                    93.9 
_refine.ls_R_factor_obs                          0.172 
_refine.ls_R_factor_all                          ? 
_refine.ls_R_factor_R_work                       0.172 
_refine.ls_R_factor_R_free                       0.222 
_refine.ls_R_factor_R_free_error                 ? 
_refine.ls_R_factor_R_free_error_details         ? 
_refine.ls_percent_reflns_R_free                 7.5 
_refine.ls_number_reflns_R_free                  516 
_refine.ls_number_parameters                     ? 
_refine.ls_number_restraints                     ? 
_refine.occupancy_min                            ? 
_refine.occupancy_max                            ? 
_refine.B_iso_mean                               ? 
_refine.aniso_B[1][1]                            ? 
_refine.aniso_B[2][2]                            ? 
_refine.aniso_B[3][3]                            ? 
_refine.aniso_B[1][2]                            ? 
_refine.aniso_B[1][3]                            ? 
_refine.aniso_B[2][3]                            ? 
_refine.solvent_model_details                    ? 
_refine.solvent_model_param_ksol                 ? 
_refine.solvent_model_param_bsol                 ? 
_refine.pdbx_ls_cross_valid_method               ? 
_refine.details                                  ? 
_refine.pdbx_starting_model                      'STRUCTURE OBTAINED FROM MAD' 
_refine.pdbx_method_to_determine_struct          'MOLECULAR REPLACEMENT' 
_refine.pdbx_isotropic_thermal_model             ? 
_refine.pdbx_stereochemistry_target_values       ? 
_refine.pdbx_stereochem_target_val_spec_case     ? 
_refine.pdbx_R_Free_selection_details            YES 
_refine.pdbx_overall_ESU_R                       ? 
_refine.pdbx_overall_ESU_R_Free                  ? 
_refine.overall_SU_ML                            ? 
_refine.overall_SU_B                             ? 
_refine.pdbx_refine_id                           'X-RAY DIFFRACTION' 
_refine.pdbx_diffrn_id                           1 
_refine.pdbx_TLS_residual_ADP_flag               ? 
_refine.correlation_coeff_Fo_to_Fc               ? 
_refine.correlation_coeff_Fo_to_Fc_free          ? 
_refine.pdbx_solvent_vdw_probe_radii             ? 
_refine.pdbx_solvent_ion_probe_radii             ? 
_refine.pdbx_solvent_shrinkage_radii             ? 
_refine.pdbx_overall_phase_error                 ? 
_refine.overall_SU_R_Cruickshank_DPI             ? 
_refine.pdbx_overall_SU_R_free_Cruickshank_DPI   ? 
_refine.pdbx_overall_SU_R_Blow_DPI               ? 
_refine.pdbx_overall_SU_R_free_Blow_DPI          ? 
# 
_refine_hist.pdbx_refine_id                   'X-RAY DIFFRACTION' 
_refine_hist.cycle_id                         LAST 
_refine_hist.pdbx_number_atoms_protein        1166 
_refine_hist.pdbx_number_atoms_nucleic_acid   0 
_refine_hist.pdbx_number_atoms_ligand         26 
_refine_hist.number_atoms_solvent             91 
_refine_hist.number_atoms_total               1283 
_refine_hist.d_res_high                       2.20 
_refine_hist.d_res_low                        6.0 
# 
loop_
_refine_ls_restr.type 
_refine_ls_restr.dev_ideal 
_refine_ls_restr.dev_ideal_target 
_refine_ls_restr.weight 
_refine_ls_restr.number 
_refine_ls_restr.pdbx_refine_id 
_refine_ls_restr.pdbx_restraint_function 
x_bond_d                0.006 ? ? ? 'X-RAY DIFFRACTION' ? 
x_bond_d_na             ?     ? ? ? 'X-RAY DIFFRACTION' ? 
x_bond_d_prot           ?     ? ? ? 'X-RAY DIFFRACTION' ? 
x_angle_d               ?     ? ? ? 'X-RAY DIFFRACTION' ? 
x_angle_d_na            ?     ? ? ? 'X-RAY DIFFRACTION' ? 
x_angle_d_prot          ?     ? ? ? 'X-RAY DIFFRACTION' ? 
x_angle_deg             1.302 ? ? ? 'X-RAY DIFFRACTION' ? 
x_angle_deg_na          ?     ? ? ? 'X-RAY DIFFRACTION' ? 
x_angle_deg_prot        ?     ? ? ? 'X-RAY DIFFRACTION' ? 
x_dihedral_angle_d      29.34 ? ? ? 'X-RAY DIFFRACTION' ? 
x_dihedral_angle_d_na   ?     ? ? ? 'X-RAY DIFFRACTION' ? 
x_dihedral_angle_d_prot ?     ? ? ? 'X-RAY DIFFRACTION' ? 
x_improper_angle_d      0.656 ? ? ? 'X-RAY DIFFRACTION' ? 
x_improper_angle_d_na   ?     ? ? ? 'X-RAY DIFFRACTION' ? 
x_improper_angle_d_prot ?     ? ? ? 'X-RAY DIFFRACTION' ? 
x_mcbond_it             ?     ? ? ? 'X-RAY DIFFRACTION' ? 
x_mcangle_it            ?     ? ? ? 'X-RAY DIFFRACTION' ? 
x_scbond_it             ?     ? ? ? 'X-RAY DIFFRACTION' ? 
x_scangle_it            ?     ? ? ? 'X-RAY DIFFRACTION' ? 
# 
_refine_ls_shell.pdbx_total_number_of_bins_used   6 
_refine_ls_shell.d_res_high                       2.2 
_refine_ls_shell.d_res_low                        2.3 
_refine_ls_shell.number_reflns_R_work             1006 
_refine_ls_shell.R_factor_R_work                  0.236 
_refine_ls_shell.percent_reflns_obs               ? 
_refine_ls_shell.R_factor_R_free                  0.291 
_refine_ls_shell.R_factor_R_free_error            ? 
_refine_ls_shell.percent_reflns_R_free            ? 
_refine_ls_shell.number_reflns_R_free             45 
_refine_ls_shell.pdbx_refine_id                   'X-RAY DIFFRACTION' 
_refine_ls_shell.number_reflns_all                ? 
_refine_ls_shell.R_factor_all                     ? 
# 
_struct.entry_id                  1JOT 
_struct.title                     'STRUCTURE OF THE LECTIN MPA COMPLEXED WITH T-ANTIGEN DISACCHARIDE' 
_struct.pdbx_model_details        ? 
_struct.pdbx_CASP_flag            ? 
_struct.pdbx_model_type_details   ? 
# 
_struct_keywords.entry_id        1JOT 
_struct_keywords.pdbx_keywords   LECTIN 
_struct_keywords.text            'MULTI-WAVELENGTH ANOMALOUS DIFFRACTION (MAD), T-ANTIGEN, LECTIN, MACLURA POMIFERA, BETA PRISM' 
# 
loop_
_struct_asym.id 
_struct_asym.pdbx_blank_PDB_chainid_flag 
_struct_asym.pdbx_modified 
_struct_asym.entity_id 
_struct_asym.details 
A N N 1 ? 
B N N 2 ? 
C N N 3 ? 
D N N 4 ? 
E N N 4 ? 
# 
loop_
_struct_ref.id 
_struct_ref.db_name 
_struct_ref.db_code 
_struct_ref.entity_id 
_struct_ref.pdbx_db_accession 
_struct_ref.pdbx_align_begin 
_struct_ref.pdbx_seq_one_letter_code 
_struct_ref.pdbx_db_isoform 
1 UNP LECA_MACPO 1 P18674 1 
;GVTFDDGAYTGIREINFEYNSETAIGGLRVTYDLNGMPFVAEDHKSFITGFKPVKISLEFPSEYIVEVSGYVGKVEGYTV
IRSLTFKTNKQTYGPYGVTNGTPFSLPIENGLIVGFKGSIGYWLDYFSIYLSL
;
? 
2 UNP LEC2_MACPO 2 P18676 1 GRNGKSQSIIVGPWGDRVTN ? 
# 
loop_
_struct_ref_seq.align_id 
_struct_ref_seq.ref_id 
_struct_ref_seq.pdbx_PDB_id_code 
_struct_ref_seq.pdbx_strand_id 
_struct_ref_seq.seq_align_beg 
_struct_ref_seq.pdbx_seq_align_beg_ins_code 
_struct_ref_seq.seq_align_end 
_struct_ref_seq.pdbx_seq_align_end_ins_code 
_struct_ref_seq.pdbx_db_accession 
_struct_ref_seq.db_align_beg 
_struct_ref_seq.pdbx_db_align_beg_ins_code 
_struct_ref_seq.db_align_end 
_struct_ref_seq.pdbx_db_align_end_ins_code 
_struct_ref_seq.pdbx_auth_seq_align_beg 
_struct_ref_seq.pdbx_auth_seq_align_end 
1 1 1JOT A 1 ? 133 ? P18674 1 ? 133 ? 1 133 
2 2 1JOT B 1 ? 20  ? P18676 1 ? 20  ? 2 21  
# 
_pdbx_struct_assembly.id                   1 
_pdbx_struct_assembly.details              author_and_software_defined_assembly 
_pdbx_struct_assembly.method_details       PISA,PQS 
_pdbx_struct_assembly.oligomeric_details   octameric 
_pdbx_struct_assembly.oligomeric_count     8 
# 
loop_
_pdbx_struct_assembly_prop.biol_id 
_pdbx_struct_assembly_prop.type 
_pdbx_struct_assembly_prop.value 
_pdbx_struct_assembly_prop.details 
1 'ABSA (A^2)' 15850 ? 
1 MORE         -51   ? 
1 'SSA (A^2)'  23530 ? 
# 
_pdbx_struct_assembly_gen.assembly_id       1 
_pdbx_struct_assembly_gen.oper_expression   1,2,3,4 
_pdbx_struct_assembly_gen.asym_id_list      A,B,C,D,E 
# 
loop_
_pdbx_struct_oper_list.id 
_pdbx_struct_oper_list.type 
_pdbx_struct_oper_list.name 
_pdbx_struct_oper_list.symmetry_operation 
_pdbx_struct_oper_list.matrix[1][1] 
_pdbx_struct_oper_list.matrix[1][2] 
_pdbx_struct_oper_list.matrix[1][3] 
_pdbx_struct_oper_list.vector[1] 
_pdbx_struct_oper_list.matrix[2][1] 
_pdbx_struct_oper_list.matrix[2][2] 
_pdbx_struct_oper_list.matrix[2][3] 
_pdbx_struct_oper_list.vector[2] 
_pdbx_struct_oper_list.matrix[3][1] 
_pdbx_struct_oper_list.matrix[3][2] 
_pdbx_struct_oper_list.matrix[3][3] 
_pdbx_struct_oper_list.vector[3] 
1 'identity operation'         1_555  x,y,z     1.0000000000  0.0000000000  0.0000000000  0.0000000000  0.0000000000  1.0000000000  0.0000000000  0.0000000000   0.0000000000  0.0000000000  1.0000000000  0.0000000000   
2 'crystal symmetry operation' 4_555  -x,-y,z   0.2654534145  -0.0196000712 -0.9639244379 16.0240163570 -0.0196000712 -0.9996964228 0.0149298168  -23.2760341687 -0.9639244379 0.0149298168  -0.2657569917 21.5098376247  
3 'crystal symmetry operation' 8_555  x-y,-y,-z -0.6268379169 0.6157848026  0.4773712421  35.9506896358 0.6157848026  0.0161560896  0.7877487275  -25.1793025405 0.4773712421  0.7877487275  -0.3893181726 4.3773009918   
4 'crystal symmetry operation' 11_555 -x+y,y,-z -0.6386154976 -0.5961847314 0.4865531958  21.8413784007 -0.5961847314 -0.0164596667 -0.8026785443 1.2563407336   0.4865531958  -0.8026785443 -0.3449248356 -14.6831313913 
# 
_struct_biol.id   1 
# 
_struct_conn.id                            covale1 
_struct_conn.conn_type_id                  covale 
_struct_conn.pdbx_leaving_atom_flag        both 
_struct_conn.pdbx_PDB_id                   ? 
_struct_conn.ptnr1_label_asym_id           C 
_struct_conn.ptnr1_label_comp_id           A2G 
_struct_conn.ptnr1_label_seq_id            . 
_struct_conn.ptnr1_label_atom_id           O3 
_struct_conn.pdbx_ptnr1_label_alt_id       ? 
_struct_conn.pdbx_ptnr1_PDB_ins_code       ? 
_struct_conn.pdbx_ptnr1_standard_comp_id   ? 
_struct_conn.ptnr1_symmetry                1_555 
_struct_conn.ptnr2_label_asym_id           C 
_struct_conn.ptnr2_label_comp_id           GAL 
_struct_conn.ptnr2_label_seq_id            . 
_struct_conn.ptnr2_label_atom_id           C1 
_struct_conn.pdbx_ptnr2_label_alt_id       ? 
_struct_conn.pdbx_ptnr2_PDB_ins_code       ? 
_struct_conn.ptnr1_auth_asym_id            C 
_struct_conn.ptnr1_auth_comp_id            A2G 
_struct_conn.ptnr1_auth_seq_id             1 
_struct_conn.ptnr2_auth_asym_id            C 
_struct_conn.ptnr2_auth_comp_id            GAL 
_struct_conn.ptnr2_auth_seq_id             2 
_struct_conn.ptnr2_symmetry                1_555 
_struct_conn.pdbx_ptnr3_label_atom_id      ? 
_struct_conn.pdbx_ptnr3_label_seq_id       ? 
_struct_conn.pdbx_ptnr3_label_comp_id      ? 
_struct_conn.pdbx_ptnr3_label_asym_id      ? 
_struct_conn.pdbx_ptnr3_label_alt_id       ? 
_struct_conn.pdbx_ptnr3_PDB_ins_code       ? 
_struct_conn.details                       ? 
_struct_conn.pdbx_dist_value               1.439 
_struct_conn.pdbx_value_order              ? 
_struct_conn.pdbx_role                     ? 
# 
_struct_conn_type.id          covale 
_struct_conn_type.criteria    ? 
_struct_conn_type.reference   ? 
# 
loop_
_struct_mon_prot_cis.pdbx_id 
_struct_mon_prot_cis.label_comp_id 
_struct_mon_prot_cis.label_seq_id 
_struct_mon_prot_cis.label_asym_id 
_struct_mon_prot_cis.label_alt_id 
_struct_mon_prot_cis.pdbx_PDB_ins_code 
_struct_mon_prot_cis.auth_comp_id 
_struct_mon_prot_cis.auth_seq_id 
_struct_mon_prot_cis.auth_asym_id 
_struct_mon_prot_cis.pdbx_label_comp_id_2 
_struct_mon_prot_cis.pdbx_label_seq_id_2 
_struct_mon_prot_cis.pdbx_label_asym_id_2 
_struct_mon_prot_cis.pdbx_PDB_ins_code_2 
_struct_mon_prot_cis.pdbx_auth_comp_id_2 
_struct_mon_prot_cis.pdbx_auth_seq_id_2 
_struct_mon_prot_cis.pdbx_auth_asym_id_2 
_struct_mon_prot_cis.pdbx_PDB_model_num 
_struct_mon_prot_cis.pdbx_omega_angle 
1 PHE 60 A . ? PHE 60 A PRO 61 A ? PRO 61 A 1 0.24 
2 GLY 94 A . ? GLY 94 A PRO 95 A ? PRO 95 A 1 0.26 
3 GLY 12 B . ? GLY 13 B PRO 13 B ? PRO 14 B 1 0.17 
# 
loop_
_struct_sheet.id 
_struct_sheet.type 
_struct_sheet.number_strands 
_struct_sheet.details 
A ? 3 ? 
B ? 4 ? 
C ? 3 ? 
D ? 2 ? 
# 
loop_
_struct_sheet_order.sheet_id 
_struct_sheet_order.range_id_1 
_struct_sheet_order.range_id_2 
_struct_sheet_order.offset 
_struct_sheet_order.sense 
A 1 2 ? anti-parallel 
A 2 3 ? anti-parallel 
B 1 2 ? anti-parallel 
B 2 3 ? anti-parallel 
B 3 4 ? anti-parallel 
C 1 2 ? anti-parallel 
C 2 3 ? anti-parallel 
D 1 2 ? anti-parallel 
# 
loop_
_struct_sheet_range.sheet_id 
_struct_sheet_range.id 
_struct_sheet_range.beg_label_comp_id 
_struct_sheet_range.beg_label_asym_id 
_struct_sheet_range.beg_label_seq_id 
_struct_sheet_range.pdbx_beg_PDB_ins_code 
_struct_sheet_range.end_label_comp_id 
_struct_sheet_range.end_label_asym_id 
_struct_sheet_range.end_label_seq_id 
_struct_sheet_range.pdbx_end_PDB_ins_code 
_struct_sheet_range.beg_auth_comp_id 
_struct_sheet_range.beg_auth_asym_id 
_struct_sheet_range.beg_auth_seq_id 
_struct_sheet_range.end_auth_comp_id 
_struct_sheet_range.end_auth_asym_id 
_struct_sheet_range.end_auth_seq_id 
A 1 VAL A 2   ? ASP A 5   ? VAL A 2   ASP A 5   
A 2 LEU A 112 ? ILE A 120 ? LEU A 112 ILE A 120 
A 3 TYR A 126 ? SER A 132 ? TYR A 126 SER A 132 
B 1 LYS A 52  ? SER A 57  ? LYS A 52  SER A 57  
B 2 GLY A 11  ? TYR A 19  ? GLY A 11  TYR A 19  
B 3 LEU A 28  ? LEU A 34  ? LEU A 28  LEU A 34  
B 4 MET A 37  ? VAL A 40  ? MET A 37  VAL A 40  
C 1 THR A 102 ? PRO A 107 ? THR A 102 PRO A 107 
C 2 GLU A 67  ? VAL A 75  ? GLU A 67  VAL A 75  
C 3 TYR A 78  ? ILE A 81  ? TYR A 78  ILE A 81  
D 1 ILE A 65  ? TYR A 71  ? ILE A 65  TYR A 71  
D 2 SER A 83  ? THR A 88  ? SER A 83  THR A 88  
# 
loop_
_pdbx_struct_sheet_hbond.sheet_id 
_pdbx_struct_sheet_hbond.range_id_1 
_pdbx_struct_sheet_hbond.range_id_2 
_pdbx_struct_sheet_hbond.range_1_label_atom_id 
_pdbx_struct_sheet_hbond.range_1_label_comp_id 
_pdbx_struct_sheet_hbond.range_1_label_asym_id 
_pdbx_struct_sheet_hbond.range_1_label_seq_id 
_pdbx_struct_sheet_hbond.range_1_PDB_ins_code 
_pdbx_struct_sheet_hbond.range_1_auth_atom_id 
_pdbx_struct_sheet_hbond.range_1_auth_comp_id 
_pdbx_struct_sheet_hbond.range_1_auth_asym_id 
_pdbx_struct_sheet_hbond.range_1_auth_seq_id 
_pdbx_struct_sheet_hbond.range_2_label_atom_id 
_pdbx_struct_sheet_hbond.range_2_label_comp_id 
_pdbx_struct_sheet_hbond.range_2_label_asym_id 
_pdbx_struct_sheet_hbond.range_2_label_seq_id 
_pdbx_struct_sheet_hbond.range_2_PDB_ins_code 
_pdbx_struct_sheet_hbond.range_2_auth_atom_id 
_pdbx_struct_sheet_hbond.range_2_auth_comp_id 
_pdbx_struct_sheet_hbond.range_2_auth_asym_id 
_pdbx_struct_sheet_hbond.range_2_auth_seq_id 
A 1 2 O VAL A 2   ? O VAL A 2   N ILE A 120 ? N ILE A 120 
A 2 3 O LEU A 112 ? O LEU A 112 N SER A 132 ? N SER A 132 
B 1 2 O LYS A 52  ? O LYS A 52  N TYR A 19  ? N TYR A 19  
B 2 3 O GLY A 11  ? O GLY A 11  N ASP A 33  ? N ASP A 33  
B 3 4 O TYR A 32  ? O TYR A 32  N PHE A 39  ? N PHE A 39  
C 1 2 O THR A 102 ? O THR A 102 N VAL A 72  ? N VAL A 72  
C 2 3 O GLY A 73  ? O GLY A 73  N VAL A 80  ? N VAL A 80  
D 1 2 O VAL A 66  ? O VAL A 66  N LYS A 87  ? N LYS A 87  
# 
_pdbx_validate_torsion.id              1 
_pdbx_validate_torsion.PDB_model_num   1 
_pdbx_validate_torsion.auth_comp_id    THR 
_pdbx_validate_torsion.auth_asym_id    A 
_pdbx_validate_torsion.auth_seq_id     23 
_pdbx_validate_torsion.PDB_ins_code    ? 
_pdbx_validate_torsion.label_alt_id    ? 
_pdbx_validate_torsion.phi             -113.23 
_pdbx_validate_torsion.psi             -91.99 
# 
_pdbx_molecule_features.prd_id    PRD_900084 
_pdbx_molecule_features.name      'Thomsen-Friedenreich antigen' 
_pdbx_molecule_features.type      Oligosaccharide 
_pdbx_molecule_features.class     Antigen 
_pdbx_molecule_features.details   oligosaccharide 
# 
_pdbx_molecule.instance_id   1 
_pdbx_molecule.prd_id        PRD_900084 
_pdbx_molecule.asym_id       C 
# 
loop_
_pdbx_unobs_or_zero_occ_residues.id 
_pdbx_unobs_or_zero_occ_residues.PDB_model_num 
_pdbx_unobs_or_zero_occ_residues.polymer_flag 
_pdbx_unobs_or_zero_occ_residues.occupancy_flag 
_pdbx_unobs_or_zero_occ_residues.auth_asym_id 
_pdbx_unobs_or_zero_occ_residues.auth_comp_id 
_pdbx_unobs_or_zero_occ_residues.auth_seq_id 
_pdbx_unobs_or_zero_occ_residues.PDB_ins_code 
_pdbx_unobs_or_zero_occ_residues.label_asym_id 
_pdbx_unobs_or_zero_occ_residues.label_comp_id 
_pdbx_unobs_or_zero_occ_residues.label_seq_id 
1 1 Y 1 B GLY 2  ? B GLY 1  
2 1 Y 1 B VAL 19 ? B VAL 18 
3 1 Y 1 B THR 20 ? B THR 19 
4 1 Y 1 B ASN 21 ? B ASN 20 
# 
loop_
_chem_comp_atom.comp_id 
_chem_comp_atom.atom_id 
_chem_comp_atom.type_symbol 
_chem_comp_atom.pdbx_aromatic_flag 
_chem_comp_atom.pdbx_stereo_config 
_chem_comp_atom.pdbx_ordinal 
A2G O5   O N N 1   
A2G C1   C N S 2   
A2G O1   O N N 3   
A2G C2   C N R 4   
A2G N2   N N N 5   
A2G C3   C N R 6   
A2G O3   O N N 7   
A2G C4   C N R 8   
A2G O4   O N N 9   
A2G C5   C N R 10  
A2G C6   C N N 11  
A2G O6   O N N 12  
A2G C7   C N N 13  
A2G O7   O N N 14  
A2G C8   C N N 15  
A2G H1   H N N 16  
A2G HO1  H N N 17  
A2G H2   H N N 18  
A2G HN2  H N N 19  
A2G H3   H N N 20  
A2G HO3  H N N 21  
A2G H4   H N N 22  
A2G HO4  H N N 23  
A2G H5   H N N 24  
A2G H61  H N N 25  
A2G H81  H N N 26  
A2G H82  H N N 27  
A2G H83  H N N 28  
A2G H62  H N N 29  
A2G HO6  H N N 30  
ALA N    N N N 31  
ALA CA   C N S 32  
ALA C    C N N 33  
ALA O    O N N 34  
ALA CB   C N N 35  
ALA OXT  O N N 36  
ALA H    H N N 37  
ALA H2   H N N 38  
ALA HA   H N N 39  
ALA HB1  H N N 40  
ALA HB2  H N N 41  
ALA HB3  H N N 42  
ALA HXT  H N N 43  
ARG N    N N N 44  
ARG CA   C N S 45  
ARG C    C N N 46  
ARG O    O N N 47  
ARG CB   C N N 48  
ARG CG   C N N 49  
ARG CD   C N N 50  
ARG NE   N N N 51  
ARG CZ   C N N 52  
ARG NH1  N N N 53  
ARG NH2  N N N 54  
ARG OXT  O N N 55  
ARG H    H N N 56  
ARG H2   H N N 57  
ARG HA   H N N 58  
ARG HB2  H N N 59  
ARG HB3  H N N 60  
ARG HG2  H N N 61  
ARG HG3  H N N 62  
ARG HD2  H N N 63  
ARG HD3  H N N 64  
ARG HE   H N N 65  
ARG HH11 H N N 66  
ARG HH12 H N N 67  
ARG HH21 H N N 68  
ARG HH22 H N N 69  
ARG HXT  H N N 70  
ASN N    N N N 71  
ASN CA   C N S 72  
ASN C    C N N 73  
ASN O    O N N 74  
ASN CB   C N N 75  
ASN CG   C N N 76  
ASN OD1  O N N 77  
ASN ND2  N N N 78  
ASN OXT  O N N 79  
ASN H    H N N 80  
ASN H2   H N N 81  
ASN HA   H N N 82  
ASN HB2  H N N 83  
ASN HB3  H N N 84  
ASN HD21 H N N 85  
ASN HD22 H N N 86  
ASN HXT  H N N 87  
ASP N    N N N 88  
ASP CA   C N S 89  
ASP C    C N N 90  
ASP O    O N N 91  
ASP CB   C N N 92  
ASP CG   C N N 93  
ASP OD1  O N N 94  
ASP OD2  O N N 95  
ASP OXT  O N N 96  
ASP H    H N N 97  
ASP H2   H N N 98  
ASP HA   H N N 99  
ASP HB2  H N N 100 
ASP HB3  H N N 101 
ASP HD2  H N N 102 
ASP HXT  H N N 103 
GAL C1   C N R 104 
GAL C2   C N R 105 
GAL C3   C N S 106 
GAL C4   C N R 107 
GAL C5   C N R 108 
GAL C6   C N N 109 
GAL O1   O N N 110 
GAL O2   O N N 111 
GAL O3   O N N 112 
GAL O4   O N N 113 
GAL O5   O N N 114 
GAL O6   O N N 115 
GAL H1   H N N 116 
GAL H2   H N N 117 
GAL H3   H N N 118 
GAL H4   H N N 119 
GAL H5   H N N 120 
GAL H61  H N N 121 
GAL H62  H N N 122 
GAL HO1  H N N 123 
GAL HO2  H N N 124 
GAL HO3  H N N 125 
GAL HO4  H N N 126 
GAL HO6  H N N 127 
GLN N    N N N 128 
GLN CA   C N S 129 
GLN C    C N N 130 
GLN O    O N N 131 
GLN CB   C N N 132 
GLN CG   C N N 133 
GLN CD   C N N 134 
GLN OE1  O N N 135 
GLN NE2  N N N 136 
GLN OXT  O N N 137 
GLN H    H N N 138 
GLN H2   H N N 139 
GLN HA   H N N 140 
GLN HB2  H N N 141 
GLN HB3  H N N 142 
GLN HG2  H N N 143 
GLN HG3  H N N 144 
GLN HE21 H N N 145 
GLN HE22 H N N 146 
GLN HXT  H N N 147 
GLU N    N N N 148 
GLU CA   C N S 149 
GLU C    C N N 150 
GLU O    O N N 151 
GLU CB   C N N 152 
GLU CG   C N N 153 
GLU CD   C N N 154 
GLU OE1  O N N 155 
GLU OE2  O N N 156 
GLU OXT  O N N 157 
GLU H    H N N 158 
GLU H2   H N N 159 
GLU HA   H N N 160 
GLU HB2  H N N 161 
GLU HB3  H N N 162 
GLU HG2  H N N 163 
GLU HG3  H N N 164 
GLU HE2  H N N 165 
GLU HXT  H N N 166 
GLY N    N N N 167 
GLY CA   C N N 168 
GLY C    C N N 169 
GLY O    O N N 170 
GLY OXT  O N N 171 
GLY H    H N N 172 
GLY H2   H N N 173 
GLY HA2  H N N 174 
GLY HA3  H N N 175 
GLY HXT  H N N 176 
HIS N    N N N 177 
HIS CA   C N S 178 
HIS C    C N N 179 
HIS O    O N N 180 
HIS CB   C N N 181 
HIS CG   C Y N 182 
HIS ND1  N Y N 183 
HIS CD2  C Y N 184 
HIS CE1  C Y N 185 
HIS NE2  N Y N 186 
HIS OXT  O N N 187 
HIS H    H N N 188 
HIS H2   H N N 189 
HIS HA   H N N 190 
HIS HB2  H N N 191 
HIS HB3  H N N 192 
HIS HD1  H N N 193 
HIS HD2  H N N 194 
HIS HE1  H N N 195 
HIS HE2  H N N 196 
HIS HXT  H N N 197 
HOH O    O N N 198 
HOH H1   H N N 199 
HOH H2   H N N 200 
ILE N    N N N 201 
ILE CA   C N S 202 
ILE C    C N N 203 
ILE O    O N N 204 
ILE CB   C N S 205 
ILE CG1  C N N 206 
ILE CG2  C N N 207 
ILE CD1  C N N 208 
ILE OXT  O N N 209 
ILE H    H N N 210 
ILE H2   H N N 211 
ILE HA   H N N 212 
ILE HB   H N N 213 
ILE HG12 H N N 214 
ILE HG13 H N N 215 
ILE HG21 H N N 216 
ILE HG22 H N N 217 
ILE HG23 H N N 218 
ILE HD11 H N N 219 
ILE HD12 H N N 220 
ILE HD13 H N N 221 
ILE HXT  H N N 222 
LEU N    N N N 223 
LEU CA   C N S 224 
LEU C    C N N 225 
LEU O    O N N 226 
LEU CB   C N N 227 
LEU CG   C N N 228 
LEU CD1  C N N 229 
LEU CD2  C N N 230 
LEU OXT  O N N 231 
LEU H    H N N 232 
LEU H2   H N N 233 
LEU HA   H N N 234 
LEU HB2  H N N 235 
LEU HB3  H N N 236 
LEU HG   H N N 237 
LEU HD11 H N N 238 
LEU HD12 H N N 239 
LEU HD13 H N N 240 
LEU HD21 H N N 241 
LEU HD22 H N N 242 
LEU HD23 H N N 243 
LEU HXT  H N N 244 
LYS N    N N N 245 
LYS CA   C N S 246 
LYS C    C N N 247 
LYS O    O N N 248 
LYS CB   C N N 249 
LYS CG   C N N 250 
LYS CD   C N N 251 
LYS CE   C N N 252 
LYS NZ   N N N 253 
LYS OXT  O N N 254 
LYS H    H N N 255 
LYS H2   H N N 256 
LYS HA   H N N 257 
LYS HB2  H N N 258 
LYS HB3  H N N 259 
LYS HG2  H N N 260 
LYS HG3  H N N 261 
LYS HD2  H N N 262 
LYS HD3  H N N 263 
LYS HE2  H N N 264 
LYS HE3  H N N 265 
LYS HZ1  H N N 266 
LYS HZ2  H N N 267 
LYS HZ3  H N N 268 
LYS HXT  H N N 269 
MET N    N N N 270 
MET CA   C N S 271 
MET C    C N N 272 
MET O    O N N 273 
MET CB   C N N 274 
MET CG   C N N 275 
MET SD   S N N 276 
MET CE   C N N 277 
MET OXT  O N N 278 
MET H    H N N 279 
MET H2   H N N 280 
MET HA   H N N 281 
MET HB2  H N N 282 
MET HB3  H N N 283 
MET HG2  H N N 284 
MET HG3  H N N 285 
MET HE1  H N N 286 
MET HE2  H N N 287 
MET HE3  H N N 288 
MET HXT  H N N 289 
PHE N    N N N 290 
PHE CA   C N S 291 
PHE C    C N N 292 
PHE O    O N N 293 
PHE CB   C N N 294 
PHE CG   C Y N 295 
PHE CD1  C Y N 296 
PHE CD2  C Y N 297 
PHE CE1  C Y N 298 
PHE CE2  C Y N 299 
PHE CZ   C Y N 300 
PHE OXT  O N N 301 
PHE H    H N N 302 
PHE H2   H N N 303 
PHE HA   H N N 304 
PHE HB2  H N N 305 
PHE HB3  H N N 306 
PHE HD1  H N N 307 
PHE HD2  H N N 308 
PHE HE1  H N N 309 
PHE HE2  H N N 310 
PHE HZ   H N N 311 
PHE HXT  H N N 312 
PRO N    N N N 313 
PRO CA   C N S 314 
PRO C    C N N 315 
PRO O    O N N 316 
PRO CB   C N N 317 
PRO CG   C N N 318 
PRO CD   C N N 319 
PRO OXT  O N N 320 
PRO H    H N N 321 
PRO HA   H N N 322 
PRO HB2  H N N 323 
PRO HB3  H N N 324 
PRO HG2  H N N 325 
PRO HG3  H N N 326 
PRO HD2  H N N 327 
PRO HD3  H N N 328 
PRO HXT  H N N 329 
SER N    N N N 330 
SER CA   C N S 331 
SER C    C N N 332 
SER O    O N N 333 
SER CB   C N N 334 
SER OG   O N N 335 
SER OXT  O N N 336 
SER H    H N N 337 
SER H2   H N N 338 
SER HA   H N N 339 
SER HB2  H N N 340 
SER HB3  H N N 341 
SER HG   H N N 342 
SER HXT  H N N 343 
THR N    N N N 344 
THR CA   C N S 345 
THR C    C N N 346 
THR O    O N N 347 
THR CB   C N R 348 
THR OG1  O N N 349 
THR CG2  C N N 350 
THR OXT  O N N 351 
THR H    H N N 352 
THR H2   H N N 353 
THR HA   H N N 354 
THR HB   H N N 355 
THR HG1  H N N 356 
THR HG21 H N N 357 
THR HG22 H N N 358 
THR HG23 H N N 359 
THR HXT  H N N 360 
TRP N    N N N 361 
TRP CA   C N S 362 
TRP C    C N N 363 
TRP O    O N N 364 
TRP CB   C N N 365 
TRP CG   C Y N 366 
TRP CD1  C Y N 367 
TRP CD2  C Y N 368 
TRP NE1  N Y N 369 
TRP CE2  C Y N 370 
TRP CE3  C Y N 371 
TRP CZ2  C Y N 372 
TRP CZ3  C Y N 373 
TRP CH2  C Y N 374 
TRP OXT  O N N 375 
TRP H    H N N 376 
TRP H2   H N N 377 
TRP HA   H N N 378 
TRP HB2  H N N 379 
TRP HB3  H N N 380 
TRP HD1  H N N 381 
TRP HE1  H N N 382 
TRP HE3  H N N 383 
TRP HZ2  H N N 384 
TRP HZ3  H N N 385 
TRP HH2  H N N 386 
TRP HXT  H N N 387 
TYR N    N N N 388 
TYR CA   C N S 389 
TYR C    C N N 390 
TYR O    O N N 391 
TYR CB   C N N 392 
TYR CG   C Y N 393 
TYR CD1  C Y N 394 
TYR CD2  C Y N 395 
TYR CE1  C Y N 396 
TYR CE2  C Y N 397 
TYR CZ   C Y N 398 
TYR OH   O N N 399 
TYR OXT  O N N 400 
TYR H    H N N 401 
TYR H2   H N N 402 
TYR HA   H N N 403 
TYR HB2  H N N 404 
TYR HB3  H N N 405 
TYR HD1  H N N 406 
TYR HD2  H N N 407 
TYR HE1  H N N 408 
TYR HE2  H N N 409 
TYR HH   H N N 410 
TYR HXT  H N N 411 
VAL N    N N N 412 
VAL CA   C N S 413 
VAL C    C N N 414 
VAL O    O N N 415 
VAL CB   C N N 416 
VAL CG1  C N N 417 
VAL CG2  C N N 418 
VAL OXT  O N N 419 
VAL H    H N N 420 
VAL H2   H N N 421 
VAL HA   H N N 422 
VAL HB   H N N 423 
VAL HG11 H N N 424 
VAL HG12 H N N 425 
VAL HG13 H N N 426 
VAL HG21 H N N 427 
VAL HG22 H N N 428 
VAL HG23 H N N 429 
VAL HXT  H N N 430 
# 
loop_
_chem_comp_bond.comp_id 
_chem_comp_bond.atom_id_1 
_chem_comp_bond.atom_id_2 
_chem_comp_bond.value_order 
_chem_comp_bond.pdbx_aromatic_flag 
_chem_comp_bond.pdbx_stereo_config 
_chem_comp_bond.pdbx_ordinal 
A2G O5  C5   sing N N 1   
A2G C1  O5   sing N N 2   
A2G C1  C2   sing N N 3   
A2G C1  H1   sing N N 4   
A2G O1  C1   sing N N 5   
A2G O1  HO1  sing N N 6   
A2G C2  C3   sing N N 7   
A2G C2  H2   sing N N 8   
A2G N2  C2   sing N N 9   
A2G N2  HN2  sing N N 10  
A2G C3  C4   sing N N 11  
A2G C3  O3   sing N N 12  
A2G C3  H3   sing N N 13  
A2G O3  HO3  sing N N 14  
A2G C4  O4   sing N N 15  
A2G C4  H4   sing N N 16  
A2G O4  HO4  sing N N 17  
A2G C5  C4   sing N N 18  
A2G C5  C6   sing N N 19  
A2G C5  H5   sing N N 20  
A2G C6  O6   sing N N 21  
A2G C6  H61  sing N N 22  
A2G C7  N2   sing N N 23  
A2G O7  C7   doub N N 24  
A2G C8  C7   sing N N 25  
A2G C8  H81  sing N N 26  
A2G C8  H82  sing N N 27  
A2G C8  H83  sing N N 28  
A2G C6  H62  sing N N 29  
A2G O6  HO6  sing N N 30  
ALA N   CA   sing N N 31  
ALA N   H    sing N N 32  
ALA N   H2   sing N N 33  
ALA CA  C    sing N N 34  
ALA CA  CB   sing N N 35  
ALA CA  HA   sing N N 36  
ALA C   O    doub N N 37  
ALA C   OXT  sing N N 38  
ALA CB  HB1  sing N N 39  
ALA CB  HB2  sing N N 40  
ALA CB  HB3  sing N N 41  
ALA OXT HXT  sing N N 42  
ARG N   CA   sing N N 43  
ARG N   H    sing N N 44  
ARG N   H2   sing N N 45  
ARG CA  C    sing N N 46  
ARG CA  CB   sing N N 47  
ARG CA  HA   sing N N 48  
ARG C   O    doub N N 49  
ARG C   OXT  sing N N 50  
ARG CB  CG   sing N N 51  
ARG CB  HB2  sing N N 52  
ARG CB  HB3  sing N N 53  
ARG CG  CD   sing N N 54  
ARG CG  HG2  sing N N 55  
ARG CG  HG3  sing N N 56  
ARG CD  NE   sing N N 57  
ARG CD  HD2  sing N N 58  
ARG CD  HD3  sing N N 59  
ARG NE  CZ   sing N N 60  
ARG NE  HE   sing N N 61  
ARG CZ  NH1  sing N N 62  
ARG CZ  NH2  doub N N 63  
ARG NH1 HH11 sing N N 64  
ARG NH1 HH12 sing N N 65  
ARG NH2 HH21 sing N N 66  
ARG NH2 HH22 sing N N 67  
ARG OXT HXT  sing N N 68  
ASN N   CA   sing N N 69  
ASN N   H    sing N N 70  
ASN N   H2   sing N N 71  
ASN CA  C    sing N N 72  
ASN CA  CB   sing N N 73  
ASN CA  HA   sing N N 74  
ASN C   O    doub N N 75  
ASN C   OXT  sing N N 76  
ASN CB  CG   sing N N 77  
ASN CB  HB2  sing N N 78  
ASN CB  HB3  sing N N 79  
ASN CG  OD1  doub N N 80  
ASN CG  ND2  sing N N 81  
ASN ND2 HD21 sing N N 82  
ASN ND2 HD22 sing N N 83  
ASN OXT HXT  sing N N 84  
ASP N   CA   sing N N 85  
ASP N   H    sing N N 86  
ASP N   H2   sing N N 87  
ASP CA  C    sing N N 88  
ASP CA  CB   sing N N 89  
ASP CA  HA   sing N N 90  
ASP C   O    doub N N 91  
ASP C   OXT  sing N N 92  
ASP CB  CG   sing N N 93  
ASP CB  HB2  sing N N 94  
ASP CB  HB3  sing N N 95  
ASP CG  OD1  doub N N 96  
ASP CG  OD2  sing N N 97  
ASP OD2 HD2  sing N N 98  
ASP OXT HXT  sing N N 99  
GAL C1  C2   sing N N 100 
GAL C1  O1   sing N N 101 
GAL C1  O5   sing N N 102 
GAL C1  H1   sing N N 103 
GAL C2  C3   sing N N 104 
GAL C2  O2   sing N N 105 
GAL C2  H2   sing N N 106 
GAL C3  C4   sing N N 107 
GAL C3  O3   sing N N 108 
GAL C3  H3   sing N N 109 
GAL C4  C5   sing N N 110 
GAL C4  O4   sing N N 111 
GAL C4  H4   sing N N 112 
GAL C5  C6   sing N N 113 
GAL C5  O5   sing N N 114 
GAL C5  H5   sing N N 115 
GAL C6  O6   sing N N 116 
GAL C6  H61  sing N N 117 
GAL C6  H62  sing N N 118 
GAL O1  HO1  sing N N 119 
GAL O2  HO2  sing N N 120 
GAL O3  HO3  sing N N 121 
GAL O4  HO4  sing N N 122 
GAL O6  HO6  sing N N 123 
GLN N   CA   sing N N 124 
GLN N   H    sing N N 125 
GLN N   H2   sing N N 126 
GLN CA  C    sing N N 127 
GLN CA  CB   sing N N 128 
GLN CA  HA   sing N N 129 
GLN C   O    doub N N 130 
GLN C   OXT  sing N N 131 
GLN CB  CG   sing N N 132 
GLN CB  HB2  sing N N 133 
GLN CB  HB3  sing N N 134 
GLN CG  CD   sing N N 135 
GLN CG  HG2  sing N N 136 
GLN CG  HG3  sing N N 137 
GLN CD  OE1  doub N N 138 
GLN CD  NE2  sing N N 139 
GLN NE2 HE21 sing N N 140 
GLN NE2 HE22 sing N N 141 
GLN OXT HXT  sing N N 142 
GLU N   CA   sing N N 143 
GLU N   H    sing N N 144 
GLU N   H2   sing N N 145 
GLU CA  C    sing N N 146 
GLU CA  CB   sing N N 147 
GLU CA  HA   sing N N 148 
GLU C   O    doub N N 149 
GLU C   OXT  sing N N 150 
GLU CB  CG   sing N N 151 
GLU CB  HB2  sing N N 152 
GLU CB  HB3  sing N N 153 
GLU CG  CD   sing N N 154 
GLU CG  HG2  sing N N 155 
GLU CG  HG3  sing N N 156 
GLU CD  OE1  doub N N 157 
GLU CD  OE2  sing N N 158 
GLU OE2 HE2  sing N N 159 
GLU OXT HXT  sing N N 160 
GLY N   CA   sing N N 161 
GLY N   H    sing N N 162 
GLY N   H2   sing N N 163 
GLY CA  C    sing N N 164 
GLY CA  HA2  sing N N 165 
GLY CA  HA3  sing N N 166 
GLY C   O    doub N N 167 
GLY C   OXT  sing N N 168 
GLY OXT HXT  sing N N 169 
HIS N   CA   sing N N 170 
HIS N   H    sing N N 171 
HIS N   H2   sing N N 172 
HIS CA  C    sing N N 173 
HIS CA  CB   sing N N 174 
HIS CA  HA   sing N N 175 
HIS C   O    doub N N 176 
HIS C   OXT  sing N N 177 
HIS CB  CG   sing N N 178 
HIS CB  HB2  sing N N 179 
HIS CB  HB3  sing N N 180 
HIS CG  ND1  sing Y N 181 
HIS CG  CD2  doub Y N 182 
HIS ND1 CE1  doub Y N 183 
HIS ND1 HD1  sing N N 184 
HIS CD2 NE2  sing Y N 185 
HIS CD2 HD2  sing N N 186 
HIS CE1 NE2  sing Y N 187 
HIS CE1 HE1  sing N N 188 
HIS NE2 HE2  sing N N 189 
HIS OXT HXT  sing N N 190 
HOH O   H1   sing N N 191 
HOH O   H2   sing N N 192 
ILE N   CA   sing N N 193 
ILE N   H    sing N N 194 
ILE N   H2   sing N N 195 
ILE CA  C    sing N N 196 
ILE CA  CB   sing N N 197 
ILE CA  HA   sing N N 198 
ILE C   O    doub N N 199 
ILE C   OXT  sing N N 200 
ILE CB  CG1  sing N N 201 
ILE CB  CG2  sing N N 202 
ILE CB  HB   sing N N 203 
ILE CG1 CD1  sing N N 204 
ILE CG1 HG12 sing N N 205 
ILE CG1 HG13 sing N N 206 
ILE CG2 HG21 sing N N 207 
ILE CG2 HG22 sing N N 208 
ILE CG2 HG23 sing N N 209 
ILE CD1 HD11 sing N N 210 
ILE CD1 HD12 sing N N 211 
ILE CD1 HD13 sing N N 212 
ILE OXT HXT  sing N N 213 
LEU N   CA   sing N N 214 
LEU N   H    sing N N 215 
LEU N   H2   sing N N 216 
LEU CA  C    sing N N 217 
LEU CA  CB   sing N N 218 
LEU CA  HA   sing N N 219 
LEU C   O    doub N N 220 
LEU C   OXT  sing N N 221 
LEU CB  CG   sing N N 222 
LEU CB  HB2  sing N N 223 
LEU CB  HB3  sing N N 224 
LEU CG  CD1  sing N N 225 
LEU CG  CD2  sing N N 226 
LEU CG  HG   sing N N 227 
LEU CD1 HD11 sing N N 228 
LEU CD1 HD12 sing N N 229 
LEU CD1 HD13 sing N N 230 
LEU CD2 HD21 sing N N 231 
LEU CD2 HD22 sing N N 232 
LEU CD2 HD23 sing N N 233 
LEU OXT HXT  sing N N 234 
LYS N   CA   sing N N 235 
LYS N   H    sing N N 236 
LYS N   H2   sing N N 237 
LYS CA  C    sing N N 238 
LYS CA  CB   sing N N 239 
LYS CA  HA   sing N N 240 
LYS C   O    doub N N 241 
LYS C   OXT  sing N N 242 
LYS CB  CG   sing N N 243 
LYS CB  HB2  sing N N 244 
LYS CB  HB3  sing N N 245 
LYS CG  CD   sing N N 246 
LYS CG  HG2  sing N N 247 
LYS CG  HG3  sing N N 248 
LYS CD  CE   sing N N 249 
LYS CD  HD2  sing N N 250 
LYS CD  HD3  sing N N 251 
LYS CE  NZ   sing N N 252 
LYS CE  HE2  sing N N 253 
LYS CE  HE3  sing N N 254 
LYS NZ  HZ1  sing N N 255 
LYS NZ  HZ2  sing N N 256 
LYS NZ  HZ3  sing N N 257 
LYS OXT HXT  sing N N 258 
MET N   CA   sing N N 259 
MET N   H    sing N N 260 
MET N   H2   sing N N 261 
MET CA  C    sing N N 262 
MET CA  CB   sing N N 263 
MET CA  HA   sing N N 264 
MET C   O    doub N N 265 
MET C   OXT  sing N N 266 
MET CB  CG   sing N N 267 
MET CB  HB2  sing N N 268 
MET CB  HB3  sing N N 269 
MET CG  SD   sing N N 270 
MET CG  HG2  sing N N 271 
MET CG  HG3  sing N N 272 
MET SD  CE   sing N N 273 
MET CE  HE1  sing N N 274 
MET CE  HE2  sing N N 275 
MET CE  HE3  sing N N 276 
MET OXT HXT  sing N N 277 
PHE N   CA   sing N N 278 
PHE N   H    sing N N 279 
PHE N   H2   sing N N 280 
PHE CA  C    sing N N 281 
PHE CA  CB   sing N N 282 
PHE CA  HA   sing N N 283 
PHE C   O    doub N N 284 
PHE C   OXT  sing N N 285 
PHE CB  CG   sing N N 286 
PHE CB  HB2  sing N N 287 
PHE CB  HB3  sing N N 288 
PHE CG  CD1  doub Y N 289 
PHE CG  CD2  sing Y N 290 
PHE CD1 CE1  sing Y N 291 
PHE CD1 HD1  sing N N 292 
PHE CD2 CE2  doub Y N 293 
PHE CD2 HD2  sing N N 294 
PHE CE1 CZ   doub Y N 295 
PHE CE1 HE1  sing N N 296 
PHE CE2 CZ   sing Y N 297 
PHE CE2 HE2  sing N N 298 
PHE CZ  HZ   sing N N 299 
PHE OXT HXT  sing N N 300 
PRO N   CA   sing N N 301 
PRO N   CD   sing N N 302 
PRO N   H    sing N N 303 
PRO CA  C    sing N N 304 
PRO CA  CB   sing N N 305 
PRO CA  HA   sing N N 306 
PRO C   O    doub N N 307 
PRO C   OXT  sing N N 308 
PRO CB  CG   sing N N 309 
PRO CB  HB2  sing N N 310 
PRO CB  HB3  sing N N 311 
PRO CG  CD   sing N N 312 
PRO CG  HG2  sing N N 313 
PRO CG  HG3  sing N N 314 
PRO CD  HD2  sing N N 315 
PRO CD  HD3  sing N N 316 
PRO OXT HXT  sing N N 317 
SER N   CA   sing N N 318 
SER N   H    sing N N 319 
SER N   H2   sing N N 320 
SER CA  C    sing N N 321 
SER CA  CB   sing N N 322 
SER CA  HA   sing N N 323 
SER C   O    doub N N 324 
SER C   OXT  sing N N 325 
SER CB  OG   sing N N 326 
SER CB  HB2  sing N N 327 
SER CB  HB3  sing N N 328 
SER OG  HG   sing N N 329 
SER OXT HXT  sing N N 330 
THR N   CA   sing N N 331 
THR N   H    sing N N 332 
THR N   H2   sing N N 333 
THR CA  C    sing N N 334 
THR CA  CB   sing N N 335 
THR CA  HA   sing N N 336 
THR C   O    doub N N 337 
THR C   OXT  sing N N 338 
THR CB  OG1  sing N N 339 
THR CB  CG2  sing N N 340 
THR CB  HB   sing N N 341 
THR OG1 HG1  sing N N 342 
THR CG2 HG21 sing N N 343 
THR CG2 HG22 sing N N 344 
THR CG2 HG23 sing N N 345 
THR OXT HXT  sing N N 346 
TRP N   CA   sing N N 347 
TRP N   H    sing N N 348 
TRP N   H2   sing N N 349 
TRP CA  C    sing N N 350 
TRP CA  CB   sing N N 351 
TRP CA  HA   sing N N 352 
TRP C   O    doub N N 353 
TRP C   OXT  sing N N 354 
TRP CB  CG   sing N N 355 
TRP CB  HB2  sing N N 356 
TRP CB  HB3  sing N N 357 
TRP CG  CD1  doub Y N 358 
TRP CG  CD2  sing Y N 359 
TRP CD1 NE1  sing Y N 360 
TRP CD1 HD1  sing N N 361 
TRP CD2 CE2  doub Y N 362 
TRP CD2 CE3  sing Y N 363 
TRP NE1 CE2  sing Y N 364 
TRP NE1 HE1  sing N N 365 
TRP CE2 CZ2  sing Y N 366 
TRP CE3 CZ3  doub Y N 367 
TRP CE3 HE3  sing N N 368 
TRP CZ2 CH2  doub Y N 369 
TRP CZ2 HZ2  sing N N 370 
TRP CZ3 CH2  sing Y N 371 
TRP CZ3 HZ3  sing N N 372 
TRP CH2 HH2  sing N N 373 
TRP OXT HXT  sing N N 374 
TYR N   CA   sing N N 375 
TYR N   H    sing N N 376 
TYR N   H2   sing N N 377 
TYR CA  C    sing N N 378 
TYR CA  CB   sing N N 379 
TYR CA  HA   sing N N 380 
TYR C   O    doub N N 381 
TYR C   OXT  sing N N 382 
TYR CB  CG   sing N N 383 
TYR CB  HB2  sing N N 384 
TYR CB  HB3  sing N N 385 
TYR CG  CD1  doub Y N 386 
TYR CG  CD2  sing Y N 387 
TYR CD1 CE1  sing Y N 388 
TYR CD1 HD1  sing N N 389 
TYR CD2 CE2  doub Y N 390 
TYR CD2 HD2  sing N N 391 
TYR CE1 CZ   doub Y N 392 
TYR CE1 HE1  sing N N 393 
TYR CE2 CZ   sing Y N 394 
TYR CE2 HE2  sing N N 395 
TYR CZ  OH   sing N N 396 
TYR OH  HH   sing N N 397 
TYR OXT HXT  sing N N 398 
VAL N   CA   sing N N 399 
VAL N   H    sing N N 400 
VAL N   H2   sing N N 401 
VAL CA  C    sing N N 402 
VAL CA  CB   sing N N 403 
VAL CA  HA   sing N N 404 
VAL C   O    doub N N 405 
VAL C   OXT  sing N N 406 
VAL CB  CG1  sing N N 407 
VAL CB  CG2  sing N N 408 
VAL CB  HB   sing N N 409 
VAL CG1 HG11 sing N N 410 
VAL CG1 HG12 sing N N 411 
VAL CG1 HG13 sing N N 412 
VAL CG2 HG21 sing N N 413 
VAL CG2 HG22 sing N N 414 
VAL CG2 HG23 sing N N 415 
VAL OXT HXT  sing N N 416 
# 
loop_
_pdbx_entity_branch_list.entity_id 
_pdbx_entity_branch_list.comp_id 
_pdbx_entity_branch_list.num 
_pdbx_entity_branch_list.hetero 
3 A2G 1 n 
3 GAL 2 n 
# 
_pdbx_initial_refinement_model.accession_code   ? 
_pdbx_initial_refinement_model.id               1 
_pdbx_initial_refinement_model.entity_id_list   ? 
_pdbx_initial_refinement_model.type             'experimental model' 
_pdbx_initial_refinement_model.source_name      Other 
_pdbx_initial_refinement_model.details          'STRUCTURE OBTAINED FROM MAD' 
# 
_atom_sites.entry_id                    1JOT 
_atom_sites.fract_transf_matrix[1][1]   0.00275924 
_atom_sites.fract_transf_matrix[1][2]   0.01653388 
_atom_sites.fract_transf_matrix[1][3]   0.00328617 
_atom_sites.fract_transf_matrix[2][1]   -0.00726078 
_atom_sites.fract_transf_matrix[2][2]   0.01197828 
_atom_sites.fract_transf_matrix[2][3]   -0.00977561 
_atom_sites.fract_transf_matrix[3][1]   -0.00532946 
_atom_sites.fract_transf_matrix[3][2]   0.00008255 
_atom_sites.fract_transf_matrix[3][3]   0.00405957 
_atom_sites.fract_transf_vector[1]      0.134972 
_atom_sites.fract_transf_vector[2]      0.302713 
_atom_sites.fract_transf_vector[3]      0.087953 
# 
loop_
_atom_type.symbol 
C 
N 
O 
S 
# 
loop_
_atom_site.group_PDB 
_atom_site.id 
_atom_site.type_symbol 
_atom_site.label_atom_id 
_atom_site.label_alt_id 
_atom_site.label_comp_id 
_atom_site.label_asym_id 
_atom_site.label_entity_id 
_atom_site.label_seq_id 
_atom_site.pdbx_PDB_ins_code 
_atom_site.Cartn_x 
_atom_site.Cartn_y 
_atom_site.Cartn_z 
_atom_site.occupancy 
_atom_site.B_iso_or_equiv 
_atom_site.pdbx_formal_charge 
_atom_site.auth_seq_id 
_atom_site.auth_comp_id 
_atom_site.auth_asym_id 
_atom_site.auth_atom_id 
_atom_site.pdbx_PDB_model_num 
ATOM   1    N N   . GLY A 1 1   ? 0.161   14.179  8.144   1.00 17.31 ? 1   GLY A N   1 
ATOM   2    C CA  . GLY A 1 1   ? -0.631  12.999  8.591   1.00 19.43 ? 1   GLY A CA  1 
ATOM   3    C C   . GLY A 1 1   ? 0.061   12.235  9.700   1.00 17.73 ? 1   GLY A C   1 
ATOM   4    O O   . GLY A 1 1   ? 1.128   12.629  10.157  1.00 20.47 ? 1   GLY A O   1 
ATOM   5    N N   . VAL A 1 2   ? -0.553  11.142  10.139  1.00 16.94 ? 2   VAL A N   1 
ATOM   6    C CA  . VAL A 1 2   ? 0.018   10.316  11.194  1.00 15.12 ? 2   VAL A CA  1 
ATOM   7    C C   . VAL A 1 2   ? 0.832   9.211   10.531  1.00 14.78 ? 2   VAL A C   1 
ATOM   8    O O   . VAL A 1 2   ? 0.323   8.454   9.703   1.00 14.92 ? 2   VAL A O   1 
ATOM   9    C CB  . VAL A 1 2   ? -1.093  9.693   12.077  1.00 15.75 ? 2   VAL A CB  1 
ATOM   10   C CG1 . VAL A 1 2   ? -0.525  8.597   12.965  1.00 15.97 ? 2   VAL A CG1 1 
ATOM   11   C CG2 . VAL A 1 2   ? -1.724  10.771  12.929  1.00 19.93 ? 2   VAL A CG2 1 
ATOM   12   N N   . THR A 1 3   ? 2.104   9.125   10.882  1.00 14.76 ? 3   THR A N   1 
ATOM   13   C CA  . THR A 1 3   ? 2.952   8.113   10.289  1.00 16.30 ? 3   THR A CA  1 
ATOM   14   C C   . THR A 1 3   ? 2.680   6.735   10.878  1.00 17.97 ? 3   THR A C   1 
ATOM   15   O O   . THR A 1 3   ? 2.242   6.598   12.025  1.00 17.81 ? 3   THR A O   1 
ATOM   16   C CB  . THR A 1 3   ? 4.426   8.458   10.486  1.00 18.19 ? 3   THR A CB  1 
ATOM   17   O OG1 . THR A 1 3   ? 4.739   8.403   11.881  1.00 21.37 ? 3   THR A OG1 1 
ATOM   18   C CG2 . THR A 1 3   ? 4.715   9.856   9.959   1.00 13.37 ? 3   THR A CG2 1 
ATOM   19   N N   . PHE A 1 4   ? 2.937   5.710   10.079  1.00 15.87 ? 4   PHE A N   1 
ATOM   20   C CA  . PHE A 1 4   ? 2.735   4.343   10.514  1.00 14.81 ? 4   PHE A CA  1 
ATOM   21   C C   . PHE A 1 4   ? 3.812   3.440   9.928   1.00 17.54 ? 4   PHE A C   1 
ATOM   22   O O   . PHE A 1 4   ? 4.452   3.778   8.933   1.00 13.77 ? 4   PHE A O   1 
ATOM   23   C CB  . PHE A 1 4   ? 1.340   3.860   10.105  1.00 14.72 ? 4   PHE A CB  1 
ATOM   24   C CG  . PHE A 1 4   ? 1.178   3.607   8.630   1.00 15.60 ? 4   PHE A CG  1 
ATOM   25   C CD1 . PHE A 1 4   ? 1.432   2.341   8.094   1.00 15.56 ? 4   PHE A CD1 1 
ATOM   26   C CD2 . PHE A 1 4   ? 0.721   4.617   7.783   1.00 12.55 ? 4   PHE A CD2 1 
ATOM   27   C CE1 . PHE A 1 4   ? 1.229   2.082   6.737   1.00 10.82 ? 4   PHE A CE1 1 
ATOM   28   C CE2 . PHE A 1 4   ? 0.514   4.369   6.423   1.00 15.43 ? 4   PHE A CE2 1 
ATOM   29   C CZ  . PHE A 1 4   ? 0.768   3.099   5.899   1.00 14.23 ? 4   PHE A CZ  1 
ATOM   30   N N   . ASP A 1 5   ? 4.013   2.290   10.558  1.00 19.23 ? 5   ASP A N   1 
ATOM   31   C CA  . ASP A 1 5   ? 5.013   1.341   10.101  1.00 17.41 ? 5   ASP A CA  1 
ATOM   32   C C   . ASP A 1 5   ? 4.623   -0.070  10.526  1.00 15.70 ? 5   ASP A C   1 
ATOM   33   O O   . ASP A 1 5   ? 4.915   -0.494  11.641  1.00 16.83 ? 5   ASP A O   1 
ATOM   34   C CB  . ASP A 1 5   ? 6.379   1.709   10.683  1.00 14.54 ? 5   ASP A CB  1 
ATOM   35   C CG  . ASP A 1 5   ? 7.510   0.915   10.060  1.00 14.13 ? 5   ASP A CG  1 
ATOM   36   O OD1 . ASP A 1 5   ? 7.237   -0.057  9.331   1.00 15.61 ? 5   ASP A OD1 1 
ATOM   37   O OD2 . ASP A 1 5   ? 8.679   1.265   10.298  1.00 18.28 ? 5   ASP A OD2 1 
ATOM   38   N N   . ASP A 1 6   ? 3.970   -0.795  9.624   1.00 13.25 ? 6   ASP A N   1 
ATOM   39   C CA  . ASP A 1 6   ? 3.539   -2.159  9.907   1.00 13.57 ? 6   ASP A CA  1 
ATOM   40   C C   . ASP A 1 6   ? 4.696   -3.099  10.218  1.00 15.57 ? 6   ASP A C   1 
ATOM   41   O O   . ASP A 1 6   ? 4.540   -4.048  10.985  1.00 17.59 ? 6   ASP A O   1 
ATOM   42   C CB  . ASP A 1 6   ? 2.768   -2.726  8.716   1.00 15.27 ? 6   ASP A CB  1 
ATOM   43   C CG  . ASP A 1 6   ? 1.349   -2.215  8.646   1.00 18.26 ? 6   ASP A CG  1 
ATOM   44   O OD1 . ASP A 1 6   ? 0.963   -1.407  9.518   1.00 18.36 ? 6   ASP A OD1 1 
ATOM   45   O OD2 . ASP A 1 6   ? 0.618   -2.624  7.718   1.00 17.19 ? 6   ASP A OD2 1 
ATOM   46   N N   . GLY A 1 7   ? 5.853   -2.850  9.614   1.00 14.15 ? 7   GLY A N   1 
ATOM   47   C CA  . GLY A 1 7   ? 6.985   -3.732  9.839   1.00 11.83 ? 7   GLY A CA  1 
ATOM   48   C C   . GLY A 1 7   ? 6.989   -4.812  8.774   1.00 11.14 ? 7   GLY A C   1 
ATOM   49   O O   . GLY A 1 7   ? 6.311   -4.675  7.756   1.00 12.07 ? 7   GLY A O   1 
ATOM   50   N N   . ALA A 1 8   ? 7.722   -5.895  9.007   1.00 11.21 ? 8   ALA A N   1 
ATOM   51   C CA  . ALA A 1 8   ? 7.811   -6.974  8.027   1.00 15.53 ? 8   ALA A CA  1 
ATOM   52   C C   . ALA A 1 8   ? 7.159   -8.274  8.488   1.00 14.47 ? 8   ALA A C   1 
ATOM   53   O O   . ALA A 1 8   ? 7.253   -8.643  9.655   1.00 14.27 ? 8   ALA A O   1 
ATOM   54   C CB  . ALA A 1 8   ? 9.276   -7.228  7.682   1.00 15.89 ? 8   ALA A CB  1 
ATOM   55   N N   . TYR A 1 9   ? 6.514   -8.969  7.557   1.00 14.79 ? 9   TYR A N   1 
ATOM   56   C CA  . TYR A 1 9   ? 5.843   -10.230 7.858   1.00 16.74 ? 9   TYR A CA  1 
ATOM   57   C C   . TYR A 1 9   ? 6.253   -11.303 6.844   1.00 18.43 ? 9   TYR A C   1 
ATOM   58   O O   . TYR A 1 9   ? 7.250   -11.142 6.146   1.00 16.93 ? 9   TYR A O   1 
ATOM   59   C CB  . TYR A 1 9   ? 4.316   -10.020 7.873   1.00 18.03 ? 9   TYR A CB  1 
ATOM   60   C CG  . TYR A 1 9   ? 3.895   -8.990  8.911   1.00 16.25 ? 9   TYR A CG  1 
ATOM   61   C CD1 . TYR A 1 9   ? 3.976   -7.626  8.631   1.00 16.32 ? 9   TYR A CD1 1 
ATOM   62   C CD2 . TYR A 1 9   ? 3.549   -9.374  10.209  1.00 16.05 ? 9   TYR A CD2 1 
ATOM   63   C CE1 . TYR A 1 9   ? 3.742   -6.664  9.613   1.00 14.59 ? 9   TYR A CE1 1 
ATOM   64   C CE2 . TYR A 1 9   ? 3.313   -8.414  11.207  1.00 15.30 ? 9   TYR A CE2 1 
ATOM   65   C CZ  . TYR A 1 9   ? 3.421   -7.061  10.895  1.00 17.68 ? 9   TYR A CZ  1 
ATOM   66   O OH  . TYR A 1 9   ? 3.262   -6.099  11.871  1.00 20.00 ? 9   TYR A OH  1 
ATOM   67   N N   . THR A 1 10  ? 5.493   -12.390 6.756   1.00 19.41 ? 10  THR A N   1 
ATOM   68   C CA  . THR A 1 10  ? 5.834   -13.479 5.843   1.00 19.14 ? 10  THR A CA  1 
ATOM   69   C C   . THR A 1 10  ? 5.113   -13.418 4.499   1.00 18.23 ? 10  THR A C   1 
ATOM   70   O O   . THR A 1 10  ? 5.350   -14.248 3.621   1.00 15.89 ? 10  THR A O   1 
ATOM   71   C CB  . THR A 1 10  ? 5.547   -14.859 6.502   1.00 19.68 ? 10  THR A CB  1 
ATOM   72   O OG1 . THR A 1 10  ? 6.114   -14.883 7.814   1.00 28.59 ? 10  THR A OG1 1 
ATOM   73   C CG2 . THR A 1 10  ? 6.175   -15.984 5.697   1.00 25.00 ? 10  THR A CG2 1 
ATOM   74   N N   . GLY A 1 11  ? 4.237   -12.432 4.333   1.00 17.02 ? 11  GLY A N   1 
ATOM   75   C CA  . GLY A 1 11  ? 3.504   -12.318 3.087   1.00 15.28 ? 11  GLY A CA  1 
ATOM   76   C C   . GLY A 1 11  ? 2.270   -11.453 3.249   1.00 15.59 ? 11  GLY A C   1 
ATOM   77   O O   . GLY A 1 11  ? 2.113   -10.775 4.263   1.00 13.51 ? 11  GLY A O   1 
ATOM   78   N N   . ILE A 1 12  ? 1.396   -11.474 2.250   1.00 13.66 ? 12  ILE A N   1 
ATOM   79   C CA  . ILE A 1 12  ? 0.176   -10.680 2.289   1.00 14.95 ? 12  ILE A CA  1 
ATOM   80   C C   . ILE A 1 12  ? -1.031  -11.528 1.905   1.00 16.99 ? 12  ILE A C   1 
ATOM   81   O O   . ILE A 1 12  ? -1.015  -12.228 0.893   1.00 15.17 ? 12  ILE A O   1 
ATOM   82   C CB  . ILE A 1 12  ? 0.265   -9.485  1.325   1.00 16.36 ? 12  ILE A CB  1 
ATOM   83   C CG1 . ILE A 1 12  ? 1.423   -8.575  1.733   1.00 18.60 ? 12  ILE A CG1 1 
ATOM   84   C CG2 . ILE A 1 12  ? -1.036  -8.699  1.341   1.00 14.83 ? 12  ILE A CG2 1 
ATOM   85   C CD1 . ILE A 1 12  ? 1.690   -7.473  0.749   1.00 22.84 ? 12  ILE A CD1 1 
ATOM   86   N N   . ARG A 1 13  ? -2.079  -11.472 2.721   1.00 18.09 ? 13  ARG A N   1 
ATOM   87   C CA  . ARG A 1 13  ? -3.277  -12.244 2.429   1.00 18.04 ? 13  ARG A CA  1 
ATOM   88   C C   . ARG A 1 13  ? -4.390  -11.336 1.934   1.00 18.79 ? 13  ARG A C   1 
ATOM   89   O O   . ARG A 1 13  ? -5.168  -11.727 1.065   1.00 20.71 ? 13  ARG A O   1 
ATOM   90   C CB  . ARG A 1 13  ? -3.739  -13.002 3.670   1.00 15.70 ? 13  ARG A CB  1 
ATOM   91   C CG  . ARG A 1 13  ? -2.857  -14.181 4.043   1.00 18.07 ? 13  ARG A CG  1 
ATOM   92   C CD  . ARG A 1 13  ? -3.034  -14.544 5.514   1.00 20.66 ? 13  ARG A CD  1 
ATOM   93   N NE  . ARG A 1 13  ? -2.439  -15.834 5.848   1.00 22.09 ? 13  ARG A NE  1 
ATOM   94   C CZ  . ARG A 1 13  ? -2.970  -17.012 5.531   1.00 23.26 ? 13  ARG A CZ  1 
ATOM   95   N NH1 . ARG A 1 13  ? -4.114  -17.075 4.863   1.00 25.02 ? 13  ARG A NH1 1 
ATOM   96   N NH2 . ARG A 1 13  ? -2.357  -18.133 5.887   1.00 23.27 ? 13  ARG A NH2 1 
ATOM   97   N N   . GLU A 1 14  ? -4.453  -10.117 2.466   1.00 17.60 ? 14  GLU A N   1 
ATOM   98   C CA  . GLU A 1 14  ? -5.497  -9.182  2.060   1.00 17.74 ? 14  GLU A CA  1 
ATOM   99   C C   . GLU A 1 14  ? -5.155  -7.706  2.267   1.00 15.41 ? 14  GLU A C   1 
ATOM   100  O O   . GLU A 1 14  ? -4.484  -7.332  3.230   1.00 14.64 ? 14  GLU A O   1 
ATOM   101  C CB  . GLU A 1 14  ? -6.789  -9.514  2.815   1.00 20.70 ? 14  GLU A CB  1 
ATOM   102  C CG  . GLU A 1 14  ? -8.041  -8.869  2.238   1.00 32.60 ? 14  GLU A CG  1 
ATOM   103  C CD  . GLU A 1 14  ? -9.197  -8.859  3.224   1.00 35.95 ? 14  GLU A CD  1 
ATOM   104  O OE1 . GLU A 1 14  ? -9.518  -9.928  3.783   1.00 37.38 ? 14  GLU A OE1 1 
ATOM   105  O OE2 . GLU A 1 14  ? -9.779  -7.779  3.442   1.00 40.72 ? 14  GLU A OE2 1 
ATOM   106  N N   . ILE A 1 15  ? -5.629  -6.869  1.349   1.00 16.46 ? 15  ILE A N   1 
ATOM   107  C CA  . ILE A 1 15  ? -5.404  -5.432  1.429   1.00 17.59 ? 15  ILE A CA  1 
ATOM   108  C C   . ILE A 1 15  ? -6.734  -4.683  1.378   1.00 18.73 ? 15  ILE A C   1 
ATOM   109  O O   . ILE A 1 15  ? -7.552  -4.914  0.495   1.00 17.98 ? 15  ILE A O   1 
ATOM   110  C CB  . ILE A 1 15  ? -4.522  -4.915  0.267   1.00 18.72 ? 15  ILE A CB  1 
ATOM   111  C CG1 . ILE A 1 15  ? -3.201  -5.685  0.230   1.00 19.30 ? 15  ILE A CG1 1 
ATOM   112  C CG2 . ILE A 1 15  ? -4.267  -3.402  0.439   1.00 14.04 ? 15  ILE A CG2 1 
ATOM   113  C CD1 . ILE A 1 15  ? -2.197  -5.147  -0.770  1.00 21.26 ? 15  ILE A CD1 1 
ATOM   114  N N   . ASN A 1 16  ? -6.937  -3.787  2.336   1.00 18.31 ? 16  ASN A N   1 
ATOM   115  C CA  . ASN A 1 16  ? -8.151  -2.991  2.394   1.00 19.98 ? 16  ASN A CA  1 
ATOM   116  C C   . ASN A 1 16  ? -7.773  -1.517  2.388   1.00 19.23 ? 16  ASN A C   1 
ATOM   117  O O   . ASN A 1 16  ? -6.956  -1.080  3.197   1.00 19.26 ? 16  ASN A O   1 
ATOM   118  C CB  . ASN A 1 16  ? -8.940  -3.308  3.669   1.00 24.61 ? 16  ASN A CB  1 
ATOM   119  C CG  . ASN A 1 16  ? -9.541  -4.706  3.651   1.00 30.99 ? 16  ASN A CG  1 
ATOM   120  O OD1 . ASN A 1 16  ? -9.596  -5.383  4.676   1.00 37.09 ? 16  ASN A OD1 1 
ATOM   121  N ND2 . ASN A 1 16  ? -9.991  -5.143  2.484   1.00 34.24 ? 16  ASN A ND2 1 
ATOM   122  N N   . PHE A 1 17  ? -8.347  -0.751  1.470   1.00 17.32 ? 17  PHE A N   1 
ATOM   123  C CA  . PHE A 1 17  ? -8.057  0.671   1.423   1.00 18.24 ? 17  PHE A CA  1 
ATOM   124  C C   . PHE A 1 17  ? -9.224  1.450   0.845   1.00 21.66 ? 17  PHE A C   1 
ATOM   125  O O   . PHE A 1 17  ? -10.095 0.885   0.182   1.00 23.77 ? 17  PHE A O   1 
ATOM   126  C CB  . PHE A 1 17  ? -6.786  0.942   0.612   1.00 20.57 ? 17  PHE A CB  1 
ATOM   127  C CG  . PHE A 1 17  ? -6.870  0.509   -0.826  1.00 20.11 ? 17  PHE A CG  1 
ATOM   128  C CD1 . PHE A 1 17  ? -6.665  -0.821  -1.178  1.00 20.45 ? 17  PHE A CD1 1 
ATOM   129  C CD2 . PHE A 1 17  ? -7.135  1.435   -1.831  1.00 19.29 ? 17  PHE A CD2 1 
ATOM   130  C CE1 . PHE A 1 17  ? -6.723  -1.224  -2.512  1.00 18.81 ? 17  PHE A CE1 1 
ATOM   131  C CE2 . PHE A 1 17  ? -7.195  1.044   -3.166  1.00 20.61 ? 17  PHE A CE2 1 
ATOM   132  C CZ  . PHE A 1 17  ? -6.988  -0.291  -3.506  1.00 20.85 ? 17  PHE A CZ  1 
ATOM   133  N N   . GLU A 1 18  ? -9.240  2.751   1.108   1.00 22.86 ? 18  GLU A N   1 
ATOM   134  C CA  . GLU A 1 18  ? -10.306 3.606   0.618   1.00 24.17 ? 18  GLU A CA  1 
ATOM   135  C C   . GLU A 1 18  ? -9.821  4.514   -0.496  1.00 25.21 ? 18  GLU A C   1 
ATOM   136  O O   . GLU A 1 18  ? -8.629  4.806   -0.607  1.00 22.94 ? 18  GLU A O   1 
ATOM   137  C CB  . GLU A 1 18  ? -10.862 4.484   1.742   1.00 26.65 ? 18  GLU A CB  1 
ATOM   138  C CG  . GLU A 1 18  ? -10.723 3.939   3.147   1.00 32.96 ? 18  GLU A CG  1 
ATOM   139  C CD  . GLU A 1 18  ? -11.114 4.969   4.195   1.00 35.17 ? 18  GLU A CD  1 
ATOM   140  O OE1 . GLU A 1 18  ? -12.325 5.139   4.434   1.00 39.49 ? 18  GLU A OE1 1 
ATOM   141  O OE2 . GLU A 1 18  ? -10.216 5.617   4.775   1.00 35.64 ? 18  GLU A OE2 1 
ATOM   142  N N   . TYR A 1 19  ? -10.766 4.964   -1.312  1.00 24.32 ? 19  TYR A N   1 
ATOM   143  C CA  . TYR A 1 19  ? -10.469 5.868   -2.406  1.00 25.03 ? 19  TYR A CA  1 
ATOM   144  C C   . TYR A 1 19  ? -11.679 6.735   -2.738  1.00 28.09 ? 19  TYR A C   1 
ATOM   145  O O   . TYR A 1 19  ? -12.828 6.350   -2.521  1.00 25.61 ? 19  TYR A O   1 
ATOM   146  C CB  . TYR A 1 19  ? -10.036 5.085   -3.646  1.00 24.32 ? 19  TYR A CB  1 
ATOM   147  C CG  . TYR A 1 19  ? -11.154 4.348   -4.348  1.00 24.17 ? 19  TYR A CG  1 
ATOM   148  C CD1 . TYR A 1 19  ? -11.887 4.956   -5.372  1.00 25.88 ? 19  TYR A CD1 1 
ATOM   149  C CD2 . TYR A 1 19  ? -11.464 3.034   -4.009  1.00 24.54 ? 19  TYR A CD2 1 
ATOM   150  C CE1 . TYR A 1 19  ? -12.899 4.270   -6.037  1.00 24.80 ? 19  TYR A CE1 1 
ATOM   151  C CE2 . TYR A 1 19  ? -12.469 2.341   -4.665  1.00 24.32 ? 19  TYR A CE2 1 
ATOM   152  C CZ  . TYR A 1 19  ? -13.183 2.961   -5.678  1.00 26.79 ? 19  TYR A CZ  1 
ATOM   153  O OH  . TYR A 1 19  ? -14.185 2.269   -6.321  1.00 32.76 ? 19  TYR A OH  1 
ATOM   154  N N   . ASN A 1 20  ? -11.397 7.917   -3.267  1.00 28.68 ? 20  ASN A N   1 
ATOM   155  C CA  . ASN A 1 20  ? -12.422 8.862   -3.662  1.00 28.90 ? 20  ASN A CA  1 
ATOM   156  C C   . ASN A 1 20  ? -12.073 9.240   -5.095  1.00 30.74 ? 20  ASN A C   1 
ATOM   157  O O   . ASN A 1 20  ? -11.003 9.799   -5.351  1.00 27.29 ? 20  ASN A O   1 
ATOM   158  C CB  . ASN A 1 20  ? -12.370 10.094  -2.755  1.00 26.27 ? 20  ASN A CB  1 
ATOM   159  C CG  . ASN A 1 20  ? -13.530 11.038  -2.983  1.00 24.80 ? 20  ASN A CG  1 
ATOM   160  O OD1 . ASN A 1 20  ? -13.791 11.465  -4.107  1.00 23.11 ? 20  ASN A OD1 1 
ATOM   161  N ND2 . ASN A 1 20  ? -14.233 11.373  -1.908  1.00 28.89 ? 20  ASN A ND2 1 
ATOM   162  N N   . SER A 1 21  ? -12.967 8.919   -6.027  1.00 32.49 ? 21  SER A N   1 
ATOM   163  C CA  . SER A 1 21  ? -12.744 9.221   -7.442  1.00 34.32 ? 21  SER A CA  1 
ATOM   164  C C   . SER A 1 21  ? -12.596 10.712  -7.728  1.00 32.85 ? 21  SER A C   1 
ATOM   165  O O   . SER A 1 21  ? -12.263 11.106  -8.841  1.00 35.65 ? 21  SER A O   1 
ATOM   166  C CB  . SER A 1 21  ? -13.886 8.655   -8.287  1.00 37.23 ? 21  SER A CB  1 
ATOM   167  O OG  . SER A 1 21  ? -13.486 7.450   -8.916  1.00 47.39 ? 21  SER A OG  1 
ATOM   168  N N   . GLU A 1 22  ? -12.838 11.540  -6.723  1.00 32.59 ? 22  GLU A N   1 
ATOM   169  C CA  . GLU A 1 22  ? -12.718 12.978  -6.894  1.00 34.72 ? 22  GLU A CA  1 
ATOM   170  C C   . GLU A 1 22  ? -11.415 13.478  -6.289  1.00 31.55 ? 22  GLU A C   1 
ATOM   171  O O   . GLU A 1 22  ? -10.829 14.443  -6.772  1.00 31.61 ? 22  GLU A O   1 
ATOM   172  C CB  . GLU A 1 22  ? -13.879 13.693  -6.200  1.00 41.30 ? 22  GLU A CB  1 
ATOM   173  C CG  . GLU A 1 22  ? -14.954 14.252  -7.118  1.00 52.86 ? 22  GLU A CG  1 
ATOM   174  C CD  . GLU A 1 22  ? -16.230 14.609  -6.355  1.00 60.36 ? 22  GLU A CD  1 
ATOM   175  O OE1 . GLU A 1 22  ? -16.129 15.049  -5.185  1.00 61.36 ? 22  GLU A OE1 1 
ATOM   176  O OE2 . GLU A 1 22  ? -17.334 14.445  -6.920  1.00 63.94 ? 22  GLU A OE2 1 
ATOM   177  N N   . THR A 1 23  ? -10.959 12.816  -5.230  1.00 27.98 ? 23  THR A N   1 
ATOM   178  C CA  . THR A 1 23  ? -9.754  13.256  -4.547  1.00 25.08 ? 23  THR A CA  1 
ATOM   179  C C   . THR A 1 23  ? -8.521  12.356  -4.607  1.00 24.73 ? 23  THR A C   1 
ATOM   180  O O   . THR A 1 23  ? -7.712  12.466  -5.525  1.00 25.74 ? 23  THR A O   1 
ATOM   181  C CB  . THR A 1 23  ? -10.065 13.566  -3.071  1.00 22.29 ? 23  THR A CB  1 
ATOM   182  O OG1 . THR A 1 23  ? -10.634 12.411  -2.446  1.00 21.97 ? 23  THR A OG1 1 
ATOM   183  C CG2 . THR A 1 23  ? -11.055 14.697  -2.974  1.00 24.74 ? 23  THR A CG2 1 
ATOM   184  N N   . ALA A 1 24  ? -8.369  11.475  -3.622  1.00 23.17 ? 24  ALA A N   1 
ATOM   185  C CA  . ALA A 1 24  ? -7.200  10.611  -3.567  1.00 19.96 ? 24  ALA A CA  1 
ATOM   186  C C   . ALA A 1 24  ? -7.431  9.362   -2.726  1.00 20.95 ? 24  ALA A C   1 
ATOM   187  O O   . ALA A 1 24  ? -8.565  9.035   -2.361  1.00 19.84 ? 24  ALA A O   1 
ATOM   188  C CB  . ALA A 1 24  ? -6.022  11.397  -3.003  1.00 16.19 ? 24  ALA A CB  1 
ATOM   189  N N   . ILE A 1 25  ? -6.341  8.667   -2.417  1.00 18.55 ? 25  ILE A N   1 
ATOM   190  C CA  . ILE A 1 25  ? -6.412  7.460   -1.609  1.00 18.94 ? 25  ILE A CA  1 
ATOM   191  C C   . ILE A 1 25  ? -6.556  7.836   -0.129  1.00 20.19 ? 25  ILE A C   1 
ATOM   192  O O   . ILE A 1 25  ? -5.920  8.779   0.352   1.00 21.11 ? 25  ILE A O   1 
ATOM   193  C CB  . ILE A 1 25  ? -5.147  6.580   -1.800  1.00 17.72 ? 25  ILE A CB  1 
ATOM   194  C CG1 . ILE A 1 25  ? -5.029  6.145   -3.268  1.00 16.07 ? 25  ILE A CG1 1 
ATOM   195  C CG2 . ILE A 1 25  ? -5.212  5.356   -0.888  1.00 14.89 ? 25  ILE A CG2 1 
ATOM   196  C CD1 . ILE A 1 25  ? -6.118  5.190   -3.736  1.00 12.87 ? 25  ILE A CD1 1 
ATOM   197  N N   . GLY A 1 26  ? -7.401  7.095   0.583   1.00 18.39 ? 26  GLY A N   1 
ATOM   198  C CA  . GLY A 1 26  ? -7.615  7.363   1.990   1.00 18.09 ? 26  GLY A CA  1 
ATOM   199  C C   . GLY A 1 26  ? -6.879  6.391   2.888   1.00 20.54 ? 26  GLY A C   1 
ATOM   200  O O   . GLY A 1 26  ? -5.690  6.141   2.702   1.00 21.15 ? 26  GLY A O   1 
ATOM   201  N N   . GLY A 1 27  ? -7.591  5.830   3.860   1.00 17.32 ? 27  GLY A N   1 
ATOM   202  C CA  . GLY A 1 27  ? -6.968  4.904   4.786   1.00 16.06 ? 27  GLY A CA  1 
ATOM   203  C C   . GLY A 1 27  ? -6.634  3.550   4.199   1.00 14.98 ? 27  GLY A C   1 
ATOM   204  O O   . GLY A 1 27  ? -6.882  3.278   3.022   1.00 15.73 ? 27  GLY A O   1 
ATOM   205  N N   . LEU A 1 28  ? -6.060  2.689   5.030   1.00 17.19 ? 28  LEU A N   1 
ATOM   206  C CA  . LEU A 1 28  ? -5.702  1.350   4.591   1.00 21.29 ? 28  LEU A CA  1 
ATOM   207  C C   . LEU A 1 28  ? -5.311  0.443   5.756   1.00 18.74 ? 28  LEU A C   1 
ATOM   208  O O   . LEU A 1 28  ? -4.753  0.892   6.760   1.00 18.79 ? 28  LEU A O   1 
ATOM   209  C CB  . LEU A 1 28  ? -4.572  1.437   3.558   1.00 28.49 ? 28  LEU A CB  1 
ATOM   210  C CG  . LEU A 1 28  ? -3.223  0.767   3.798   1.00 30.59 ? 28  LEU A CG  1 
ATOM   211  C CD1 . LEU A 1 28  ? -2.947  -0.226  2.680   1.00 36.41 ? 28  LEU A CD1 1 
ATOM   212  C CD2 . LEU A 1 28  ? -2.143  1.824   3.836   1.00 35.70 ? 28  LEU A CD2 1 
ATOM   213  N N   . ARG A 1 29  ? -5.637  -0.835  5.623   1.00 15.74 ? 29  ARG A N   1 
ATOM   214  C CA  . ARG A 1 29  ? -5.320  -1.821  6.644   1.00 17.99 ? 29  ARG A CA  1 
ATOM   215  C C   . ARG A 1 29  ? -4.911  -3.075  5.914   1.00 17.69 ? 29  ARG A C   1 
ATOM   216  O O   . ARG A 1 29  ? -5.587  -3.503  4.974   1.00 15.56 ? 29  ARG A O   1 
ATOM   217  C CB  . ARG A 1 29  ? -6.536  -2.123  7.520   1.00 21.52 ? 29  ARG A CB  1 
ATOM   218  C CG  . ARG A 1 29  ? -6.212  -2.978  8.741   1.00 26.87 ? 29  ARG A CG  1 
ATOM   219  C CD  . ARG A 1 29  ? -7.468  -3.426  9.456   1.00 26.90 ? 29  ARG A CD  1 
ATOM   220  N NE  . ARG A 1 29  ? -8.453  -3.925  8.504   1.00 44.09 ? 29  ARG A NE  1 
ATOM   221  C CZ  . ARG A 1 29  ? -9.717  -3.516  8.443   1.00 52.48 ? 29  ARG A CZ  1 
ATOM   222  N NH1 . ARG A 1 29  ? -10.164 -2.592  9.287   1.00 55.51 ? 29  ARG A NH1 1 
ATOM   223  N NH2 . ARG A 1 29  ? -10.537 -4.027  7.532   1.00 55.80 ? 29  ARG A NH2 1 
ATOM   224  N N   . VAL A 1 30  ? -3.809  -3.674  6.343   1.00 16.29 ? 30  VAL A N   1 
ATOM   225  C CA  . VAL A 1 30  ? -3.335  -4.871  5.675   1.00 16.05 ? 30  VAL A CA  1 
ATOM   226  C C   . VAL A 1 30  ? -3.411  -6.111  6.550   1.00 14.78 ? 30  VAL A C   1 
ATOM   227  O O   . VAL A 1 30  ? -3.158  -6.050  7.750   1.00 13.04 ? 30  VAL A O   1 
ATOM   228  C CB  . VAL A 1 30  ? -1.868  -4.681  5.184   1.00 16.75 ? 30  VAL A CB  1 
ATOM   229  C CG1 . VAL A 1 30  ? -1.354  -5.964  4.514   1.00 11.42 ? 30  VAL A CG1 1 
ATOM   230  C CG2 . VAL A 1 30  ? -1.798  -3.505  4.206   1.00 12.60 ? 30  VAL A CG2 1 
ATOM   231  N N   . THR A 1 31  ? -3.790  -7.230  5.939   1.00 15.19 ? 31  THR A N   1 
ATOM   232  C CA  . THR A 1 31  ? -3.839  -8.510  6.637   1.00 15.94 ? 31  THR A CA  1 
ATOM   233  C C   . THR A 1 31  ? -2.650  -9.278  6.070   1.00 17.45 ? 31  THR A C   1 
ATOM   234  O O   . THR A 1 31  ? -2.661  -9.728  4.924   1.00 16.74 ? 31  THR A O   1 
ATOM   235  C CB  . THR A 1 31  ? -5.135  -9.301  6.347   1.00 16.81 ? 31  THR A CB  1 
ATOM   236  O OG1 . THR A 1 31  ? -6.234  -8.680  7.025   1.00 19.10 ? 31  THR A OG1 1 
ATOM   237  C CG2 . THR A 1 31  ? -5.006  -10.736 6.839   1.00 14.67 ? 31  THR A CG2 1 
ATOM   238  N N   . TYR A 1 32  ? -1.614  -9.399  6.884   1.00 17.65 ? 32  TYR A N   1 
ATOM   239  C CA  . TYR A 1 32  ? -0.394  -10.085 6.494   1.00 16.25 ? 32  TYR A CA  1 
ATOM   240  C C   . TYR A 1 32  ? -0.461  -11.558 6.821   1.00 15.82 ? 32  TYR A C   1 
ATOM   241  O O   . TYR A 1 32  ? -1.388  -12.019 7.479   1.00 17.88 ? 32  TYR A O   1 
ATOM   242  C CB  . TYR A 1 32  ? 0.788   -9.491  7.266   1.00 13.52 ? 32  TYR A CB  1 
ATOM   243  C CG  . TYR A 1 32  ? 1.060   -8.043  6.967   1.00 15.70 ? 32  TYR A CG  1 
ATOM   244  C CD1 . TYR A 1 32  ? 1.737   -7.675  5.807   1.00 13.63 ? 32  TYR A CD1 1 
ATOM   245  C CD2 . TYR A 1 32  ? 0.633   -7.036  7.833   1.00 13.47 ? 32  TYR A CD2 1 
ATOM   246  C CE1 . TYR A 1 32  ? 1.983   -6.343  5.511   1.00 14.63 ? 32  TYR A CE1 1 
ATOM   247  C CE2 . TYR A 1 32  ? 0.874   -5.691  7.546   1.00 14.48 ? 32  TYR A CE2 1 
ATOM   248  C CZ  . TYR A 1 32  ? 1.550   -5.357  6.379   1.00 16.30 ? 32  TYR A CZ  1 
ATOM   249  O OH  . TYR A 1 32  ? 1.782   -4.043  6.061   1.00 15.44 ? 32  TYR A OH  1 
ATOM   250  N N   . ASP A 1 33  ? 0.522   -12.305 6.339   1.00 14.98 ? 33  ASP A N   1 
ATOM   251  C CA  . ASP A 1 33  ? 0.616   -13.704 6.700   1.00 13.00 ? 33  ASP A CA  1 
ATOM   252  C C   . ASP A 1 33  ? 1.770   -13.674 7.691   1.00 13.70 ? 33  ASP A C   1 
ATOM   253  O O   . ASP A 1 33  ? 2.731   -12.918 7.517   1.00 15.06 ? 33  ASP A O   1 
ATOM   254  C CB  . ASP A 1 33  ? 1.011   -14.604 5.536   1.00 14.58 ? 33  ASP A CB  1 
ATOM   255  C CG  . ASP A 1 33  ? 1.386   -16.014 6.002   1.00 20.72 ? 33  ASP A CG  1 
ATOM   256  O OD1 . ASP A 1 33  ? 0.471   -16.813 6.281   1.00 17.51 ? 33  ASP A OD1 1 
ATOM   257  O OD2 . ASP A 1 33  ? 2.594   -16.326 6.107   1.00 23.58 ? 33  ASP A OD2 1 
ATOM   258  N N   . LEU A 1 34  ? 1.662   -14.462 8.748   1.00 12.29 ? 34  LEU A N   1 
ATOM   259  C CA  . LEU A 1 34  ? 2.717   -14.539 9.734   1.00 14.27 ? 34  LEU A CA  1 
ATOM   260  C C   . LEU A 1 34  ? 2.964   -16.009 9.998   1.00 16.08 ? 34  LEU A C   1 
ATOM   261  O O   . LEU A 1 34  ? 2.241   -16.651 10.751  1.00 15.41 ? 34  LEU A O   1 
ATOM   262  C CB  . LEU A 1 34  ? 2.333   -13.829 11.035  1.00 13.97 ? 34  LEU A CB  1 
ATOM   263  C CG  . LEU A 1 34  ? 3.467   -13.764 12.070  1.00 16.73 ? 34  LEU A CG  1 
ATOM   264  C CD1 . LEU A 1 34  ? 4.724   -13.216 11.430  1.00 13.18 ? 34  LEU A CD1 1 
ATOM   265  C CD2 . LEU A 1 34  ? 3.054   -12.895 13.242  1.00 18.71 ? 34  LEU A CD2 1 
ATOM   266  N N   . ASN A 1 35  ? 3.979   -16.538 9.332   1.00 19.00 ? 35  ASN A N   1 
ATOM   267  C CA  . ASN A 1 35  ? 4.359   -17.926 9.485   1.00 19.23 ? 35  ASN A CA  1 
ATOM   268  C C   . ASN A 1 35  ? 3.188   -18.869 9.307   1.00 20.36 ? 35  ASN A C   1 
ATOM   269  O O   . ASN A 1 35  ? 3.028   -19.810 10.078  1.00 21.35 ? 35  ASN A O   1 
ATOM   270  C CB  . ASN A 1 35  ? 5.021   -18.130 10.854  1.00 16.25 ? 35  ASN A CB  1 
ATOM   271  C CG  . ASN A 1 35  ? 6.200   -17.190 11.072  1.00 12.69 ? 35  ASN A CG  1 
ATOM   272  O OD1 . ASN A 1 35  ? 6.235   -16.428 12.034  1.00 19.79 ? 35  ASN A OD1 1 
ATOM   273  N ND2 . ASN A 1 35  ? 7.168   -17.237 10.167  1.00 11.93 ? 35  ASN A ND2 1 
ATOM   274  N N   . GLY A 1 36  ? 2.371   -18.609 8.290   1.00 23.52 ? 36  GLY A N   1 
ATOM   275  C CA  . GLY A 1 36  ? 1.238   -19.479 8.006   1.00 26.12 ? 36  GLY A CA  1 
ATOM   276  C C   . GLY A 1 36  ? -0.114  -19.118 8.597   1.00 29.79 ? 36  GLY A C   1 
ATOM   277  O O   . GLY A 1 36  ? -1.104  -19.808 8.347   1.00 32.81 ? 36  GLY A O   1 
ATOM   278  N N   . MET A 1 37  ? -0.180  -18.053 9.385   1.00 28.60 ? 37  MET A N   1 
ATOM   279  C CA  . MET A 1 37  ? -1.448  -17.654 9.968   1.00 26.11 ? 37  MET A CA  1 
ATOM   280  C C   . MET A 1 37  ? -1.747  -16.187 9.679   1.00 27.39 ? 37  MET A C   1 
ATOM   281  O O   . MET A 1 37  ? -0.839  -15.365 9.566   1.00 23.97 ? 37  MET A O   1 
ATOM   282  C CB  . MET A 1 37  ? -1.443  -17.916 11.476  1.00 27.37 ? 37  MET A CB  1 
ATOM   283  C CG  . MET A 1 37  ? -1.077  -16.724 12.341  1.00 33.16 ? 37  MET A CG  1 
ATOM   284  S SD  . MET A 1 37  ? -0.349  -17.166 13.953  1.00 39.41 ? 37  MET A SD  1 
ATOM   285  C CE  . MET A 1 37  ? -0.267  -18.941 13.849  1.00 37.28 ? 37  MET A CE  1 
ATOM   286  N N   . PRO A 1 38  ? -3.034  -15.849 9.519   1.00 24.94 ? 38  PRO A N   1 
ATOM   287  C CA  . PRO A 1 38  ? -3.438  -14.468 9.243   1.00 22.38 ? 38  PRO A CA  1 
ATOM   288  C C   . PRO A 1 38  ? -3.069  -13.552 10.392  1.00 19.72 ? 38  PRO A C   1 
ATOM   289  O O   . PRO A 1 38  ? -3.180  -13.927 11.554  1.00 24.05 ? 38  PRO A O   1 
ATOM   290  C CB  . PRO A 1 38  ? -4.955  -14.559 9.072   1.00 25.62 ? 38  PRO A CB  1 
ATOM   291  C CG  . PRO A 1 38  ? -5.228  -16.007 8.809   1.00 27.93 ? 38  PRO A CG  1 
ATOM   292  C CD  . PRO A 1 38  ? -4.187  -16.761 9.564   1.00 25.46 ? 38  PRO A CD  1 
ATOM   293  N N   . PHE A 1 39  ? -2.616  -12.352 10.068  1.00 17.18 ? 39  PHE A N   1 
ATOM   294  C CA  . PHE A 1 39  ? -2.264  -11.387 11.092  1.00 17.18 ? 39  PHE A CA  1 
ATOM   295  C C   . PHE A 1 39  ? -2.768  -10.034 10.614  1.00 19.53 ? 39  PHE A C   1 
ATOM   296  O O   . PHE A 1 39  ? -2.264  -9.477  9.639   1.00 20.76 ? 39  PHE A O   1 
ATOM   297  C CB  . PHE A 1 39  ? -0.749  -11.352 11.320  1.00 16.10 ? 39  PHE A CB  1 
ATOM   298  C CG  . PHE A 1 39  ? -0.330  -10.437 12.438  1.00 13.16 ? 39  PHE A CG  1 
ATOM   299  C CD1 . PHE A 1 39  ? -0.096  -9.088  12.199  1.00 17.91 ? 39  PHE A CD1 1 
ATOM   300  C CD2 . PHE A 1 39  ? -0.207  -10.912 13.730  1.00 16.15 ? 39  PHE A CD2 1 
ATOM   301  C CE1 . PHE A 1 39  ? 0.254   -8.225  13.235  1.00 17.55 ? 39  PHE A CE1 1 
ATOM   302  C CE2 . PHE A 1 39  ? 0.144   -10.059 14.774  1.00 18.58 ? 39  PHE A CE2 1 
ATOM   303  C CZ  . PHE A 1 39  ? 0.374   -8.712  14.526  1.00 17.07 ? 39  PHE A CZ  1 
ATOM   304  N N   . VAL A 1 40  ? -3.785  -9.516  11.289  1.00 23.26 ? 40  VAL A N   1 
ATOM   305  C CA  . VAL A 1 40  ? -4.354  -8.236  10.908  1.00 23.65 ? 40  VAL A CA  1 
ATOM   306  C C   . VAL A 1 40  ? -3.598  -7.133  11.614  1.00 25.38 ? 40  VAL A C   1 
ATOM   307  O O   . VAL A 1 40  ? -3.524  -7.118  12.838  1.00 27.87 ? 40  VAL A O   1 
ATOM   308  C CB  . VAL A 1 40  ? -5.850  -8.161  11.271  1.00 23.87 ? 40  VAL A CB  1 
ATOM   309  C CG1 . VAL A 1 40  ? -6.431  -6.846  10.800  1.00 19.79 ? 40  VAL A CG1 1 
ATOM   310  C CG2 . VAL A 1 40  ? -6.600  -9.329  10.626  1.00 22.31 ? 40  VAL A CG2 1 
ATOM   311  N N   . ALA A 1 41  ? -3.025  -6.222  10.827  1.00 26.88 ? 41  ALA A N   1 
ATOM   312  C CA  . ALA A 1 41  ? -2.251  -5.099  11.353  1.00 24.25 ? 41  ALA A CA  1 
ATOM   313  C C   . ALA A 1 41  ? -3.159  -3.931  11.717  1.00 22.56 ? 41  ALA A C   1 
ATOM   314  O O   . ALA A 1 41  ? -4.358  -3.967  11.460  1.00 22.55 ? 41  ALA A O   1 
ATOM   315  C CB  . ALA A 1 41  ? -1.209  -4.650  10.323  1.00 25.31 ? 41  ALA A CB  1 
ATOM   316  N N   . GLU A 1 42  ? -2.573  -2.899  12.317  1.00 23.11 ? 42  GLU A N   1 
ATOM   317  C CA  . GLU A 1 42  ? -3.319  -1.716  12.733  1.00 24.88 ? 42  GLU A CA  1 
ATOM   318  C C   . GLU A 1 42  ? -4.024  -1.052  11.565  1.00 25.25 ? 42  GLU A C   1 
ATOM   319  O O   . GLU A 1 42  ? -3.468  -0.952  10.475  1.00 24.73 ? 42  GLU A O   1 
ATOM   320  C CB  . GLU A 1 42  ? -2.381  -0.691  13.361  1.00 31.57 ? 42  GLU A CB  1 
ATOM   321  C CG  . GLU A 1 42  ? -1.878  -1.034  14.750  1.00 45.77 ? 42  GLU A CG  1 
ATOM   322  C CD  . GLU A 1 42  ? -0.797  -0.067  15.216  1.00 55.68 ? 42  GLU A CD  1 
ATOM   323  O OE1 . GLU A 1 42  ? -0.685  1.032   14.621  1.00 59.86 ? 42  GLU A OE1 1 
ATOM   324  O OE2 . GLU A 1 42  ? -0.061  -0.402  16.171  1.00 60.63 ? 42  GLU A OE2 1 
ATOM   325  N N   . ASP A 1 43  ? -5.249  -0.593  11.801  1.00 22.22 ? 43  ASP A N   1 
ATOM   326  C CA  . ASP A 1 43  ? -6.010  0.090   10.769  1.00 21.65 ? 43  ASP A CA  1 
ATOM   327  C C   . ASP A 1 43  ? -5.499  1.521   10.745  1.00 23.02 ? 43  ASP A C   1 
ATOM   328  O O   . ASP A 1 43  ? -5.415  2.174   11.785  1.00 26.07 ? 43  ASP A O   1 
ATOM   329  C CB  . ASP A 1 43  ? -7.498  0.073   11.108  1.00 25.87 ? 43  ASP A CB  1 
ATOM   330  C CG  . ASP A 1 43  ? -8.352  0.670   10.012  1.00 27.11 ? 43  ASP A CG  1 
ATOM   331  O OD1 . ASP A 1 43  ? -7.849  0.852   8.884   1.00 27.33 ? 43  ASP A OD1 1 
ATOM   332  O OD2 . ASP A 1 43  ? -9.536  0.956   10.280  1.00 33.08 ? 43  ASP A OD2 1 
ATOM   333  N N   . HIS A 1 44  ? -5.133  2.006   9.567   1.00 22.64 ? 44  HIS A N   1 
ATOM   334  C CA  . HIS A 1 44  ? -4.621  3.363   9.441   1.00 17.67 ? 44  HIS A CA  1 
ATOM   335  C C   . HIS A 1 44  ? -5.691  4.158   8.723   1.00 21.22 ? 44  HIS A C   1 
ATOM   336  O O   . HIS A 1 44  ? -5.794  4.122   7.496   1.00 23.72 ? 44  HIS A O   1 
ATOM   337  C CB  . HIS A 1 44  ? -3.306  3.349   8.656   1.00 15.52 ? 44  HIS A CB  1 
ATOM   338  C CG  . HIS A 1 44  ? -2.348  2.291   9.115   1.00 11.25 ? 44  HIS A CG  1 
ATOM   339  N ND1 . HIS A 1 44  ? -1.665  2.376   10.310  1.00 11.81 ? 44  HIS A ND1 1 
ATOM   340  C CD2 . HIS A 1 44  ? -1.966  1.122   8.548   1.00 14.66 ? 44  HIS A CD2 1 
ATOM   341  C CE1 . HIS A 1 44  ? -0.903  1.305   10.458  1.00 7.28  ? 44  HIS A CE1 1 
ATOM   342  N NE2 . HIS A 1 44  ? -1.067  0.530   9.402   1.00 11.16 ? 44  HIS A NE2 1 
ATOM   343  N N   . LYS A 1 45  ? -6.493  4.878   9.502   1.00 21.03 ? 45  LYS A N   1 
ATOM   344  C CA  . LYS A 1 45  ? -7.601  5.647   8.957   1.00 19.97 ? 45  LYS A CA  1 
ATOM   345  C C   . LYS A 1 45  ? -7.339  7.088   8.537   1.00 20.42 ? 45  LYS A C   1 
ATOM   346  O O   . LYS A 1 45  ? -6.446  7.765   9.044   1.00 18.76 ? 45  LYS A O   1 
ATOM   347  C CB  . LYS A 1 45  ? -8.768  5.631   9.947   1.00 22.18 ? 45  LYS A CB  1 
ATOM   348  C CG  . LYS A 1 45  ? -8.599  4.653   11.092  1.00 27.42 ? 45  LYS A CG  1 
ATOM   349  C CD  . LYS A 1 45  ? -9.941  4.105   11.545  1.00 30.75 ? 45  LYS A CD  1 
ATOM   350  C CE  . LYS A 1 45  ? -10.604 5.033   12.545  1.00 34.91 ? 45  LYS A CE  1 
ATOM   351  N NZ  . LYS A 1 45  ? -11.381 4.276   13.568  1.00 39.44 ? 45  LYS A NZ  1 
ATOM   352  N N   . SER A 1 46  ? -8.157  7.534   7.590   1.00 20.89 ? 46  SER A N   1 
ATOM   353  C CA  . SER A 1 46  ? -8.121  8.887   7.062   1.00 18.47 ? 46  SER A CA  1 
ATOM   354  C C   . SER A 1 46  ? -8.702  9.805   8.133   1.00 20.88 ? 46  SER A C   1 
ATOM   355  O O   . SER A 1 46  ? -9.459  9.353   8.993   1.00 22.28 ? 46  SER A O   1 
ATOM   356  C CB  . SER A 1 46  ? -8.989  8.952   5.807   1.00 16.10 ? 46  SER A CB  1 
ATOM   357  O OG  . SER A 1 46  ? -9.310  10.283  5.474   1.00 15.35 ? 46  SER A OG  1 
ATOM   358  N N   . PHE A 1 47  ? -8.353  11.086  8.088   1.00 21.98 ? 47  PHE A N   1 
ATOM   359  C CA  . PHE A 1 47  ? -8.870  12.047  9.063   1.00 21.43 ? 47  PHE A CA  1 
ATOM   360  C C   . PHE A 1 47  ? -10.314 12.408  8.729   1.00 23.21 ? 47  PHE A C   1 
ATOM   361  O O   . PHE A 1 47  ? -10.994 13.033  9.535   1.00 28.67 ? 47  PHE A O   1 
ATOM   362  C CB  . PHE A 1 47  ? -8.047  13.342  9.053   1.00 18.90 ? 47  PHE A CB  1 
ATOM   363  C CG  . PHE A 1 47  ? -6.694  13.228  9.704   1.00 18.94 ? 47  PHE A CG  1 
ATOM   364  C CD1 . PHE A 1 47  ? -6.243  12.017  10.217  1.00 15.46 ? 47  PHE A CD1 1 
ATOM   365  C CD2 . PHE A 1 47  ? -5.856  14.340  9.775   1.00 15.48 ? 47  PHE A CD2 1 
ATOM   366  C CE1 . PHE A 1 47  ? -4.972  11.916  10.786  1.00 20.40 ? 47  PHE A CE1 1 
ATOM   367  C CE2 . PHE A 1 47  ? -4.586  14.247  10.344  1.00 16.73 ? 47  PHE A CE2 1 
ATOM   368  C CZ  . PHE A 1 47  ? -4.142  13.036  10.848  1.00 13.16 ? 47  PHE A CZ  1 
ATOM   369  N N   . ILE A 1 48  ? -10.770 12.023  7.539   1.00 23.45 ? 48  ILE A N   1 
ATOM   370  C CA  . ILE A 1 48  ? -12.125 12.330  7.088   1.00 22.93 ? 48  ILE A CA  1 
ATOM   371  C C   . ILE A 1 48  ? -12.880 11.116  6.557   1.00 25.61 ? 48  ILE A C   1 
ATOM   372  O O   . ILE A 1 48  ? -12.381 9.992   6.598   1.00 25.67 ? 48  ILE A O   1 
ATOM   373  C CB  . ILE A 1 48  ? -12.112 13.399  5.983   1.00 22.64 ? 48  ILE A CB  1 
ATOM   374  C CG1 . ILE A 1 48  ? -11.145 12.989  4.873   1.00 20.25 ? 48  ILE A CG1 1 
ATOM   375  C CG2 . ILE A 1 48  ? -11.716 14.736  6.566   1.00 23.71 ? 48  ILE A CG2 1 
ATOM   376  C CD1 . ILE A 1 48  ? -11.147 13.910  3.683   1.00 18.96 ? 48  ILE A CD1 1 
ATOM   377  N N   . THR A 1 49  ? -14.086 11.360  6.050   1.00 25.66 ? 49  THR A N   1 
ATOM   378  C CA  . THR A 1 49  ? -14.943 10.301  5.521   1.00 30.03 ? 49  THR A CA  1 
ATOM   379  C C   . THR A 1 49  ? -15.348 10.582  4.081   1.00 29.05 ? 49  THR A C   1 
ATOM   380  O O   . THR A 1 49  ? -14.923 11.572  3.490   1.00 32.55 ? 49  THR A O   1 
ATOM   381  C CB  . THR A 1 49  ? -16.235 10.171  6.355   1.00 35.85 ? 49  THR A CB  1 
ATOM   382  O OG1 . THR A 1 49  ? -16.933 11.426  6.349   1.00 39.08 ? 49  THR A OG1 1 
ATOM   383  C CG2 . THR A 1 49  ? -15.911 9.787   7.796   1.00 35.71 ? 49  THR A CG2 1 
ATOM   384  N N   . GLY A 1 50  ? -16.176 9.707   3.519   1.00 28.59 ? 50  GLY A N   1 
ATOM   385  C CA  . GLY A 1 50  ? -16.631 9.900   2.152   1.00 29.80 ? 50  GLY A CA  1 
ATOM   386  C C   . GLY A 1 50  ? -15.870 9.102   1.108   1.00 31.18 ? 50  GLY A C   1 
ATOM   387  O O   . GLY A 1 50  ? -15.882 9.448   -0.071  1.00 34.24 ? 50  GLY A O   1 
ATOM   388  N N   . PHE A 1 51  ? -15.212 8.031   1.542   1.00 31.00 ? 51  PHE A N   1 
ATOM   389  C CA  . PHE A 1 51  ? -14.440 7.178   0.643   1.00 29.39 ? 51  PHE A CA  1 
ATOM   390  C C   . PHE A 1 51  ? -15.186 5.887   0.338   1.00 32.46 ? 51  PHE A C   1 
ATOM   391  O O   . PHE A 1 51  ? -16.136 5.515   1.034   1.00 33.91 ? 51  PHE A O   1 
ATOM   392  C CB  . PHE A 1 51  ? -13.112 6.766   1.280   1.00 25.58 ? 51  PHE A CB  1 
ATOM   393  C CG  . PHE A 1 51  ? -12.223 7.902   1.651   1.00 22.09 ? 51  PHE A CG  1 
ATOM   394  C CD1 . PHE A 1 51  ? -11.382 8.479   0.708   1.00 22.45 ? 51  PHE A CD1 1 
ATOM   395  C CD2 . PHE A 1 51  ? -12.177 8.359   2.960   1.00 21.53 ? 51  PHE A CD2 1 
ATOM   396  C CE1 . PHE A 1 51  ? -10.502 9.496   1.064   1.00 22.45 ? 51  PHE A CE1 1 
ATOM   397  C CE2 . PHE A 1 51  ? -11.300 9.378   3.330   1.00 25.08 ? 51  PHE A CE2 1 
ATOM   398  C CZ  . PHE A 1 51  ? -10.459 9.946   2.379   1.00 25.92 ? 51  PHE A CZ  1 
ATOM   399  N N   . LYS A 1 52  ? -14.729 5.197   -0.701  1.00 32.69 ? 52  LYS A N   1 
ATOM   400  C CA  . LYS A 1 52  ? -15.289 3.911   -1.076  1.00 30.87 ? 52  LYS A CA  1 
ATOM   401  C C   . LYS A 1 52  ? -14.239 2.900   -0.631  1.00 31.09 ? 52  LYS A C   1 
ATOM   402  O O   . LYS A 1 52  ? -13.045 3.104   -0.847  1.00 31.09 ? 52  LYS A O   1 
ATOM   403  C CB  . LYS A 1 52  ? -15.463 3.812   -2.588  1.00 31.44 ? 52  LYS A CB  1 
ATOM   404  C CG  . LYS A 1 52  ? -16.224 4.951   -3.210  1.00 38.67 ? 52  LYS A CG  1 
ATOM   405  C CD  . LYS A 1 52  ? -17.117 4.448   -4.335  1.00 45.23 ? 52  LYS A CD  1 
ATOM   406  C CE  . LYS A 1 52  ? -16.421 4.550   -5.685  1.00 50.58 ? 52  LYS A CE  1 
ATOM   407  N NZ  . LYS A 1 52  ? -16.251 5.967   -6.134  1.00 53.72 ? 52  LYS A NZ  1 
ATOM   408  N N   . PRO A 1 53  ? -14.657 1.824   0.043   1.00 32.98 ? 53  PRO A N   1 
ATOM   409  C CA  . PRO A 1 53  ? -13.662 0.842   0.468   1.00 32.20 ? 53  PRO A CA  1 
ATOM   410  C C   . PRO A 1 53  ? -13.516 -0.267  -0.567  1.00 31.47 ? 53  PRO A C   1 
ATOM   411  O O   . PRO A 1 53  ? -14.498 -0.715  -1.164  1.00 32.71 ? 53  PRO A O   1 
ATOM   412  C CB  . PRO A 1 53  ? -14.216 0.315   1.787   1.00 28.69 ? 53  PRO A CB  1 
ATOM   413  C CG  . PRO A 1 53  ? -15.722 0.516   1.677   1.00 40.02 ? 53  PRO A CG  1 
ATOM   414  C CD  . PRO A 1 53  ? -16.007 1.457   0.506   1.00 40.10 ? 53  PRO A CD  1 
ATOM   415  N N   . VAL A 1 54  ? -12.278 -0.684  -0.801  1.00 28.18 ? 54  VAL A N   1 
ATOM   416  C CA  . VAL A 1 54  ? -12.009 -1.763  -1.733  1.00 24.93 ? 54  VAL A CA  1 
ATOM   417  C C   . VAL A 1 54  ? -11.263 -2.819  -0.927  1.00 24.14 ? 54  VAL A C   1 
ATOM   418  O O   . VAL A 1 54  ? -10.364 -2.499  -0.144  1.00 20.75 ? 54  VAL A O   1 
ATOM   419  C CB  . VAL A 1 54  ? -11.152 -1.286  -2.936  1.00 25.31 ? 54  VAL A CB  1 
ATOM   420  C CG1 . VAL A 1 54  ? -10.147 -0.257  -2.480  1.00 30.02 ? 54  VAL A CG1 1 
ATOM   421  C CG2 . VAL A 1 54  ? -10.449 -2.467  -3.592  1.00 24.91 ? 54  VAL A CG2 1 
ATOM   422  N N   . LYS A 1 55  ? -11.665 -4.072  -1.090  1.00 21.93 ? 55  LYS A N   1 
ATOM   423  C CA  . LYS A 1 55  ? -11.028 -5.161  -0.375  1.00 25.47 ? 55  LYS A CA  1 
ATOM   424  C C   . LYS A 1 55  ? -10.450 -6.127  -1.383  1.00 23.82 ? 55  LYS A C   1 
ATOM   425  O O   . LYS A 1 55  ? -11.167 -6.656  -2.224  1.00 25.81 ? 55  LYS A O   1 
ATOM   426  C CB  . LYS A 1 55  ? -12.049 -5.877  0.501   1.00 32.44 ? 55  LYS A CB  1 
ATOM   427  C CG  . LYS A 1 55  ? -11.608 -7.235  1.018   1.00 42.54 ? 55  LYS A CG  1 
ATOM   428  C CD  . LYS A 1 55  ? -12.404 -7.599  2.264   1.00 50.45 ? 55  LYS A CD  1 
ATOM   429  C CE  . LYS A 1 55  ? -12.622 -9.099  2.380   1.00 57.62 ? 55  LYS A CE  1 
ATOM   430  N NZ  . LYS A 1 55  ? -13.027 -9.485  3.766   1.00 62.08 ? 55  LYS A NZ  1 
ATOM   431  N N   . ILE A 1 56  ? -9.144  -6.343  -1.308  1.00 23.49 ? 56  ILE A N   1 
ATOM   432  C CA  . ILE A 1 56  ? -8.478  -7.258  -2.223  1.00 21.38 ? 56  ILE A CA  1 
ATOM   433  C C   . ILE A 1 56  ? -8.008  -8.471  -1.445  1.00 19.73 ? 56  ILE A C   1 
ATOM   434  O O   . ILE A 1 56  ? -7.079  -8.380  -0.651  1.00 22.50 ? 56  ILE A O   1 
ATOM   435  C CB  . ILE A 1 56  ? -7.270  -6.589  -2.901  1.00 20.42 ? 56  ILE A CB  1 
ATOM   436  C CG1 . ILE A 1 56  ? -7.738  -5.374  -3.706  1.00 19.60 ? 56  ILE A CG1 1 
ATOM   437  C CG2 . ILE A 1 56  ? -6.558  -7.588  -3.806  1.00 20.34 ? 56  ILE A CG2 1 
ATOM   438  C CD1 . ILE A 1 56  ? -6.623  -4.411  -4.081  1.00 20.83 ? 56  ILE A CD1 1 
ATOM   439  N N   . SER A 1 57  ? -8.666  -9.604  -1.664  1.00 21.44 ? 57  SER A N   1 
ATOM   440  C CA  . SER A 1 57  ? -8.303  -10.840 -0.979  1.00 22.83 ? 57  SER A CA  1 
ATOM   441  C C   . SER A 1 57  ? -7.477  -11.689 -1.926  1.00 19.29 ? 57  SER A C   1 
ATOM   442  O O   . SER A 1 57  ? -7.960  -12.121 -2.967  1.00 21.38 ? 57  SER A O   1 
ATOM   443  C CB  . SER A 1 57  ? -9.558  -11.599 -0.548  1.00 22.21 ? 57  SER A CB  1 
ATOM   444  O OG  . SER A 1 57  ? -10.553 -10.695 -0.100  1.00 31.07 ? 57  SER A OG  1 
ATOM   445  N N   . LEU A 1 58  ? -6.223  -11.913 -1.569  1.00 18.28 ? 58  LEU A N   1 
ATOM   446  C CA  . LEU A 1 58  ? -5.347  -12.699 -2.413  1.00 19.07 ? 58  LEU A CA  1 
ATOM   447  C C   . LEU A 1 58  ? -5.476  -14.184 -2.130  1.00 17.69 ? 58  LEU A C   1 
ATOM   448  O O   . LEU A 1 58  ? -5.735  -14.594 -1.005  1.00 19.57 ? 58  LEU A O   1 
ATOM   449  C CB  . LEU A 1 58  ? -3.904  -12.246 -2.221  1.00 17.00 ? 58  LEU A CB  1 
ATOM   450  C CG  . LEU A 1 58  ? -3.671  -10.774 -2.568  1.00 21.32 ? 58  LEU A CG  1 
ATOM   451  C CD1 . LEU A 1 58  ? -2.291  -10.351 -2.109  1.00 23.44 ? 58  LEU A CD1 1 
ATOM   452  C CD2 . LEU A 1 58  ? -3.817  -10.572 -4.063  1.00 18.98 ? 58  LEU A CD2 1 
ATOM   453  N N   . GLU A 1 59  ? -5.307  -14.987 -3.169  1.00 15.00 ? 59  GLU A N   1 
ATOM   454  C CA  . GLU A 1 59  ? -5.384  -16.429 -3.042  1.00 15.00 ? 59  GLU A CA  1 
ATOM   455  C C   . GLU A 1 59  ? -4.046  -16.936 -2.521  1.00 15.00 ? 59  GLU A C   1 
ATOM   456  O O   . GLU A 1 59  ? -3.357  -17.711 -3.182  1.00 15.00 ? 59  GLU A O   1 
ATOM   457  C CB  . GLU A 1 59  ? -5.688  -17.050 -4.397  1.00 15.00 ? 59  GLU A CB  1 
ATOM   458  C CG  . GLU A 1 59  ? -7.159  -17.427 -4.559  1.00 15.00 ? 59  GLU A CG  1 
ATOM   459  C CD  . GLU A 1 59  ? -7.595  -17.515 -6.021  1.00 15.00 ? 59  GLU A CD  1 
ATOM   460  O OE1 . GLU A 1 59  ? -6.725  -17.371 -6.961  1.00 15.00 ? 59  GLU A OE1 1 
ATOM   461  O OE2 . GLU A 1 59  ? -8.832  -17.733 -6.313  1.00 15.00 ? 59  GLU A OE2 1 
ATOM   462  N N   . PHE A 1 60  ? -3.684  -16.476 -1.329  1.00 25.32 ? 60  PHE A N   1 
ATOM   463  C CA  . PHE A 1 60  ? -2.432  -16.856 -0.684  1.00 26.31 ? 60  PHE A CA  1 
ATOM   464  C C   . PHE A 1 60  ? -2.344  -18.372 -0.494  1.00 27.96 ? 60  PHE A C   1 
ATOM   465  O O   . PHE A 1 60  ? -3.319  -19.010 -0.087  1.00 30.14 ? 60  PHE A O   1 
ATOM   466  C CB  . PHE A 1 60  ? -2.326  -16.148 0.669   1.00 20.95 ? 60  PHE A CB  1 
ATOM   467  C CG  . PHE A 1 60  ? -1.045  -16.423 1.395   1.00 23.90 ? 60  PHE A CG  1 
ATOM   468  C CD1 . PHE A 1 60  ? -0.936  -17.516 2.247   1.00 22.23 ? 60  PHE A CD1 1 
ATOM   469  C CD2 . PHE A 1 60  ? 0.063   -15.601 1.213   1.00 20.05 ? 60  PHE A CD2 1 
ATOM   470  C CE1 . PHE A 1 60  ? 0.259   -17.785 2.902   1.00 24.11 ? 60  PHE A CE1 1 
ATOM   471  C CE2 . PHE A 1 60  ? 1.260   -15.862 1.863   1.00 17.66 ? 60  PHE A CE2 1 
ATOM   472  C CZ  . PHE A 1 60  ? 1.363   -16.953 2.707   1.00 21.12 ? 60  PHE A CZ  1 
ATOM   473  N N   . PRO A 1 61  ? -1.164  -18.967 -0.756  1.00 27.23 ? 61  PRO A N   1 
ATOM   474  C CA  . PRO A 1 61  ? 0.074   -18.329 -1.205  1.00 24.14 ? 61  PRO A CA  1 
ATOM   475  C C   . PRO A 1 61  ? 0.298   -18.429 -2.707  1.00 24.15 ? 61  PRO A C   1 
ATOM   476  O O   . PRO A 1 61  ? 1.324   -17.976 -3.208  1.00 24.77 ? 61  PRO A O   1 
ATOM   477  C CB  . PRO A 1 61  ? 1.143   -19.094 -0.442  1.00 25.35 ? 61  PRO A CB  1 
ATOM   478  C CG  . PRO A 1 61  ? 0.558   -20.508 -0.347  1.00 23.97 ? 61  PRO A CG  1 
ATOM   479  C CD  . PRO A 1 61  ? -0.951  -20.411 -0.565  1.00 25.51 ? 61  PRO A CD  1 
ATOM   480  N N   . SER A 1 62  ? -0.642  -19.029 -3.427  1.00 23.06 ? 62  SER A N   1 
ATOM   481  C CA  . SER A 1 62  ? -0.476  -19.165 -4.870  1.00 23.56 ? 62  SER A CA  1 
ATOM   482  C C   . SER A 1 62  ? -0.490  -17.807 -5.569  1.00 22.61 ? 62  SER A C   1 
ATOM   483  O O   . SER A 1 62  ? 0.134   -17.630 -6.619  1.00 24.84 ? 62  SER A O   1 
ATOM   484  C CB  . SER A 1 62  ? -1.570  -20.070 -5.451  1.00 24.70 ? 62  SER A CB  1 
ATOM   485  O OG  . SER A 1 62  ? -2.845  -19.453 -5.385  1.00 36.89 ? 62  SER A OG  1 
ATOM   486  N N   . GLU A 1 63  ? -1.193  -16.847 -4.974  1.00 20.81 ? 63  GLU A N   1 
ATOM   487  C CA  . GLU A 1 63  ? -1.291  -15.506 -5.533  1.00 18.38 ? 63  GLU A CA  1 
ATOM   488  C C   . GLU A 1 63  ? -0.530  -14.486 -4.699  1.00 18.10 ? 63  GLU A C   1 
ATOM   489  O O   . GLU A 1 63  ? -0.713  -14.397 -3.482  1.00 18.78 ? 63  GLU A O   1 
ATOM   490  C CB  . GLU A 1 63  ? -2.758  -15.077 -5.636  1.00 19.90 ? 63  GLU A CB  1 
ATOM   491  C CG  . GLU A 1 63  ? -2.982  -13.904 -6.578  1.00 18.92 ? 63  GLU A CG  1 
ATOM   492  C CD  . GLU A 1 63  ? -4.381  -13.318 -6.482  1.00 22.27 ? 63  GLU A CD  1 
ATOM   493  O OE1 . GLU A 1 63  ? -5.180  -13.814 -5.662  1.00 22.62 ? 63  GLU A OE1 1 
ATOM   494  O OE2 . GLU A 1 63  ? -4.686  -12.360 -7.226  1.00 18.81 ? 63  GLU A OE2 1 
ATOM   495  N N   . TYR A 1 64  ? 0.314   -13.704 -5.361  1.00 15.19 ? 64  TYR A N   1 
ATOM   496  C CA  . TYR A 1 64  ? 1.096   -12.684 -4.676  1.00 14.62 ? 64  TYR A CA  1 
ATOM   497  C C   . TYR A 1 64  ? 1.227   -11.455 -5.571  1.00 14.94 ? 64  TYR A C   1 
ATOM   498  O O   . TYR A 1 64  ? 1.081   -11.557 -6.785  1.00 11.65 ? 64  TYR A O   1 
ATOM   499  C CB  . TYR A 1 64  ? 2.482   -13.236 -4.321  1.00 14.52 ? 64  TYR A CB  1 
ATOM   500  C CG  . TYR A 1 64  ? 3.151   -13.985 -5.456  1.00 20.05 ? 64  TYR A CG  1 
ATOM   501  C CD1 . TYR A 1 64  ? 2.941   -15.355 -5.632  1.00 20.12 ? 64  TYR A CD1 1 
ATOM   502  C CD2 . TYR A 1 64  ? 3.979   -13.318 -6.367  1.00 17.82 ? 64  TYR A CD2 1 
ATOM   503  C CE1 . TYR A 1 64  ? 3.536   -16.043 -6.691  1.00 24.02 ? 64  TYR A CE1 1 
ATOM   504  C CE2 . TYR A 1 64  ? 4.579   -13.995 -7.427  1.00 20.07 ? 64  TYR A CE2 1 
ATOM   505  C CZ  . TYR A 1 64  ? 4.352   -15.358 -7.585  1.00 25.25 ? 64  TYR A CZ  1 
ATOM   506  O OH  . TYR A 1 64  ? 4.928   -16.035 -8.639  1.00 27.34 ? 64  TYR A OH  1 
ATOM   507  N N   . ILE A 1 65  ? 1.487   -10.298 -4.962  1.00 16.04 ? 65  ILE A N   1 
ATOM   508  C CA  . ILE A 1 65  ? 1.642   -9.049  -5.703  1.00 16.34 ? 65  ILE A CA  1 
ATOM   509  C C   . ILE A 1 65  ? 2.900   -9.120  -6.561  1.00 18.49 ? 65  ILE A C   1 
ATOM   510  O O   . ILE A 1 65  ? 3.984   -9.480  -6.087  1.00 15.57 ? 65  ILE A O   1 
ATOM   511  C CB  . ILE A 1 65  ? 1.769   -7.819  -4.762  1.00 19.03 ? 65  ILE A CB  1 
ATOM   512  C CG1 . ILE A 1 65  ? 0.594   -7.777  -3.773  1.00 23.28 ? 65  ILE A CG1 1 
ATOM   513  C CG2 . ILE A 1 65  ? 1.844   -6.536  -5.590  1.00 15.10 ? 65  ILE A CG2 1 
ATOM   514  C CD1 . ILE A 1 65  ? -0.686  -7.223  -4.345  1.00 21.96 ? 65  ILE A CD1 1 
ATOM   515  N N   . VAL A 1 66  ? 2.748   -8.753  -7.824  1.00 16.79 ? 66  VAL A N   1 
ATOM   516  C CA  . VAL A 1 66  ? 3.846   -8.794  -8.769  1.00 16.36 ? 66  VAL A CA  1 
ATOM   517  C C   . VAL A 1 66  ? 4.235   -7.375  -9.191  1.00 18.63 ? 66  VAL A C   1 
ATOM   518  O O   . VAL A 1 66  ? 5.338   -7.149  -9.680  1.00 21.35 ? 66  VAL A O   1 
ATOM   519  C CB  . VAL A 1 66  ? 3.439   -9.704  -9.972  1.00 17.75 ? 66  VAL A CB  1 
ATOM   520  C CG1 . VAL A 1 66  ? 3.560   -8.981  -11.289 1.00 14.57 ? 66  VAL A CG1 1 
ATOM   521  C CG2 . VAL A 1 66  ? 4.262   -10.965 -9.942  1.00 11.98 ? 66  VAL A CG2 1 
ATOM   522  N N   . GLU A 1 67  ? 3.338   -6.414  -8.977  1.00 18.77 ? 67  GLU A N   1 
ATOM   523  C CA  . GLU A 1 67  ? 3.627   -5.026  -9.314  1.00 15.94 ? 67  GLU A CA  1 
ATOM   524  C C   . GLU A 1 67  ? 2.682   -4.015  -8.682  1.00 19.10 ? 67  GLU A C   1 
ATOM   525  O O   . GLU A 1 67  ? 1.479   -4.256  -8.552  1.00 14.45 ? 67  GLU A O   1 
ATOM   526  C CB  . GLU A 1 67  ? 3.608   -4.806  -10.825 1.00 15.83 ? 67  GLU A CB  1 
ATOM   527  C CG  . GLU A 1 67  ? 3.986   -3.378  -11.187 1.00 20.34 ? 67  GLU A CG  1 
ATOM   528  C CD  . GLU A 1 67  ? 3.649   -3.012  -12.614 1.00 26.38 ? 67  GLU A CD  1 
ATOM   529  O OE1 . GLU A 1 67  ? 3.072   -3.861  -13.330 1.00 31.07 ? 67  GLU A OE1 1 
ATOM   530  O OE2 . GLU A 1 67  ? 3.965   -1.871  -13.015 1.00 27.68 ? 67  GLU A OE2 1 
ATOM   531  N N   . VAL A 1 68  ? 3.246   -2.871  -8.303  1.00 17.28 ? 68  VAL A N   1 
ATOM   532  C CA  . VAL A 1 68  ? 2.486   -1.784  -7.704  1.00 17.46 ? 68  VAL A CA  1 
ATOM   533  C C   . VAL A 1 68  ? 2.741   -0.494  -8.483  1.00 19.42 ? 68  VAL A C   1 
ATOM   534  O O   . VAL A 1 68  ? 3.885   -0.146  -8.769  1.00 20.18 ? 68  VAL A O   1 
ATOM   535  C CB  . VAL A 1 68  ? 2.906   -1.532  -6.236  1.00 17.27 ? 68  VAL A CB  1 
ATOM   536  C CG1 . VAL A 1 68  ? 2.117   -0.357  -5.674  1.00 16.94 ? 68  VAL A CG1 1 
ATOM   537  C CG2 . VAL A 1 68  ? 2.688   -2.790  -5.392  1.00 18.49 ? 68  VAL A CG2 1 
ATOM   538  N N   . SER A 1 69  ? 1.678   0.215   -8.838  1.00 18.64 ? 69  SER A N   1 
ATOM   539  C CA  . SER A 1 69  ? 1.845   1.473   -9.547  1.00 18.60 ? 69  SER A CA  1 
ATOM   540  C C   . SER A 1 69  ? 0.753   2.446   -9.145  1.00 18.01 ? 69  SER A C   1 
ATOM   541  O O   . SER A 1 69  ? -0.186  2.084   -8.424  1.00 15.88 ? 69  SER A O   1 
ATOM   542  C CB  . SER A 1 69  ? 1.836   1.258   -11.066 1.00 18.86 ? 69  SER A CB  1 
ATOM   543  O OG  . SER A 1 69  ? 0.665   0.608   -11.504 1.00 19.22 ? 69  SER A OG  1 
ATOM   544  N N   . GLY A 1 70  ? 0.887   3.685   -9.598  1.00 16.30 ? 70  GLY A N   1 
ATOM   545  C CA  . GLY A 1 70  ? -0.104  4.688   -9.268  1.00 16.47 ? 70  GLY A CA  1 
ATOM   546  C C   . GLY A 1 70  ? 0.326   6.079   -9.676  1.00 18.79 ? 70  GLY A C   1 
ATOM   547  O O   . GLY A 1 70  ? 1.309   6.260   -10.398 1.00 18.22 ? 70  GLY A O   1 
ATOM   548  N N   . TYR A 1 71  ? -0.426  7.065   -9.206  1.00 18.76 ? 71  TYR A N   1 
ATOM   549  C CA  . TYR A 1 71  ? -0.149  8.454   -9.507  1.00 17.71 ? 71  TYR A CA  1 
ATOM   550  C C   . TYR A 1 71  ? -0.093  9.268   -8.230  1.00 18.34 ? 71  TYR A C   1 
ATOM   551  O O   . TYR A 1 71  ? -0.853  9.024   -7.296  1.00 15.70 ? 71  TYR A O   1 
ATOM   552  C CB  . TYR A 1 71  ? -1.252  9.030   -10.394 1.00 18.35 ? 71  TYR A CB  1 
ATOM   553  C CG  . TYR A 1 71  ? -1.228  8.539   -11.813 1.00 20.24 ? 71  TYR A CG  1 
ATOM   554  C CD1 . TYR A 1 71  ? -1.806  7.325   -12.154 1.00 21.67 ? 71  TYR A CD1 1 
ATOM   555  C CD2 . TYR A 1 71  ? -0.619  9.291   -12.820 1.00 25.58 ? 71  TYR A CD2 1 
ATOM   556  C CE1 . TYR A 1 71  ? -1.780  6.859   -13.464 1.00 25.73 ? 71  TYR A CE1 1 
ATOM   557  C CE2 . TYR A 1 71  ? -0.586  8.836   -14.135 1.00 24.98 ? 71  TYR A CE2 1 
ATOM   558  C CZ  . TYR A 1 71  ? -1.169  7.617   -14.448 1.00 27.48 ? 71  TYR A CZ  1 
ATOM   559  O OH  . TYR A 1 71  ? -1.134  7.144   -15.741 1.00 36.25 ? 71  TYR A OH  1 
ATOM   560  N N   . VAL A 1 72  ? 0.823   10.225  -8.183  1.00 18.19 ? 72  VAL A N   1 
ATOM   561  C CA  . VAL A 1 72  ? 0.909   11.107  -7.039  1.00 22.37 ? 72  VAL A CA  1 
ATOM   562  C C   . VAL A 1 72  ? 0.577   12.487  -7.600  1.00 25.66 ? 72  VAL A C   1 
ATOM   563  O O   . VAL A 1 72  ? 0.992   12.840  -8.705  1.00 24.61 ? 72  VAL A O   1 
ATOM   564  C CB  . VAL A 1 72  ? 2.317   11.087  -6.355  1.00 21.70 ? 72  VAL A CB  1 
ATOM   565  C CG1 . VAL A 1 72  ? 3.119   9.891   -6.830  1.00 25.97 ? 72  VAL A CG1 1 
ATOM   566  C CG2 . VAL A 1 72  ? 3.056   12.379  -6.603  1.00 21.47 ? 72  VAL A CG2 1 
ATOM   567  N N   . GLY A 1 73  ? -0.222  13.240  -6.854  1.00 28.41 ? 73  GLY A N   1 
ATOM   568  C CA  . GLY A 1 73  ? -0.609  14.565  -7.287  1.00 26.64 ? 73  GLY A CA  1 
ATOM   569  C C   . GLY A 1 73  ? -0.967  15.424  -6.096  1.00 25.80 ? 73  GLY A C   1 
ATOM   570  O O   . GLY A 1 73  ? -0.860  14.987  -4.954  1.00 22.47 ? 73  GLY A O   1 
ATOM   571  N N   . LYS A 1 74  ? -1.405  16.646  -6.367  1.00 27.60 ? 74  LYS A N   1 
ATOM   572  C CA  . LYS A 1 74  ? -1.772  17.581  -5.320  1.00 27.05 ? 74  LYS A CA  1 
ATOM   573  C C   . LYS A 1 74  ? -3.277  17.684  -5.150  1.00 26.98 ? 74  LYS A C   1 
ATOM   574  O O   . LYS A 1 74  ? -4.020  17.746  -6.129  1.00 27.76 ? 74  LYS A O   1 
ATOM   575  C CB  . LYS A 1 74  ? -1.212  18.965  -5.639  1.00 27.25 ? 74  LYS A CB  1 
ATOM   576  C CG  . LYS A 1 74  ? 0.193   19.191  -5.138  1.00 27.68 ? 74  LYS A CG  1 
ATOM   577  C CD  . LYS A 1 74  ? 0.760   20.465  -5.714  1.00 35.71 ? 74  LYS A CD  1 
ATOM   578  C CE  . LYS A 1 74  ? 1.722   21.118  -4.738  1.00 45.44 ? 74  LYS A CE  1 
ATOM   579  N NZ  . LYS A 1 74  ? 1.208   22.427  -4.232  1.00 50.32 ? 74  LYS A NZ  1 
ATOM   580  N N   . VAL A 1 75  ? -3.717  17.683  -3.897  1.00 26.19 ? 75  VAL A N   1 
ATOM   581  C CA  . VAL A 1 75  ? -5.129  17.827  -3.567  1.00 26.64 ? 75  VAL A CA  1 
ATOM   582  C C   . VAL A 1 75  ? -5.171  18.842  -2.431  1.00 26.70 ? 75  VAL A C   1 
ATOM   583  O O   . VAL A 1 75  ? -4.544  18.650  -1.388  1.00 24.31 ? 75  VAL A O   1 
ATOM   584  C CB  . VAL A 1 75  ? -5.767  16.493  -3.099  1.00 27.70 ? 75  VAL A CB  1 
ATOM   585  C CG1 . VAL A 1 75  ? -7.166  16.749  -2.559  1.00 25.67 ? 75  VAL A CG1 1 
ATOM   586  C CG2 . VAL A 1 75  ? -5.845  15.514  -4.259  1.00 25.53 ? 75  VAL A CG2 1 
ATOM   587  N N   . GLU A 1 76  ? -5.897  19.932  -2.645  1.00 24.93 ? 76  GLU A N   1 
ATOM   588  C CA  . GLU A 1 76  ? -5.989  20.981  -1.642  1.00 27.14 ? 76  GLU A CA  1 
ATOM   589  C C   . GLU A 1 76  ? -4.592  21.418  -1.229  1.00 23.55 ? 76  GLU A C   1 
ATOM   590  O O   . GLU A 1 76  ? -4.356  21.782  -0.077  1.00 24.68 ? 76  GLU A O   1 
ATOM   591  C CB  . GLU A 1 76  ? -6.770  20.489  -0.423  1.00 30.02 ? 76  GLU A CB  1 
ATOM   592  C CG  . GLU A 1 76  ? -8.271  20.357  -0.673  1.00 42.70 ? 76  GLU A CG  1 
ATOM   593  C CD  . GLU A 1 76  ? -8.996  21.705  -0.758  1.00 49.23 ? 76  GLU A CD  1 
ATOM   594  O OE1 . GLU A 1 76  ? -8.358  22.761  -0.541  1.00 51.04 ? 76  GLU A OE1 1 
ATOM   595  O OE2 . GLU A 1 76  ? -10.214 21.705  -1.044  1.00 54.99 ? 76  GLU A OE2 1 
ATOM   596  N N   . GLY A 1 77  ? -3.663  21.359  -2.182  1.00 22.45 ? 77  GLY A N   1 
ATOM   597  C CA  . GLY A 1 77  ? -2.291  21.774  -1.930  1.00 19.23 ? 77  GLY A CA  1 
ATOM   598  C C   . GLY A 1 77  ? -1.363  20.743  -1.317  1.00 18.22 ? 77  GLY A C   1 
ATOM   599  O O   . GLY A 1 77  ? -0.173  21.003  -1.145  1.00 19.52 ? 77  GLY A O   1 
ATOM   600  N N   . TYR A 1 78  ? -1.898  19.576  -0.980  1.00 16.57 ? 78  TYR A N   1 
ATOM   601  C CA  . TYR A 1 78  ? -1.092  18.523  -0.383  1.00 17.87 ? 78  TYR A CA  1 
ATOM   602  C C   . TYR A 1 78  ? -0.704  17.502  -1.443  1.00 19.34 ? 78  TYR A C   1 
ATOM   603  O O   . TYR A 1 78  ? -1.527  17.151  -2.291  1.00 21.66 ? 78  TYR A O   1 
ATOM   604  C CB  . TYR A 1 78  ? -1.878  17.823  0.735   1.00 22.04 ? 78  TYR A CB  1 
ATOM   605  C CG  . TYR A 1 78  ? -2.036  18.654  1.989   1.00 22.60 ? 78  TYR A CG  1 
ATOM   606  C CD1 . TYR A 1 78  ? -0.939  18.952  2.793   1.00 24.20 ? 78  TYR A CD1 1 
ATOM   607  C CD2 . TYR A 1 78  ? -3.276  19.158  2.358   1.00 24.95 ? 78  TYR A CD2 1 
ATOM   608  C CE1 . TYR A 1 78  ? -1.075  19.734  3.933   1.00 26.11 ? 78  TYR A CE1 1 
ATOM   609  C CE2 . TYR A 1 78  ? -3.423  19.943  3.499   1.00 26.08 ? 78  TYR A CE2 1 
ATOM   610  C CZ  . TYR A 1 78  ? -2.319  20.227  4.278   1.00 26.01 ? 78  TYR A CZ  1 
ATOM   611  O OH  . TYR A 1 78  ? -2.461  21.004  5.402   1.00 32.16 ? 78  TYR A OH  1 
ATOM   612  N N   . THR A 1 79  ? 0.543   17.034  -1.395  1.00 17.51 ? 79  THR A N   1 
ATOM   613  C CA  . THR A 1 79  ? 1.021   16.033  -2.348  1.00 17.74 ? 79  THR A CA  1 
ATOM   614  C C   . THR A 1 79  ? 0.684   14.670  -1.776  1.00 17.59 ? 79  THR A C   1 
ATOM   615  O O   . THR A 1 79  ? 1.232   14.269  -0.752  1.00 18.82 ? 79  THR A O   1 
ATOM   616  C CB  . THR A 1 79  ? 2.543   16.121  -2.552  1.00 19.69 ? 79  THR A CB  1 
ATOM   617  O OG1 . THR A 1 79  ? 2.904   17.478  -2.835  1.00 21.57 ? 79  THR A OG1 1 
ATOM   618  C CG2 . THR A 1 79  ? 2.977   15.227  -3.713  1.00 17.07 ? 79  THR A CG2 1 
ATOM   619  N N   . VAL A 1 80  ? -0.212  13.955  -2.442  1.00 14.85 ? 80  VAL A N   1 
ATOM   620  C CA  . VAL A 1 80  ? -0.640  12.656  -1.950  1.00 15.88 ? 80  VAL A CA  1 
ATOM   621  C C   . VAL A 1 80  ? -0.760  11.601  -3.042  1.00 15.46 ? 80  VAL A C   1 
ATOM   622  O O   . VAL A 1 80  ? -0.674  11.906  -4.229  1.00 17.82 ? 80  VAL A O   1 
ATOM   623  C CB  . VAL A 1 80  ? -2.013  12.781  -1.241  1.00 13.85 ? 80  VAL A CB  1 
ATOM   624  C CG1 . VAL A 1 80  ? -1.948  13.852  -0.160  1.00 11.08 ? 80  VAL A CG1 1 
ATOM   625  C CG2 . VAL A 1 80  ? -3.087  13.139  -2.259  1.00 10.54 ? 80  VAL A CG2 1 
ATOM   626  N N   . ILE A 1 81  ? -0.954  10.356  -2.627  1.00 13.36 ? 81  ILE A N   1 
ATOM   627  C CA  . ILE A 1 81  ? -1.124  9.264   -3.569  1.00 13.32 ? 81  ILE A CA  1 
ATOM   628  C C   . ILE A 1 81  ? -2.582  9.338   -4.006  1.00 14.80 ? 81  ILE A C   1 
ATOM   629  O O   . ILE A 1 81  ? -3.482  9.115   -3.203  1.00 15.95 ? 81  ILE A O   1 
ATOM   630  C CB  . ILE A 1 81  ? -0.855  7.909   -2.894  1.00 13.80 ? 81  ILE A CB  1 
ATOM   631  C CG1 . ILE A 1 81  ? 0.517   7.939   -2.216  1.00 11.98 ? 81  ILE A CG1 1 
ATOM   632  C CG2 . ILE A 1 81  ? -0.956  6.781   -3.913  1.00 14.00 ? 81  ILE A CG2 1 
ATOM   633  C CD1 . ILE A 1 81  ? 1.677   7.754   -3.154  1.00 18.56 ? 81  ILE A CD1 1 
ATOM   634  N N   . ARG A 1 82  ? -2.811  9.656   -5.274  1.00 13.92 ? 82  ARG A N   1 
ATOM   635  C CA  . ARG A 1 82  ? -4.165  9.795   -5.790  1.00 14.49 ? 82  ARG A CA  1 
ATOM   636  C C   . ARG A 1 82  ? -4.766  8.537   -6.402  1.00 19.68 ? 82  ARG A C   1 
ATOM   637  O O   . ARG A 1 82  ? -5.983  8.434   -6.541  1.00 19.64 ? 82  ARG A O   1 
ATOM   638  C CB  . ARG A 1 82  ? -4.203  10.916  -6.824  1.00 15.17 ? 82  ARG A CB  1 
ATOM   639  C CG  . ARG A 1 82  ? -3.415  12.147  -6.428  1.00 19.45 ? 82  ARG A CG  1 
ATOM   640  C CD  . ARG A 1 82  ? -3.881  13.346  -7.215  1.00 20.92 ? 82  ARG A CD  1 
ATOM   641  N NE  . ARG A 1 82  ? -5.336  13.456  -7.197  1.00 27.80 ? 82  ARG A NE  1 
ATOM   642  C CZ  . ARG A 1 82  ? -6.033  14.285  -7.970  1.00 29.84 ? 82  ARG A CZ  1 
ATOM   643  N NH1 . ARG A 1 82  ? -5.408  15.081  -8.828  1.00 27.01 ? 82  ARG A NH1 1 
ATOM   644  N NH2 . ARG A 1 82  ? -7.354  14.322  -7.878  1.00 29.18 ? 82  ARG A NH2 1 
ATOM   645  N N   . SER A 1 83  ? -3.923  7.581   -6.769  1.00 21.78 ? 83  SER A N   1 
ATOM   646  C CA  . SER A 1 83  ? -4.420  6.353   -7.383  1.00 21.88 ? 83  SER A CA  1 
ATOM   647  C C   . SER A 1 83  ? -3.504  5.173   -7.099  1.00 20.36 ? 83  SER A C   1 
ATOM   648  O O   . SER A 1 83  ? -2.313  5.348   -6.845  1.00 22.83 ? 83  SER A O   1 
ATOM   649  C CB  . SER A 1 83  ? -4.545  6.548   -8.901  1.00 22.98 ? 83  SER A CB  1 
ATOM   650  O OG  . SER A 1 83  ? -5.140  5.421   -9.516  1.00 28.34 ? 83  SER A OG  1 
ATOM   651  N N   . LEU A 1 84  ? -4.064  3.972   -7.158  1.00 19.20 ? 84  LEU A N   1 
ATOM   652  C CA  . LEU A 1 84  ? -3.300  2.763   -6.917  1.00 16.73 ? 84  LEU A CA  1 
ATOM   653  C C   . LEU A 1 84  ? -3.844  1.594   -7.718  1.00 19.23 ? 84  LEU A C   1 
ATOM   654  O O   . LEU A 1 84  ? -5.052  1.434   -7.870  1.00 18.95 ? 84  LEU A O   1 
ATOM   655  C CB  . LEU A 1 84  ? -3.359  2.367   -5.437  1.00 17.49 ? 84  LEU A CB  1 
ATOM   656  C CG  . LEU A 1 84  ? -2.483  3.038   -4.382  1.00 15.69 ? 84  LEU A CG  1 
ATOM   657  C CD1 . LEU A 1 84  ? -2.857  2.470   -3.034  1.00 15.69 ? 84  LEU A CD1 1 
ATOM   658  C CD2 . LEU A 1 84  ? -1.018  2.809   -4.666  1.00 19.35 ? 84  LEU A CD2 1 
ATOM   659  N N   . THR A 1 85  ? -2.939  0.780   -8.243  1.00 20.56 ? 85  THR A N   1 
ATOM   660  C CA  . THR A 1 85  ? -3.343  -0.423  -8.944  1.00 22.75 ? 85  THR A CA  1 
ATOM   661  C C   . THR A 1 85  ? -2.338  -1.490  -8.539  1.00 21.19 ? 85  THR A C   1 
ATOM   662  O O   . THR A 1 85  ? -1.134  -1.234  -8.452  1.00 18.07 ? 85  THR A O   1 
ATOM   663  C CB  . THR A 1 85  ? -3.394  -0.259  -10.485 1.00 22.36 ? 85  THR A CB  1 
ATOM   664  O OG1 . THR A 1 85  ? -2.671  -1.329  -11.105 1.00 27.64 ? 85  THR A OG1 1 
ATOM   665  C CG2 . THR A 1 85  ? -2.840  1.071   -10.906 1.00 24.29 ? 85  THR A CG2 1 
ATOM   666  N N   . PHE A 1 86  ? -2.855  -2.674  -8.236  1.00 20.71 ? 86  PHE A N   1 
ATOM   667  C CA  . PHE A 1 86  ? -2.021  -3.780  -7.817  1.00 18.75 ? 86  PHE A CA  1 
ATOM   668  C C   . PHE A 1 86  ? -2.078  -4.876  -8.863  1.00 19.41 ? 86  PHE A C   1 
ATOM   669  O O   . PHE A 1 86  ? -3.155  -5.347  -9.222  1.00 22.62 ? 86  PHE A O   1 
ATOM   670  C CB  . PHE A 1 86  ? -2.508  -4.327  -6.473  1.00 18.57 ? 86  PHE A CB  1 
ATOM   671  C CG  . PHE A 1 86  ? -2.271  -3.397  -5.314  1.00 17.95 ? 86  PHE A CG  1 
ATOM   672  C CD1 . PHE A 1 86  ? -1.088  -3.462  -4.588  1.00 14.52 ? 86  PHE A CD1 1 
ATOM   673  C CD2 . PHE A 1 86  ? -3.232  -2.463  -4.946  1.00 16.06 ? 86  PHE A CD2 1 
ATOM   674  C CE1 . PHE A 1 86  ? -0.862  -2.610  -3.510  1.00 15.58 ? 86  PHE A CE1 1 
ATOM   675  C CE2 . PHE A 1 86  ? -3.014  -1.607  -3.872  1.00 20.07 ? 86  PHE A CE2 1 
ATOM   676  C CZ  . PHE A 1 86  ? -1.825  -1.681  -3.151  1.00 15.17 ? 86  PHE A CZ  1 
ATOM   677  N N   . LYS A 1 87  ? -0.912  -5.270  -9.356  1.00 18.75 ? 87  LYS A N   1 
ATOM   678  C CA  . LYS A 1 87  ? -0.817  -6.325  -10.352 1.00 17.73 ? 87  LYS A CA  1 
ATOM   679  C C   . LYS A 1 87  ? -0.384  -7.593  -9.636  1.00 18.95 ? 87  LYS A C   1 
ATOM   680  O O   . LYS A 1 87  ? 0.571   -7.601  -8.857  1.00 15.64 ? 87  LYS A O   1 
ATOM   681  C CB  . LYS A 1 87  ? 0.201   -5.959  -11.427 1.00 21.84 ? 87  LYS A CB  1 
ATOM   682  C CG  . LYS A 1 87  ? -0.302  -6.158  -12.838 1.00 31.13 ? 87  LYS A CG  1 
ATOM   683  C CD  . LYS A 1 87  ? -0.271  -7.626  -13.222 1.00 37.17 ? 87  LYS A CD  1 
ATOM   684  C CE  . LYS A 1 87  ? 0.406   -7.824  -14.570 1.00 41.94 ? 87  LYS A CE  1 
ATOM   685  N NZ  . LYS A 1 87  ? 1.716   -7.113  -14.662 1.00 46.37 ? 87  LYS A NZ  1 
ATOM   686  N N   . THR A 1 88  ? -1.101  -8.668  -9.911  1.00 18.02 ? 88  THR A N   1 
ATOM   687  C CA  . THR A 1 88  ? -0.840  -9.953  -9.291  1.00 20.78 ? 88  THR A CA  1 
ATOM   688  C C   . THR A 1 88  ? -0.461  -10.942 -10.399 1.00 19.29 ? 88  THR A C   1 
ATOM   689  O O   . THR A 1 88  ? -0.638  -10.643 -11.578 1.00 18.83 ? 88  THR A O   1 
ATOM   690  C CB  . THR A 1 88  ? -2.119  -10.389 -8.516  1.00 22.31 ? 88  THR A CB  1 
ATOM   691  O OG1 . THR A 1 88  ? -1.887  -10.268 -7.108  1.00 31.70 ? 88  THR A OG1 1 
ATOM   692  C CG2 . THR A 1 88  ? -2.528  -11.786 -8.856  1.00 16.19 ? 88  THR A CG2 1 
ATOM   693  N N   . ASN A 1 89  ? 0.086   -12.098 -10.036 1.00 18.87 ? 89  ASN A N   1 
ATOM   694  C CA  . ASN A 1 89  ? 0.462   -13.086 -11.040 1.00 20.09 ? 89  ASN A CA  1 
ATOM   695  C C   . ASN A 1 89  ? -0.791  -13.744 -11.584 1.00 22.54 ? 89  ASN A C   1 
ATOM   696  O O   . ASN A 1 89  ? -0.734  -14.511 -12.536 1.00 25.73 ? 89  ASN A O   1 
ATOM   697  C CB  . ASN A 1 89  ? 1.373   -14.153 -10.437 1.00 19.71 ? 89  ASN A CB  1 
ATOM   698  C CG  . ASN A 1 89  ? 0.739   -14.864 -9.265  1.00 23.15 ? 89  ASN A CG  1 
ATOM   699  O OD1 . ASN A 1 89  ? 0.023   -14.253 -8.470  1.00 27.02 ? 89  ASN A OD1 1 
ATOM   700  N ND2 . ASN A 1 89  ? 0.998   -16.162 -9.144  1.00 17.72 ? 89  ASN A ND2 1 
ATOM   701  N N   . LYS A 1 90  ? -1.920  -13.429 -10.962 1.00 26.21 ? 90  LYS A N   1 
ATOM   702  C CA  . LYS A 1 90  ? -3.210  -13.972 -11.349 1.00 29.15 ? 90  LYS A CA  1 
ATOM   703  C C   . LYS A 1 90  ? -4.069  -12.929 -12.055 1.00 30.67 ? 90  LYS A C   1 
ATOM   704  O O   . LYS A 1 90  ? -4.697  -13.231 -13.067 1.00 33.37 ? 90  LYS A O   1 
ATOM   705  C CB  . LYS A 1 90  ? -3.947  -14.491 -10.115 1.00 30.33 ? 90  LYS A CB  1 
ATOM   706  C CG  . LYS A 1 90  ? -4.013  -16.004 -10.027 1.00 37.12 ? 90  LYS A CG  1 
ATOM   707  C CD  . LYS A 1 90  ? -2.909  -16.560 -9.147  1.00 44.97 ? 90  LYS A CD  1 
ATOM   708  C CE  . LYS A 1 90  ? -3.254  -17.958 -8.646  1.00 49.04 ? 90  LYS A CE  1 
ATOM   709  N NZ  . LYS A 1 90  ? -2.516  -19.022 -9.393  1.00 53.01 ? 90  LYS A NZ  1 
ATOM   710  N N   . GLN A 1 91  ? -4.104  -11.708 -11.525 1.00 31.18 ? 91  GLN A N   1 
ATOM   711  C CA  . GLN A 1 91  ? -4.899  -10.652 -12.144 1.00 28.55 ? 91  GLN A CA  1 
ATOM   712  C C   . GLN A 1 91  ? -4.520  -9.232  -11.723 1.00 26.37 ? 91  GLN A C   1 
ATOM   713  O O   . GLN A 1 91  ? -3.605  -9.030  -10.933 1.00 24.06 ? 91  GLN A O   1 
ATOM   714  C CB  . GLN A 1 91  ? -6.381  -10.891 -11.863 1.00 32.94 ? 91  GLN A CB  1 
ATOM   715  C CG  . GLN A 1 91  ? -6.795  -10.628 -10.439 1.00 38.95 ? 91  GLN A CG  1 
ATOM   716  C CD  . GLN A 1 91  ? -8.298  -10.601 -10.286 1.00 46.53 ? 91  GLN A CD  1 
ATOM   717  O OE1 . GLN A 1 91  ? -8.882  -11.485 -9.656  1.00 48.40 ? 91  GLN A OE1 1 
ATOM   718  N NE2 . GLN A 1 91  ? -8.937  -9.584  -10.864 1.00 47.06 ? 91  GLN A NE2 1 
ATOM   719  N N   . THR A 1 92  ? -5.235  -8.252  -12.268 1.00 22.73 ? 92  THR A N   1 
ATOM   720  C CA  . THR A 1 92  ? -4.981  -6.852  -11.957 1.00 23.84 ? 92  THR A CA  1 
ATOM   721  C C   . THR A 1 92  ? -6.151  -6.218  -11.222 1.00 24.74 ? 92  THR A C   1 
ATOM   722  O O   . THR A 1 92  ? -7.294  -6.320  -11.657 1.00 28.52 ? 92  THR A O   1 
ATOM   723  C CB  . THR A 1 92  ? -4.722  -6.031  -13.228 1.00 23.64 ? 92  THR A CB  1 
ATOM   724  O OG1 . THR A 1 92  ? -3.626  -6.603  -13.953 1.00 27.78 ? 92  THR A OG1 1 
ATOM   725  C CG2 . THR A 1 92  ? -4.393  -4.589  -12.867 1.00 23.10 ? 92  THR A CG2 1 
ATOM   726  N N   . TYR A 1 93  ? -5.851  -5.569  -10.103 1.00 24.76 ? 93  TYR A N   1 
ATOM   727  C CA  . TYR A 1 93  ? -6.853  -4.897  -9.293  1.00 22.31 ? 93  TYR A CA  1 
ATOM   728  C C   . TYR A 1 93  ? -6.603  -3.406  -9.391  1.00 24.37 ? 93  TYR A C   1 
ATOM   729  O O   . TYR A 1 93  ? -5.624  -2.901  -8.837  1.00 25.47 ? 93  TYR A O   1 
ATOM   730  C CB  . TYR A 1 93  ? -6.743  -5.325  -7.830  1.00 21.92 ? 93  TYR A CB  1 
ATOM   731  C CG  . TYR A 1 93  ? -6.813  -6.817  -7.615  1.00 25.46 ? 93  TYR A CG  1 
ATOM   732  C CD1 . TYR A 1 93  ? -5.681  -7.614  -7.771  1.00 27.34 ? 93  TYR A CD1 1 
ATOM   733  C CD2 . TYR A 1 93  ? -8.013  -7.435  -7.260  1.00 26.09 ? 93  TYR A CD2 1 
ATOM   734  C CE1 . TYR A 1 93  ? -5.735  -8.988  -7.582  1.00 26.77 ? 93  TYR A CE1 1 
ATOM   735  C CE2 . TYR A 1 93  ? -8.079  -8.814  -7.066  1.00 29.96 ? 93  TYR A CE2 1 
ATOM   736  C CZ  . TYR A 1 93  ? -6.933  -9.584  -7.231  1.00 30.39 ? 93  TYR A CZ  1 
ATOM   737  O OH  . TYR A 1 93  ? -6.987  -10.946 -7.053  1.00 31.24 ? 93  TYR A OH  1 
ATOM   738  N N   . GLY A 1 94  ? -7.484  -2.705  -10.100 1.00 24.61 ? 94  GLY A N   1 
ATOM   739  C CA  . GLY A 1 94  ? -7.333  -1.269  -10.244 1.00 23.44 ? 94  GLY A CA  1 
ATOM   740  C C   . GLY A 1 94  ? -7.371  -0.822  -11.691 1.00 26.79 ? 94  GLY A C   1 
ATOM   741  O O   . GLY A 1 94  ? -7.671  -1.619  -12.576 1.00 28.14 ? 94  GLY A O   1 
ATOM   742  N N   . PRO A 1 95  ? -7.040  0.448   -11.968 1.00 27.39 ? 95  PRO A N   1 
ATOM   743  C CA  . PRO A 1 95  ? -6.639  1.419   -10.946 1.00 27.96 ? 95  PRO A CA  1 
ATOM   744  C C   . PRO A 1 95  ? -7.814  1.930   -10.148 1.00 27.91 ? 95  PRO A C   1 
ATOM   745  O O   . PRO A 1 95  ? -8.955  1.826   -10.584 1.00 30.11 ? 95  PRO A O   1 
ATOM   746  C CB  . PRO A 1 95  ? -5.981  2.537   -11.748 1.00 27.09 ? 95  PRO A CB  1 
ATOM   747  C CG  . PRO A 1 95  ? -6.641  2.469   -13.083 1.00 28.92 ? 95  PRO A CG  1 
ATOM   748  C CD  . PRO A 1 95  ? -7.047  1.034   -13.320 1.00 27.51 ? 95  PRO A CD  1 
ATOM   749  N N   . TYR A 1 96  ? -7.525  2.464   -8.967  1.00 30.27 ? 96  TYR A N   1 
ATOM   750  C CA  . TYR A 1 96  ? -8.545  3.039   -8.095  1.00 29.70 ? 96  TYR A CA  1 
ATOM   751  C C   . TYR A 1 96  ? -8.071  4.459   -7.789  1.00 30.10 ? 96  TYR A C   1 
ATOM   752  O O   . TYR A 1 96  ? -6.876  4.687   -7.602  1.00 28.46 ? 96  TYR A O   1 
ATOM   753  C CB  . TYR A 1 96  ? -8.663  2.257   -6.787  1.00 29.42 ? 96  TYR A CB  1 
ATOM   754  C CG  . TYR A 1 96  ? -8.989  0.790   -6.943  1.00 29.28 ? 96  TYR A CG  1 
ATOM   755  C CD1 . TYR A 1 96  ? -10.282 0.370   -7.247  1.00 26.63 ? 96  TYR A CD1 1 
ATOM   756  C CD2 . TYR A 1 96  ? -8.011  -0.182  -6.736  1.00 32.08 ? 96  TYR A CD2 1 
ATOM   757  C CE1 . TYR A 1 96  ? -10.595 -0.984  -7.338  1.00 27.26 ? 96  TYR A CE1 1 
ATOM   758  C CE2 . TYR A 1 96  ? -8.311  -1.539  -6.824  1.00 31.13 ? 96  TYR A CE2 1 
ATOM   759  C CZ  . TYR A 1 96  ? -9.605  -1.934  -7.122  1.00 32.04 ? 96  TYR A CZ  1 
ATOM   760  O OH  . TYR A 1 96  ? -9.905  -3.277  -7.187  1.00 32.92 ? 96  TYR A OH  1 
ATOM   761  N N   . GLY A 1 97  ? -9.002  5.406   -7.744  1.00 32.03 ? 97  GLY A N   1 
ATOM   762  C CA  . GLY A 1 97  ? -8.635  6.783   -7.464  1.00 29.62 ? 97  GLY A CA  1 
ATOM   763  C C   . GLY A 1 97  ? -8.441  7.562   -8.750  1.00 31.83 ? 97  GLY A C   1 
ATOM   764  O O   . GLY A 1 97  ? -8.801  7.086   -9.829  1.00 32.16 ? 97  GLY A O   1 
ATOM   765  N N   . VAL A 1 98  ? -7.865  8.755   -8.638  1.00 29.96 ? 98  VAL A N   1 
ATOM   766  C CA  . VAL A 1 98  ? -7.630  9.614   -9.795  1.00 28.45 ? 98  VAL A CA  1 
ATOM   767  C C   . VAL A 1 98  ? -6.271  9.362   -10.437 1.00 28.14 ? 98  VAL A C   1 
ATOM   768  O O   . VAL A 1 98  ? -5.234  9.580   -9.816  1.00 30.07 ? 98  VAL A O   1 
ATOM   769  C CB  . VAL A 1 98  ? -7.708  11.112  -9.398  1.00 27.50 ? 98  VAL A CB  1 
ATOM   770  C CG1 . VAL A 1 98  ? -7.700  11.984  -10.648 1.00 26.67 ? 98  VAL A CG1 1 
ATOM   771  C CG2 . VAL A 1 98  ? -8.960  11.368  -8.574  1.00 22.95 ? 98  VAL A CG2 1 
ATOM   772  N N   . THR A 1 99  ? -6.279  8.912   -11.686 1.00 29.80 ? 99  THR A N   1 
ATOM   773  C CA  . THR A 1 99  ? -5.033  8.652   -12.394 1.00 31.68 ? 99  THR A CA  1 
ATOM   774  C C   . THR A 1 99  ? -4.516  9.931   -13.046 1.00 31.70 ? 99  THR A C   1 
ATOM   775  O O   . THR A 1 99  ? -4.364  10.004  -14.262 1.00 32.61 ? 99  THR A O   1 
ATOM   776  C CB  . THR A 1 99  ? -5.210  7.580   -13.490 1.00 31.93 ? 99  THR A CB  1 
ATOM   777  O OG1 . THR A 1 99  ? -6.234  7.996   -14.399 1.00 37.99 ? 99  THR A OG1 1 
ATOM   778  C CG2 . THR A 1 99  ? -5.590  6.241   -12.881 1.00 31.44 ? 99  THR A CG2 1 
ATOM   779  N N   . ASN A 1 100 ? -4.260  10.942  -12.224 1.00 32.68 ? 100 ASN A N   1 
ATOM   780  C CA  . ASN A 1 100 ? -3.741  12.218  -12.700 1.00 34.05 ? 100 ASN A CA  1 
ATOM   781  C C   . ASN A 1 100 ? -2.537  12.574  -11.851 1.00 31.59 ? 100 ASN A C   1 
ATOM   782  O O   . ASN A 1 100 ? -2.550  12.392  -10.638 1.00 33.12 ? 100 ASN A O   1 
ATOM   783  C CB  . ASN A 1 100 ? -4.790  13.322  -12.561 1.00 41.38 ? 100 ASN A CB  1 
ATOM   784  C CG  . ASN A 1 100 ? -5.828  13.281  -13.660 1.00 50.88 ? 100 ASN A CG  1 
ATOM   785  O OD1 . ASN A 1 100 ? -7.029  13.403  -13.404 1.00 57.56 ? 100 ASN A OD1 1 
ATOM   786  N ND2 . ASN A 1 100 ? -5.371  13.105  -14.895 1.00 54.74 ? 100 ASN A ND2 1 
ATOM   787  N N   . GLY A 1 101 ? -1.494  13.079  -12.491 1.00 31.74 ? 101 GLY A N   1 
ATOM   788  C CA  . GLY A 1 101 ? -0.300  13.453  -11.760 1.00 30.41 ? 101 GLY A CA  1 
ATOM   789  C C   . GLY A 1 101 ? 0.931   12.732  -12.261 1.00 25.30 ? 101 GLY A C   1 
ATOM   790  O O   . GLY A 1 101 ? 1.032   12.392  -13.438 1.00 27.67 ? 101 GLY A O   1 
ATOM   791  N N   . THR A 1 102 ? 1.870   12.501  -11.358 1.00 20.72 ? 102 THR A N   1 
ATOM   792  C CA  . THR A 1 102 ? 3.101   11.820  -11.700 1.00 21.10 ? 102 THR A CA  1 
ATOM   793  C C   . THR A 1 102 ? 2.936   10.328  -11.458 1.00 22.34 ? 102 THR A C   1 
ATOM   794  O O   . THR A 1 102 ? 2.639   9.898   -10.345 1.00 26.24 ? 102 THR A O   1 
ATOM   795  C CB  . THR A 1 102 ? 4.249   12.354  -10.848 1.00 22.07 ? 102 THR A CB  1 
ATOM   796  O OG1 . THR A 1 102 ? 4.327   13.772  -11.026 1.00 26.20 ? 102 THR A OG1 1 
ATOM   797  C CG2 . THR A 1 102 ? 5.580   11.713  -11.249 1.00 21.29 ? 102 THR A CG2 1 
ATOM   798  N N   . PRO A 1 103 ? 3.124   9.509   -12.501 1.00 22.98 ? 103 PRO A N   1 
ATOM   799  C CA  . PRO A 1 103 ? 2.970   8.072   -12.288 1.00 20.31 ? 103 PRO A CA  1 
ATOM   800  C C   . PRO A 1 103 ? 4.213   7.489   -11.640 1.00 19.49 ? 103 PRO A C   1 
ATOM   801  O O   . PRO A 1 103 ? 5.283   8.101   -11.660 1.00 20.58 ? 103 PRO A O   1 
ATOM   802  C CB  . PRO A 1 103 ? 2.775   7.535   -13.696 1.00 21.38 ? 103 PRO A CB  1 
ATOM   803  C CG  . PRO A 1 103 ? 3.623   8.442   -14.527 1.00 19.74 ? 103 PRO A CG  1 
ATOM   804  C CD  . PRO A 1 103 ? 3.495   9.814   -13.895 1.00 23.14 ? 103 PRO A CD  1 
ATOM   805  N N   . PHE A 1 104 ? 4.056   6.313   -11.048 1.00 18.19 ? 104 PHE A N   1 
ATOM   806  C CA  . PHE A 1 104 ? 5.168   5.598   -10.440 1.00 17.53 ? 104 PHE A CA  1 
ATOM   807  C C   . PHE A 1 104 ? 4.830   4.120   -10.554 1.00 16.50 ? 104 PHE A C   1 
ATOM   808  O O   . PHE A 1 104 ? 3.660   3.750   -10.625 1.00 17.46 ? 104 PHE A O   1 
ATOM   809  C CB  . PHE A 1 104 ? 5.389   6.022   -8.975  1.00 17.54 ? 104 PHE A CB  1 
ATOM   810  C CG  . PHE A 1 104 ? 4.374   5.469   -8.009  1.00 18.63 ? 104 PHE A CG  1 
ATOM   811  C CD1 . PHE A 1 104 ? 4.481   4.168   -7.531  1.00 18.26 ? 104 PHE A CD1 1 
ATOM   812  C CD2 . PHE A 1 104 ? 3.319   6.265   -7.561  1.00 20.58 ? 104 PHE A CD2 1 
ATOM   813  C CE1 . PHE A 1 104 ? 3.560   3.666   -6.625  1.00 21.55 ? 104 PHE A CE1 1 
ATOM   814  C CE2 . PHE A 1 104 ? 2.390   5.773   -6.653  1.00 20.36 ? 104 PHE A CE2 1 
ATOM   815  C CZ  . PHE A 1 104 ? 2.508   4.471   -6.183  1.00 20.22 ? 104 PHE A CZ  1 
ATOM   816  N N   . SER A 1 105 ? 5.856   3.282   -10.606 1.00 18.32 ? 105 SER A N   1 
ATOM   817  C CA  . SER A 1 105 ? 5.659   1.845   -10.728 1.00 19.76 ? 105 SER A CA  1 
ATOM   818  C C   . SER A 1 105 ? 6.798   1.072   -10.089 1.00 20.14 ? 105 SER A C   1 
ATOM   819  O O   . SER A 1 105 ? 7.966   1.477   -10.149 1.00 22.24 ? 105 SER A O   1 
ATOM   820  C CB  . SER A 1 105 ? 5.540   1.441   -12.200 1.00 23.56 ? 105 SER A CB  1 
ATOM   821  O OG  . SER A 1 105 ? 6.726   1.764   -12.913 1.00 24.44 ? 105 SER A OG  1 
ATOM   822  N N   . LEU A 1 106 ? 6.444   -0.041  -9.467  1.00 18.93 ? 106 LEU A N   1 
ATOM   823  C CA  . LEU A 1 106 ? 7.422   -0.895  -8.824  1.00 18.58 ? 106 LEU A CA  1 
ATOM   824  C C   . LEU A 1 106 ? 7.146   -2.321  -9.253  1.00 18.61 ? 106 LEU A C   1 
ATOM   825  O O   . LEU A 1 106 ? 6.387   -3.046  -8.598  1.00 16.05 ? 106 LEU A O   1 
ATOM   826  C CB  . LEU A 1 106 ? 7.331   -0.785  -7.294  1.00 18.61 ? 106 LEU A CB  1 
ATOM   827  C CG  . LEU A 1 106 ? 8.533   -1.158  -6.403  1.00 22.38 ? 106 LEU A CG  1 
ATOM   828  C CD1 . LEU A 1 106 ? 8.190   -2.383  -5.575  1.00 14.66 ? 106 LEU A CD1 1 
ATOM   829  C CD2 . LEU A 1 106 ? 9.785   -1.400  -7.237  1.00 20.24 ? 106 LEU A CD2 1 
ATOM   830  N N   . PRO A 1 107 ? 7.714   -2.726  -10.400 1.00 16.46 ? 107 PRO A N   1 
ATOM   831  C CA  . PRO A 1 107 ? 7.526   -4.091  -10.897 1.00 14.59 ? 107 PRO A CA  1 
ATOM   832  C C   . PRO A 1 107 ? 8.545   -4.945  -10.160 1.00 14.20 ? 107 PRO A C   1 
ATOM   833  O O   . PRO A 1 107 ? 9.627   -4.461  -9.826  1.00 14.12 ? 107 PRO A O   1 
ATOM   834  C CB  . PRO A 1 107 ? 7.835   -3.993  -12.394 1.00 13.08 ? 107 PRO A CB  1 
ATOM   835  C CG  . PRO A 1 107 ? 8.425   -2.614  -12.621 1.00 14.41 ? 107 PRO A CG  1 
ATOM   836  C CD  . PRO A 1 107 ? 8.548   -1.911  -11.300 1.00 17.57 ? 107 PRO A CD  1 
ATOM   837  N N   . ILE A 1 108 ? 8.202   -6.194  -9.876  1.00 16.33 ? 108 ILE A N   1 
ATOM   838  C CA  . ILE A 1 108 ? 9.127   -7.076  -9.175  1.00 18.00 ? 108 ILE A CA  1 
ATOM   839  C C   . ILE A 1 108 ? 9.367   -8.342  -9.987  1.00 16.77 ? 108 ILE A C   1 
ATOM   840  O O   . ILE A 1 108 ? 8.427   -9.053  -10.338 1.00 20.10 ? 108 ILE A O   1 
ATOM   841  C CB  . ILE A 1 108 ? 8.594   -7.460  -7.771  1.00 18.26 ? 108 ILE A CB  1 
ATOM   842  C CG1 . ILE A 1 108 ? 8.323   -6.200  -6.952  1.00 18.34 ? 108 ILE A CG1 1 
ATOM   843  C CG2 . ILE A 1 108 ? 9.609   -8.312  -7.035  1.00 12.82 ? 108 ILE A CG2 1 
ATOM   844  C CD1 . ILE A 1 108 ? 7.311   -6.409  -5.854  1.00 18.33 ? 108 ILE A CD1 1 
ATOM   845  N N   . GLU A 1 109 ? 10.635  -8.602  -10.285 1.00 14.72 ? 109 GLU A N   1 
ATOM   846  C CA  . GLU A 1 109 ? 11.047  -9.770  -11.052 1.00 14.49 ? 109 GLU A CA  1 
ATOM   847  C C   . GLU A 1 109 ? 11.213  -10.962 -10.123 1.00 11.81 ? 109 GLU A C   1 
ATOM   848  O O   . GLU A 1 109 ? 10.823  -12.073 -10.451 1.00 14.37 ? 109 GLU A O   1 
ATOM   849  C CB  . GLU A 1 109 ? 12.379  -9.499  -11.739 1.00 14.66 ? 109 GLU A CB  1 
ATOM   850  C CG  . GLU A 1 109 ? 12.252  -8.976  -13.134 1.00 22.94 ? 109 GLU A CG  1 
ATOM   851  C CD  . GLU A 1 109 ? 13.530  -9.142  -13.918 1.00 25.12 ? 109 GLU A CD  1 
ATOM   852  O OE1 . GLU A 1 109 ? 14.085  -10.263 -13.919 1.00 25.60 ? 109 GLU A OE1 1 
ATOM   853  O OE2 . GLU A 1 109 ? 13.981  -8.152  -14.529 1.00 29.39 ? 109 GLU A OE2 1 
ATOM   854  N N   . ASN A 1 110 ? 11.823  -10.724 -8.970  1.00 12.10 ? 110 ASN A N   1 
ATOM   855  C CA  . ASN A 1 110 ? 12.025  -11.770 -7.980  1.00 12.17 ? 110 ASN A CA  1 
ATOM   856  C C   . ASN A 1 110 ? 11.941  -11.141 -6.607  1.00 12.61 ? 110 ASN A C   1 
ATOM   857  O O   . ASN A 1 110 ? 12.604  -10.142 -6.337  1.00 10.55 ? 110 ASN A O   1 
ATOM   858  C CB  . ASN A 1 110 ? 13.391  -12.430 -8.146  1.00 15.31 ? 110 ASN A CB  1 
ATOM   859  C CG  . ASN A 1 110 ? 13.491  -13.732 -7.384  1.00 18.77 ? 110 ASN A CG  1 
ATOM   860  O OD1 . ASN A 1 110 ? 12.601  -14.576 -7.467  1.00 25.11 ? 110 ASN A OD1 1 
ATOM   861  N ND2 . ASN A 1 110 ? 14.569  -13.901 -6.631  1.00 22.40 ? 110 ASN A ND2 1 
ATOM   862  N N   . GLY A 1 111 ? 11.129  -11.726 -5.737  1.00 9.45  ? 111 GLY A N   1 
ATOM   863  C CA  . GLY A 1 111 ? 10.980  -11.168 -4.408  1.00 12.69 ? 111 GLY A CA  1 
ATOM   864  C C   . GLY A 1 111 ? 9.516   -10.974 -4.048  1.00 16.30 ? 111 GLY A C   1 
ATOM   865  O O   . GLY A 1 111 ? 8.628   -11.100 -4.899  1.00 13.39 ? 111 GLY A O   1 
ATOM   866  N N   . LEU A 1 112 ? 9.273   -10.644 -2.783  1.00 15.71 ? 112 LEU A N   1 
ATOM   867  C CA  . LEU A 1 112 ? 7.922   -10.466 -2.267  1.00 14.19 ? 112 LEU A CA  1 
ATOM   868  C C   . LEU A 1 112 ? 7.740   -9.153  -1.511  1.00 12.21 ? 112 LEU A C   1 
ATOM   869  O O   . LEU A 1 112 ? 8.665   -8.690  -0.844  1.00 10.21 ? 112 LEU A O   1 
ATOM   870  C CB  . LEU A 1 112 ? 7.611   -11.609 -1.297  1.00 12.16 ? 112 LEU A CB  1 
ATOM   871  C CG  . LEU A 1 112 ? 6.974   -12.937 -1.706  1.00 16.16 ? 112 LEU A CG  1 
ATOM   872  C CD1 . LEU A 1 112 ? 6.629   -12.956 -3.180  1.00 17.51 ? 112 LEU A CD1 1 
ATOM   873  C CD2 . LEU A 1 112 ? 7.935   -14.055 -1.349  1.00 17.04 ? 112 LEU A CD2 1 
ATOM   874  N N   . ILE A 1 113 ? 6.552   -8.554  -1.621  1.00 15.16 ? 113 ILE A N   1 
ATOM   875  C CA  . ILE A 1 113 ? 6.233   -7.338  -0.858  1.00 14.66 ? 113 ILE A CA  1 
ATOM   876  C C   . ILE A 1 113 ? 5.838   -7.962  0.477   1.00 13.92 ? 113 ILE A C   1 
ATOM   877  O O   . ILE A 1 113 ? 4.956   -8.824  0.529   1.00 15.12 ? 113 ILE A O   1 
ATOM   878  C CB  . ILE A 1 113 ? 5.018   -6.580  -1.421  1.00 12.98 ? 113 ILE A CB  1 
ATOM   879  C CG1 . ILE A 1 113 ? 5.430   -5.757  -2.638  1.00 9.25  ? 113 ILE A CG1 1 
ATOM   880  C CG2 . ILE A 1 113 ? 4.451   -5.657  -0.360  1.00 11.04 ? 113 ILE A CG2 1 
ATOM   881  C CD1 . ILE A 1 113 ? 4.262   -5.362  -3.505  1.00 15.58 ? 113 ILE A CD1 1 
ATOM   882  N N   . VAL A 1 114 ? 6.469   -7.528  1.556   1.00 12.48 ? 114 VAL A N   1 
ATOM   883  C CA  . VAL A 1 114 ? 6.212   -8.159  2.841   1.00 13.45 ? 114 VAL A CA  1 
ATOM   884  C C   . VAL A 1 114 ? 5.843   -7.212  3.991   1.00 14.13 ? 114 VAL A C   1 
ATOM   885  O O   . VAL A 1 114 ? 5.757   -7.628  5.151   1.00 12.77 ? 114 VAL A O   1 
ATOM   886  C CB  . VAL A 1 114 ? 7.465   -9.043  3.175   1.00 14.08 ? 114 VAL A CB  1 
ATOM   887  C CG1 . VAL A 1 114 ? 8.272   -8.463  4.312   1.00 15.00 ? 114 VAL A CG1 1 
ATOM   888  C CG2 . VAL A 1 114 ? 7.044   -10.458 3.420   1.00 19.37 ? 114 VAL A CG2 1 
ATOM   889  N N   . GLY A 1 115 ? 5.604   -5.944  3.662   1.00 12.94 ? 115 GLY A N   1 
ATOM   890  C CA  . GLY A 1 115 ? 5.248   -4.972  4.682   1.00 13.66 ? 115 GLY A CA  1 
ATOM   891  C C   . GLY A 1 115 ? 5.058   -3.574  4.124   1.00 15.70 ? 115 GLY A C   1 
ATOM   892  O O   . GLY A 1 115 ? 5.528   -3.275  3.022   1.00 16.43 ? 115 GLY A O   1 
ATOM   893  N N   . PHE A 1 116 ? 4.372   -2.721  4.887   1.00 12.88 ? 116 PHE A N   1 
ATOM   894  C CA  . PHE A 1 116 ? 4.099   -1.342  4.488   1.00 12.05 ? 116 PHE A CA  1 
ATOM   895  C C   . PHE A 1 116 ? 4.341   -0.349  5.620   1.00 13.31 ? 116 PHE A C   1 
ATOM   896  O O   . PHE A 1 116 ? 4.222   -0.679  6.800   1.00 13.58 ? 116 PHE A O   1 
ATOM   897  C CB  . PHE A 1 116 ? 2.632   -1.167  4.067   1.00 12.94 ? 116 PHE A CB  1 
ATOM   898  C CG  . PHE A 1 116 ? 2.289   -1.772  2.739   1.00 15.61 ? 116 PHE A CG  1 
ATOM   899  C CD1 . PHE A 1 116 ? 1.857   -3.095  2.655   1.00 14.15 ? 116 PHE A CD1 1 
ATOM   900  C CD2 . PHE A 1 116 ? 2.371   -1.012  1.573   1.00 15.74 ? 116 PHE A CD2 1 
ATOM   901  C CE1 . PHE A 1 116 ? 1.508   -3.658  1.430   1.00 19.10 ? 116 PHE A CE1 1 
ATOM   902  C CE2 . PHE A 1 116 ? 2.026   -1.562  0.341   1.00 19.61 ? 116 PHE A CE2 1 
ATOM   903  C CZ  . PHE A 1 116 ? 1.592   -2.889  0.267   1.00 22.24 ? 116 PHE A CZ  1 
ATOM   904  N N   . LYS A 1 117 ? 4.665   0.880   5.239   1.00 12.47 ? 117 LYS A N   1 
ATOM   905  C CA  . LYS A 1 117 ? 4.851   1.971   6.186   1.00 13.01 ? 117 LYS A CA  1 
ATOM   906  C C   . LYS A 1 117 ? 4.483   3.218   5.393   1.00 14.33 ? 117 LYS A C   1 
ATOM   907  O O   . LYS A 1 117 ? 4.381   3.166   4.166   1.00 15.95 ? 117 LYS A O   1 
ATOM   908  C CB  . LYS A 1 117 ? 6.293   2.043   6.694   1.00 13.45 ? 117 LYS A CB  1 
ATOM   909  C CG  . LYS A 1 117 ? 7.332   2.249   5.623   1.00 17.87 ? 117 LYS A CG  1 
ATOM   910  C CD  . LYS A 1 117 ? 8.351   3.266   6.061   1.00 22.40 ? 117 LYS A CD  1 
ATOM   911  C CE  . LYS A 1 117 ? 9.248   2.699   7.128   1.00 25.38 ? 117 LYS A CE  1 
ATOM   912  N NZ  . LYS A 1 117 ? 10.278  3.694   7.526   1.00 33.92 ? 117 LYS A NZ  1 
ATOM   913  N N   . GLY A 1 118 ? 4.245   4.329   6.077   1.00 13.83 ? 118 GLY A N   1 
ATOM   914  C CA  . GLY A 1 118 ? 3.885   5.542   5.367   1.00 11.97 ? 118 GLY A CA  1 
ATOM   915  C C   . GLY A 1 118 ? 3.234   6.567   6.262   1.00 14.86 ? 118 GLY A C   1 
ATOM   916  O O   . GLY A 1 118 ? 3.486   6.596   7.467   1.00 14.29 ? 118 GLY A O   1 
ATOM   917  N N   . SER A 1 119 ? 2.394   7.415   5.674   1.00 16.56 ? 119 SER A N   1 
ATOM   918  C CA  . SER A 1 119 ? 1.708   8.454   6.428   1.00 17.18 ? 119 SER A CA  1 
ATOM   919  C C   . SER A 1 119 ? 0.341   8.753   5.839   1.00 18.40 ? 119 SER A C   1 
ATOM   920  O O   . SER A 1 119 ? 0.185   8.823   4.615   1.00 19.66 ? 119 SER A O   1 
ATOM   921  C CB  . SER A 1 119 ? 2.537   9.736   6.440   1.00 16.43 ? 119 SER A CB  1 
ATOM   922  O OG  . SER A 1 119 ? 1.715   10.866  6.668   1.00 18.66 ? 119 SER A OG  1 
ATOM   923  N N   . ILE A 1 120 ? -0.646  8.923   6.715   1.00 15.52 ? 120 ILE A N   1 
ATOM   924  C CA  . ILE A 1 120 ? -2.007  9.233   6.290   1.00 16.62 ? 120 ILE A CA  1 
ATOM   925  C C   . ILE A 1 120 ? -2.608  10.352  7.134   1.00 16.94 ? 120 ILE A C   1 
ATOM   926  O O   . ILE A 1 120 ? -2.528  10.329  8.360   1.00 16.97 ? 120 ILE A O   1 
ATOM   927  C CB  . ILE A 1 120 ? -2.942  7.999   6.394   1.00 15.94 ? 120 ILE A CB  1 
ATOM   928  C CG1 . ILE A 1 120 ? -2.395  6.850   5.547   1.00 17.49 ? 120 ILE A CG1 1 
ATOM   929  C CG2 . ILE A 1 120 ? -4.338  8.359   5.906   1.00 12.37 ? 120 ILE A CG2 1 
ATOM   930  C CD1 . ILE A 1 120 ? -3.032  5.508   5.841   1.00 19.36 ? 120 ILE A CD1 1 
ATOM   931  N N   . GLY A 1 121 ? -3.177  11.343  6.455   1.00 17.38 ? 121 GLY A N   1 
ATOM   932  C CA  . GLY A 1 121 ? -3.838  12.458  7.115   1.00 16.58 ? 121 GLY A CA  1 
ATOM   933  C C   . GLY A 1 121 ? -5.247  12.387  6.558   1.00 18.41 ? 121 GLY A C   1 
ATOM   934  O O   . GLY A 1 121 ? -6.017  11.504  6.937   1.00 18.57 ? 121 GLY A O   1 
ATOM   935  N N   . TYR A 1 122 ? -5.581  13.296  5.645   1.00 20.95 ? 122 TYR A N   1 
ATOM   936  C CA  . TYR A 1 122 ? -6.886  13.276  4.989   1.00 20.31 ? 122 TYR A CA  1 
ATOM   937  C C   . TYR A 1 122 ? -6.774  12.181  3.937   1.00 18.74 ? 122 TYR A C   1 
ATOM   938  O O   . TYR A 1 122 ? -7.704  11.403  3.714   1.00 15.08 ? 122 TYR A O   1 
ATOM   939  C CB  . TYR A 1 122 ? -7.175  14.611  4.308   1.00 24.29 ? 122 TYR A CB  1 
ATOM   940  C CG  . TYR A 1 122 ? -7.570  15.707  5.272   1.00 34.92 ? 122 TYR A CG  1 
ATOM   941  C CD1 . TYR A 1 122 ? -8.529  15.479  6.251   1.00 35.87 ? 122 TYR A CD1 1 
ATOM   942  C CD2 . TYR A 1 122 ? -6.973  16.972  5.214   1.00 41.52 ? 122 TYR A CD2 1 
ATOM   943  C CE1 . TYR A 1 122 ? -8.889  16.470  7.151   1.00 42.59 ? 122 TYR A CE1 1 
ATOM   944  C CE2 . TYR A 1 122 ? -7.328  17.977  6.115   1.00 44.45 ? 122 TYR A CE2 1 
ATOM   945  C CZ  . TYR A 1 122 ? -8.288  17.714  7.081   1.00 44.96 ? 122 TYR A CZ  1 
ATOM   946  O OH  . TYR A 1 122 ? -8.661  18.685  7.982   1.00 51.02 ? 122 TYR A OH  1 
ATOM   947  N N   . TRP A 1 123 ? -5.603  12.121  3.309   1.00 17.30 ? 123 TRP A N   1 
ATOM   948  C CA  . TRP A 1 123 ? -5.325  11.125  2.283   1.00 16.36 ? 123 TRP A CA  1 
ATOM   949  C C   . TRP A 1 123 ? -3.965  10.472  2.525   1.00 15.24 ? 123 TRP A C   1 
ATOM   950  O O   . TRP A 1 123 ? -3.192  10.915  3.384   1.00 15.76 ? 123 TRP A O   1 
ATOM   951  C CB  . TRP A 1 123 ? -5.353  11.792  0.905   1.00 13.89 ? 123 TRP A CB  1 
ATOM   952  C CG  . TRP A 1 123 ? -6.622  12.560  0.664   1.00 18.95 ? 123 TRP A CG  1 
ATOM   953  C CD1 . TRP A 1 123 ? -7.855  12.040  0.383   1.00 17.69 ? 123 TRP A CD1 1 
ATOM   954  C CD2 . TRP A 1 123 ? -6.796  13.981  0.752   1.00 17.79 ? 123 TRP A CD2 1 
ATOM   955  N NE1 . TRP A 1 123 ? -8.786  13.047  0.296   1.00 19.38 ? 123 TRP A NE1 1 
ATOM   956  C CE2 . TRP A 1 123 ? -8.165  14.248  0.518   1.00 21.49 ? 123 TRP A CE2 1 
ATOM   957  C CE3 . TRP A 1 123 ? -5.929  15.055  1.008   1.00 18.45 ? 123 TRP A CE3 1 
ATOM   958  C CZ2 . TRP A 1 123 ? -8.691  15.552  0.533   1.00 19.51 ? 123 TRP A CZ2 1 
ATOM   959  C CZ3 . TRP A 1 123 ? -6.449  16.346  1.025   1.00 19.66 ? 123 TRP A CZ3 1 
ATOM   960  C CH2 . TRP A 1 123 ? -7.820  16.583  0.789   1.00 20.28 ? 123 TRP A CH2 1 
ATOM   961  N N   . LEU A 1 124 ? -3.680  9.411   1.777   1.00 17.15 ? 124 LEU A N   1 
ATOM   962  C CA  . LEU A 1 124 ? -2.400  8.719   1.896   1.00 13.89 ? 124 LEU A CA  1 
ATOM   963  C C   . LEU A 1 124 ? -1.314  9.706   1.449   1.00 13.82 ? 124 LEU A C   1 
ATOM   964  O O   . LEU A 1 124 ? -1.249  10.087  0.280   1.00 12.98 ? 124 LEU A O   1 
ATOM   965  C CB  . LEU A 1 124 ? -2.402  7.473   1.005   1.00 8.80  ? 124 LEU A CB  1 
ATOM   966  C CG  . LEU A 1 124 ? -1.164  6.575   1.010   1.00 12.50 ? 124 LEU A CG  1 
ATOM   967  C CD1 . LEU A 1 124 ? -0.947  5.992   2.396   1.00 14.17 ? 124 LEU A CD1 1 
ATOM   968  C CD2 . LEU A 1 124 ? -1.351  5.457   -0.002  1.00 13.77 ? 124 LEU A CD2 1 
ATOM   969  N N   . ASP A 1 125 ? -0.473  10.131  2.384   1.00 12.21 ? 125 ASP A N   1 
ATOM   970  C CA  . ASP A 1 125 ? 0.571   11.094  2.073   1.00 15.03 ? 125 ASP A CA  1 
ATOM   971  C C   . ASP A 1 125 ? 1.708   10.488  1.270   1.00 17.35 ? 125 ASP A C   1 
ATOM   972  O O   . ASP A 1 125 ? 2.160   11.054  0.271   1.00 16.69 ? 125 ASP A O   1 
ATOM   973  C CB  . ASP A 1 125 ? 1.121   11.691  3.364   1.00 18.31 ? 125 ASP A CB  1 
ATOM   974  C CG  . ASP A 1 125 ? 0.087   12.493  4.106   1.00 19.60 ? 125 ASP A CG  1 
ATOM   975  O OD1 . ASP A 1 125 ? -0.541  13.368  3.473   1.00 21.59 ? 125 ASP A OD1 1 
ATOM   976  O OD2 . ASP A 1 125 ? -0.100  12.245  5.316   1.00 22.36 ? 125 ASP A OD2 1 
ATOM   977  N N   . TYR A 1 126 ? 2.169   9.333   1.721   1.00 16.03 ? 126 TYR A N   1 
ATOM   978  C CA  . TYR A 1 126 ? 3.256   8.641   1.055   1.00 18.23 ? 126 TYR A CA  1 
ATOM   979  C C   . TYR A 1 126 ? 3.416   7.276   1.702   1.00 17.94 ? 126 TYR A C   1 
ATOM   980  O O   . TYR A 1 126 ? 2.923   7.044   2.807   1.00 14.88 ? 126 TYR A O   1 
ATOM   981  C CB  . TYR A 1 126 ? 4.547   9.448   1.205   1.00 15.63 ? 126 TYR A CB  1 
ATOM   982  C CG  . TYR A 1 126 ? 4.933   9.722   2.642   1.00 15.14 ? 126 TYR A CG  1 
ATOM   983  C CD1 . TYR A 1 126 ? 5.487   8.715   3.439   1.00 11.78 ? 126 TYR A CD1 1 
ATOM   984  C CD2 . TYR A 1 126 ? 4.764   10.993  3.202   1.00 13.92 ? 126 TYR A CD2 1 
ATOM   985  C CE1 . TYR A 1 126 ? 5.868   8.964   4.754   1.00 15.07 ? 126 TYR A CE1 1 
ATOM   986  C CE2 . TYR A 1 126 ? 5.141   11.255  4.518   1.00 11.58 ? 126 TYR A CE2 1 
ATOM   987  C CZ  . TYR A 1 126 ? 5.696   10.235  5.288   1.00 16.88 ? 126 TYR A CZ  1 
ATOM   988  O OH  . TYR A 1 126 ? 6.107   10.492  6.577   1.00 19.82 ? 126 TYR A OH  1 
ATOM   989  N N   . PHE A 1 127 ? 4.092   6.371   1.005   1.00 17.53 ? 127 PHE A N   1 
ATOM   990  C CA  . PHE A 1 127 ? 4.327   5.035   1.530   1.00 15.61 ? 127 PHE A CA  1 
ATOM   991  C C   . PHE A 1 127 ? 5.606   4.424   0.971   1.00 15.45 ? 127 PHE A C   1 
ATOM   992  O O   . PHE A 1 127 ? 6.118   4.838   -0.067  1.00 12.31 ? 127 PHE A O   1 
ATOM   993  C CB  . PHE A 1 127 ? 3.147   4.120   1.218   1.00 10.74 ? 127 PHE A CB  1 
ATOM   994  C CG  . PHE A 1 127 ? 3.007   3.780   -0.235  1.00 17.22 ? 127 PHE A CG  1 
ATOM   995  C CD1 . PHE A 1 127 ? 2.557   4.732   -1.149  1.00 19.11 ? 127 PHE A CD1 1 
ATOM   996  C CD2 . PHE A 1 127 ? 3.294   2.497   -0.692  1.00 18.87 ? 127 PHE A CD2 1 
ATOM   997  C CE1 . PHE A 1 127 ? 2.389   4.408   -2.496  1.00 19.08 ? 127 PHE A CE1 1 
ATOM   998  C CE2 . PHE A 1 127 ? 3.132   2.166   -2.038  1.00 20.56 ? 127 PHE A CE2 1 
ATOM   999  C CZ  . PHE A 1 127 ? 2.678   3.123   -2.939  1.00 16.93 ? 127 PHE A CZ  1 
ATOM   1000 N N   . SER A 1 128 ? 6.112   3.439   1.696   1.00 14.96 ? 128 SER A N   1 
ATOM   1001 C CA  . SER A 1 128 ? 7.309   2.718   1.334   1.00 11.17 ? 128 SER A CA  1 
ATOM   1002 C C   . SER A 1 128 ? 6.934   1.260   1.463   1.00 13.48 ? 128 SER A C   1 
ATOM   1003 O O   . SER A 1 128 ? 5.934   0.926   2.095   1.00 14.21 ? 128 SER A O   1 
ATOM   1004 C CB  . SER A 1 128 ? 8.444   3.071   2.287   1.00 9.13  ? 128 SER A CB  1 
ATOM   1005 O OG  . SER A 1 128 ? 8.784   4.433   2.132   1.00 12.71 ? 128 SER A OG  1 
ATOM   1006 N N   . ILE A 1 129 ? 7.737   0.388   0.870   1.00 16.02 ? 129 ILE A N   1 
ATOM   1007 C CA  . ILE A 1 129 ? 7.450   -1.032  0.883   1.00 15.99 ? 129 ILE A CA  1 
ATOM   1008 C C   . ILE A 1 129 ? 8.618   -1.867  1.380   1.00 15.67 ? 129 ILE A C   1 
ATOM   1009 O O   . ILE A 1 129 ? 9.776   -1.553  1.105   1.00 16.80 ? 129 ILE A O   1 
ATOM   1010 C CB  . ILE A 1 129 ? 7.081   -1.505  -0.549  1.00 20.42 ? 129 ILE A CB  1 
ATOM   1011 C CG1 . ILE A 1 129 ? 5.865   -0.731  -1.055  1.00 21.30 ? 129 ILE A CG1 1 
ATOM   1012 C CG2 . ILE A 1 129 ? 6.779   -2.997  -0.563  1.00 25.63 ? 129 ILE A CG2 1 
ATOM   1013 C CD1 . ILE A 1 129 ? 5.531   -1.018  -2.500  1.00 27.25 ? 129 ILE A CD1 1 
ATOM   1014 N N   . TYR A 1 130 ? 8.308   -2.930  2.114   1.00 12.53 ? 130 TYR A N   1 
ATOM   1015 C CA  . TYR A 1 130 ? 9.327   -3.843  2.600   1.00 10.57 ? 130 TYR A CA  1 
ATOM   1016 C C   . TYR A 1 130 ? 9.423   -4.938  1.545   1.00 12.43 ? 130 TYR A C   1 
ATOM   1017 O O   . TYR A 1 130 ? 8.397   -5.427  1.076   1.00 11.29 ? 130 TYR A O   1 
ATOM   1018 C CB  . TYR A 1 130 ? 8.910   -4.485  3.920   1.00 9.27  ? 130 TYR A CB  1 
ATOM   1019 C CG  . TYR A 1 130 ? 9.073   -3.609  5.136   1.00 9.00  ? 130 TYR A CG  1 
ATOM   1020 C CD1 . TYR A 1 130 ? 8.251   -2.498  5.334   1.00 9.60  ? 130 TYR A CD1 1 
ATOM   1021 C CD2 . TYR A 1 130 ? 10.037  -3.901  6.101   1.00 13.19 ? 130 TYR A CD2 1 
ATOM   1022 C CE1 . TYR A 1 130 ? 8.387   -1.697  6.464   1.00 10.06 ? 130 TYR A CE1 1 
ATOM   1023 C CE2 . TYR A 1 130 ? 10.182  -3.105  7.236   1.00 12.61 ? 130 TYR A CE2 1 
ATOM   1024 C CZ  . TYR A 1 130 ? 9.353   -2.006  7.409   1.00 11.18 ? 130 TYR A CZ  1 
ATOM   1025 O OH  . TYR A 1 130 ? 9.497   -1.214  8.524   1.00 14.50 ? 130 TYR A OH  1 
ATOM   1026 N N   . LEU A 1 131 ? 10.646  -5.319  1.174   1.00 12.02 ? 131 LEU A N   1 
ATOM   1027 C CA  . LEU A 1 131 ? 10.862  -6.377  0.182   1.00 12.92 ? 131 LEU A CA  1 
ATOM   1028 C C   . LEU A 1 131 ? 11.662  -7.515  0.813   1.00 11.78 ? 131 LEU A C   1 
ATOM   1029 O O   . LEU A 1 131 ? 12.474  -7.288  1.711   1.00 14.08 ? 131 LEU A O   1 
ATOM   1030 C CB  . LEU A 1 131 ? 11.630  -5.829  -1.027  1.00 10.16 ? 131 LEU A CB  1 
ATOM   1031 C CG  . LEU A 1 131 ? 10.886  -4.843  -1.919  1.00 11.89 ? 131 LEU A CG  1 
ATOM   1032 C CD1 . LEU A 1 131 ? 11.821  -4.323  -3.004  1.00 14.07 ? 131 LEU A CD1 1 
ATOM   1033 C CD2 . LEU A 1 131 ? 9.681   -5.538  -2.534  1.00 15.05 ? 131 LEU A CD2 1 
ATOM   1034 N N   . SER A 1 132 ? 11.448  -8.739  0.346   1.00 9.79  ? 132 SER A N   1 
ATOM   1035 C CA  . SER A 1 132 ? 12.175  -9.869  0.902   1.00 11.47 ? 132 SER A CA  1 
ATOM   1036 C C   . SER A 1 132 ? 12.019  -11.116 0.043   1.00 13.90 ? 132 SER A C   1 
ATOM   1037 O O   . SER A 1 132 ? 11.118  -11.193 -0.790  1.00 14.45 ? 132 SER A O   1 
ATOM   1038 C CB  . SER A 1 132 ? 11.669  -10.154 2.326   1.00 17.07 ? 132 SER A CB  1 
ATOM   1039 O OG  . SER A 1 132 ? 12.348  -11.245 2.937   1.00 16.15 ? 132 SER A OG  1 
ATOM   1040 N N   . LEU A 1 133 ? 12.916  -12.079 0.239   1.00 12.40 ? 133 LEU A N   1 
ATOM   1041 C CA  . LEU A 1 133 ? 12.853  -13.353 -0.470  1.00 17.45 ? 133 LEU A CA  1 
ATOM   1042 C C   . LEU A 1 133 ? 12.011  -14.275 0.414   1.00 18.96 ? 133 LEU A C   1 
ATOM   1043 O O   . LEU A 1 133 ? 11.683  -15.405 0.001   1.00 22.54 ? 133 LEU A O   1 
ATOM   1044 C CB  . LEU A 1 133 ? 14.254  -13.958 -0.640  1.00 12.84 ? 133 LEU A CB  1 
ATOM   1045 C CG  . LEU A 1 133 ? 15.136  -13.380 -1.748  1.00 16.97 ? 133 LEU A CG  1 
ATOM   1046 C CD1 . LEU A 1 133 ? 16.537  -13.944 -1.634  1.00 17.75 ? 133 LEU A CD1 1 
ATOM   1047 C CD2 . LEU A 1 133 ? 14.546  -13.719 -3.102  1.00 14.73 ? 133 LEU A CD2 1 
ATOM   1048 O OXT . LEU A 1 133 ? 11.689  -13.840 1.535   1.00 23.78 ? 133 LEU A OXT 1 
ATOM   1049 N N   . ARG B 2 2   ? 24.975  -2.287  15.613  1.00 55.26 ? 3   ARG B N   1 
ATOM   1050 C CA  . ARG B 2 2   ? 24.636  -3.743  15.610  1.00 53.41 ? 3   ARG B CA  1 
ATOM   1051 C C   . ARG B 2 2   ? 23.815  -4.120  16.839  1.00 49.69 ? 3   ARG B C   1 
ATOM   1052 O O   . ARG B 2 2   ? 24.324  -4.106  17.961  1.00 50.84 ? 3   ARG B O   1 
ATOM   1053 C CB  . ARG B 2 2   ? 25.915  -4.576  15.563  1.00 54.52 ? 3   ARG B CB  1 
ATOM   1054 N N   . ASN B 2 3   ? 22.544  -4.455  16.622  1.00 44.45 ? 4   ASN B N   1 
ATOM   1055 C CA  . ASN B 2 3   ? 21.658  -4.839  17.716  1.00 40.14 ? 4   ASN B CA  1 
ATOM   1056 C C   . ASN B 2 3   ? 20.855  -6.087  17.378  1.00 34.96 ? 4   ASN B C   1 
ATOM   1057 O O   . ASN B 2 3   ? 21.086  -6.728  16.357  1.00 32.22 ? 4   ASN B O   1 
ATOM   1058 C CB  . ASN B 2 3   ? 20.707  -3.691  18.069  1.00 41.92 ? 4   ASN B CB  1 
ATOM   1059 C CG  . ASN B 2 3   ? 19.962  -3.148  16.856  1.00 45.05 ? 4   ASN B CG  1 
ATOM   1060 O OD1 . ASN B 2 3   ? 19.495  -3.907  16.005  1.00 45.63 ? 4   ASN B OD1 1 
ATOM   1061 N ND2 . ASN B 2 3   ? 19.847  -1.828  16.778  1.00 48.15 ? 4   ASN B ND2 1 
ATOM   1062 N N   . GLY B 2 4   ? 19.902  -6.417  18.241  1.00 30.40 ? 5   GLY B N   1 
ATOM   1063 C CA  . GLY B 2 4   ? 19.090  -7.599  18.035  1.00 25.45 ? 5   GLY B CA  1 
ATOM   1064 C C   . GLY B 2 4   ? 17.868  -7.435  17.159  1.00 24.26 ? 5   GLY B C   1 
ATOM   1065 O O   . GLY B 2 4   ? 16.986  -8.295  17.167  1.00 27.35 ? 5   GLY B O   1 
ATOM   1066 N N   . LYS B 2 5   ? 17.798  -6.343  16.405  1.00 22.38 ? 6   LYS B N   1 
ATOM   1067 C CA  . LYS B 2 5   ? 16.661  -6.115  15.516  1.00 21.47 ? 6   LYS B CA  1 
ATOM   1068 C C   . LYS B 2 5   ? 16.991  -6.544  14.084  1.00 23.02 ? 6   LYS B C   1 
ATOM   1069 O O   . LYS B 2 5   ? 17.994  -6.108  13.509  1.00 22.18 ? 6   LYS B O   1 
ATOM   1070 C CB  . LYS B 2 5   ? 16.270  -4.635  15.517  1.00 24.04 ? 6   LYS B CB  1 
ATOM   1071 C CG  . LYS B 2 5   ? 15.795  -4.116  16.850  1.00 34.10 ? 6   LYS B CG  1 
ATOM   1072 C CD  . LYS B 2 5   ? 15.016  -2.820  16.676  1.00 42.81 ? 6   LYS B CD  1 
ATOM   1073 C CE  . LYS B 2 5   ? 15.882  -1.605  16.979  1.00 47.03 ? 6   LYS B CE  1 
ATOM   1074 N NZ  . LYS B 2 5   ? 16.823  -1.302  15.862  1.00 50.99 ? 6   LYS B NZ  1 
ATOM   1075 N N   . SER B 2 6   ? 16.141  -7.394  13.514  1.00 21.25 ? 7   SER B N   1 
ATOM   1076 C CA  . SER B 2 6   ? 16.328  -7.880  12.150  1.00 20.45 ? 7   SER B CA  1 
ATOM   1077 C C   . SER B 2 6   ? 16.126  -6.744  11.129  1.00 22.62 ? 7   SER B C   1 
ATOM   1078 O O   . SER B 2 6   ? 15.150  -5.996  11.208  1.00 23.48 ? 7   SER B O   1 
ATOM   1079 C CB  . SER B 2 6   ? 15.343  -9.021  11.880  1.00 14.98 ? 7   SER B CB  1 
ATOM   1080 O OG  . SER B 2 6   ? 15.073  -9.154  10.499  1.00 23.72 ? 7   SER B OG  1 
ATOM   1081 N N   . GLN B 2 7   ? 17.056  -6.619  10.181  1.00 23.51 ? 8   GLN B N   1 
ATOM   1082 C CA  . GLN B 2 7   ? 16.993  -5.578  9.150   1.00 21.51 ? 8   GLN B CA  1 
ATOM   1083 C C   . GLN B 2 7   ? 16.151  -6.014  7.964   1.00 18.88 ? 8   GLN B C   1 
ATOM   1084 O O   . GLN B 2 7   ? 16.010  -7.204  7.689   1.00 19.58 ? 8   GLN B O   1 
ATOM   1085 C CB  . GLN B 2 7   ? 18.386  -5.245  8.624   1.00 25.21 ? 8   GLN B CB  1 
ATOM   1086 C CG  . GLN B 2 7   ? 19.297  -4.500  9.570   1.00 34.88 ? 8   GLN B CG  1 
ATOM   1087 C CD  . GLN B 2 7   ? 20.719  -4.408  9.023   1.00 40.40 ? 8   GLN B CD  1 
ATOM   1088 O OE1 . GLN B 2 7   ? 21.056  -3.480  8.279   1.00 44.59 ? 8   GLN B OE1 1 
ATOM   1089 N NE2 . GLN B 2 7   ? 21.558  -5.380  9.382   1.00 39.73 ? 8   GLN B NE2 1 
ATOM   1090 N N   . SER B 2 8   ? 15.627  -5.036  7.239   1.00 18.27 ? 9   SER B N   1 
ATOM   1091 C CA  . SER B 2 8   ? 14.794  -5.302  6.073   1.00 18.98 ? 9   SER B CA  1 
ATOM   1092 C C   . SER B 2 8   ? 15.134  -4.355  4.924   1.00 18.06 ? 9   SER B C   1 
ATOM   1093 O O   . SER B 2 8   ? 15.621  -3.244  5.139   1.00 14.87 ? 9   SER B O   1 
ATOM   1094 C CB  . SER B 2 8   ? 13.317  -5.115  6.436   1.00 19.98 ? 9   SER B CB  1 
ATOM   1095 O OG  . SER B 2 8   ? 12.659  -6.355  6.587   1.00 32.25 ? 9   SER B OG  1 
ATOM   1096 N N   . ILE B 2 9   ? 14.871  -4.803  3.702   1.00 16.60 ? 10  ILE B N   1 
ATOM   1097 C CA  . ILE B 2 9   ? 15.097  -3.973  2.531   1.00 13.82 ? 10  ILE B CA  1 
ATOM   1098 C C   . ILE B 2 9   ? 13.822  -3.158  2.363   1.00 13.46 ? 10  ILE B C   1 
ATOM   1099 O O   . ILE B 2 9   ? 12.730  -3.716  2.253   1.00 12.46 ? 10  ILE B O   1 
ATOM   1100 C CB  . ILE B 2 9   ? 15.319  -4.815  1.261   1.00 16.34 ? 10  ILE B CB  1 
ATOM   1101 C CG1 . ILE B 2 9   ? 16.739  -5.393  1.258   1.00 14.69 ? 10  ILE B CG1 1 
ATOM   1102 C CG2 . ILE B 2 9   ? 15.081  -3.952  0.018   1.00 13.94 ? 10  ILE B CG2 1 
ATOM   1103 C CD1 . ILE B 2 9   ? 16.826  -6.787  0.675   1.00 17.46 ? 10  ILE B CD1 1 
ATOM   1104 N N   . ILE B 2 10  ? 13.962  -1.838  2.356   1.00 13.97 ? 11  ILE B N   1 
ATOM   1105 C CA  . ILE B 2 10  ? 12.812  -0.964  2.211   1.00 13.08 ? 11  ILE B CA  1 
ATOM   1106 C C   . ILE B 2 10  ? 12.984  -0.056  1.014   1.00 13.01 ? 11  ILE B C   1 
ATOM   1107 O O   . ILE B 2 10  ? 13.983  0.647   0.892   1.00 14.60 ? 11  ILE B O   1 
ATOM   1108 C CB  . ILE B 2 10  ? 12.602  -0.083  3.456   1.00 11.15 ? 11  ILE B CB  1 
ATOM   1109 C CG1 . ILE B 2 10  ? 12.450  -0.962  4.696   1.00 7.84  ? 11  ILE B CG1 1 
ATOM   1110 C CG2 . ILE B 2 10  ? 11.364  0.803   3.260   1.00 6.64  ? 11  ILE B CG2 1 
ATOM   1111 C CD1 . ILE B 2 10  ? 12.573  -0.191  5.998   1.00 16.18 ? 11  ILE B CD1 1 
ATOM   1112 N N   . VAL B 2 11  ? 11.992  -0.070  0.141   1.00 13.66 ? 12  VAL B N   1 
ATOM   1113 C CA  . VAL B 2 11  ? 12.017  0.742   -1.057  1.00 16.53 ? 12  VAL B CA  1 
ATOM   1114 C C   . VAL B 2 11  ? 10.933  1.820   -0.962  1.00 19.18 ? 12  VAL B C   1 
ATOM   1115 O O   . VAL B 2 11  ? 9.813   1.552   -0.529  1.00 20.48 ? 12  VAL B O   1 
ATOM   1116 C CB  . VAL B 2 11  ? 11.806  -0.155  -2.285  1.00 16.36 ? 12  VAL B CB  1 
ATOM   1117 C CG1 . VAL B 2 11  ? 11.347  0.656   -3.451  1.00 21.74 ? 12  VAL B CG1 1 
ATOM   1118 C CG2 . VAL B 2 11  ? 13.117  -0.871  -2.614  1.00 17.71 ? 12  VAL B CG2 1 
ATOM   1119 N N   . GLY B 2 12  ? 11.282  3.041   -1.354  1.00 19.84 ? 13  GLY B N   1 
ATOM   1120 C CA  . GLY B 2 12  ? 10.344  4.147   -1.290  1.00 17.01 ? 13  GLY B CA  1 
ATOM   1121 C C   . GLY B 2 12  ? 10.976  5.324   -0.566  1.00 17.05 ? 13  GLY B C   1 
ATOM   1122 O O   . GLY B 2 12  ? 12.184  5.324   -0.330  1.00 17.07 ? 13  GLY B O   1 
ATOM   1123 N N   . PRO B 2 13  ? 10.185  6.332   -0.173  1.00 16.79 ? 14  PRO B N   1 
ATOM   1124 C CA  . PRO B 2 13  ? 8.735   6.415   -0.371  1.00 17.54 ? 14  PRO B CA  1 
ATOM   1125 C C   . PRO B 2 13  ? 8.267   7.048   -1.675  1.00 18.94 ? 14  PRO B C   1 
ATOM   1126 O O   . PRO B 2 13  ? 9.044   7.656   -2.411  1.00 22.48 ? 14  PRO B O   1 
ATOM   1127 C CB  . PRO B 2 13  ? 8.274   7.244   0.817   1.00 16.64 ? 14  PRO B CB  1 
ATOM   1128 C CG  . PRO B 2 13  ? 9.420   8.184   1.054   1.00 17.92 ? 14  PRO B CG  1 
ATOM   1129 C CD  . PRO B 2 13  ? 10.689  7.506   0.562   1.00 15.35 ? 14  PRO B CD  1 
ATOM   1130 N N   . TRP B 2 14  ? 6.974   6.901   -1.934  1.00 19.30 ? 15  TRP B N   1 
ATOM   1131 C CA  . TRP B 2 14  ? 6.319   7.496   -3.092  1.00 21.27 ? 15  TRP B CA  1 
ATOM   1132 C C   . TRP B 2 14  ? 5.182   8.339   -2.498  1.00 21.44 ? 15  TRP B C   1 
ATOM   1133 O O   . TRP B 2 14  ? 4.327   7.817   -1.788  1.00 20.15 ? 15  TRP B O   1 
ATOM   1134 C CB  . TRP B 2 14  ? 5.752   6.409   -4.011  1.00 18.75 ? 15  TRP B CB  1 
ATOM   1135 C CG  . TRP B 2 14  ? 6.799   5.723   -4.829  1.00 20.91 ? 15  TRP B CG  1 
ATOM   1136 C CD1 . TRP B 2 14  ? 7.404   6.200   -5.960  1.00 21.86 ? 15  TRP B CD1 1 
ATOM   1137 C CD2 . TRP B 2 14  ? 7.396   4.448   -4.565  1.00 16.75 ? 15  TRP B CD2 1 
ATOM   1138 N NE1 . TRP B 2 14  ? 8.339   5.303   -6.412  1.00 15.76 ? 15  TRP B NE1 1 
ATOM   1139 C CE2 . TRP B 2 14  ? 8.354   4.219   -5.574  1.00 15.57 ? 15  TRP B CE2 1 
ATOM   1140 C CE3 . TRP B 2 14  ? 7.213   3.479   -3.572  1.00 12.59 ? 15  TRP B CE3 1 
ATOM   1141 C CZ2 . TRP B 2 14  ? 9.127   3.059   -5.618  1.00 16.33 ? 15  TRP B CZ2 1 
ATOM   1142 C CZ3 . TRP B 2 14  ? 7.982   2.329   -3.618  1.00 15.71 ? 15  TRP B CZ3 1 
ATOM   1143 C CH2 . TRP B 2 14  ? 8.926   2.129   -4.634  1.00 14.66 ? 15  TRP B CH2 1 
ATOM   1144 N N   . GLY B 2 15  ? 5.184   9.639   -2.768  1.00 23.91 ? 16  GLY B N   1 
ATOM   1145 C CA  . GLY B 2 15  ? 4.141   10.491  -2.228  1.00 30.61 ? 16  GLY B CA  1 
ATOM   1146 C C   . GLY B 2 15  ? 4.555   11.934  -2.029  1.00 36.04 ? 16  GLY B C   1 
ATOM   1147 O O   . GLY B 2 15  ? 3.827   12.711  -1.416  1.00 37.17 ? 16  GLY B O   1 
ATOM   1148 N N   . ASP B 2 16  ? 5.730   12.293  -2.535  1.00 47.32 ? 17  ASP B N   1 
ATOM   1149 C CA  . ASP B 2 16  ? 6.238   13.664  -2.434  1.00 54.51 ? 17  ASP B CA  1 
ATOM   1150 C C   . ASP B 2 16  ? 6.761   14.129  -3.794  1.00 57.88 ? 17  ASP B C   1 
ATOM   1151 O O   . ASP B 2 16  ? 7.415   15.166  -3.898  1.00 60.75 ? 17  ASP B O   1 
ATOM   1152 C CB  . ASP B 2 16  ? 7.360   13.742  -1.395  1.00 54.07 ? 17  ASP B CB  1 
ATOM   1153 C CG  . ASP B 2 16  ? 7.045   12.952  -0.143  1.00 54.39 ? 17  ASP B CG  1 
ATOM   1154 O OD1 . ASP B 2 16  ? 5.852   12.727  0.127   1.00 57.19 ? 17  ASP B OD1 1 
ATOM   1155 O OD2 . ASP B 2 16  ? 7.987   12.551  0.571   1.00 57.17 ? 17  ASP B OD2 1 
ATOM   1156 N N   . ARG B 2 17  ? 6.459   13.353  -4.833  1.00 62.40 ? 18  ARG B N   1 
ATOM   1157 C CA  . ARG B 2 17  ? 6.885   13.653  -6.196  1.00 67.35 ? 18  ARG B CA  1 
ATOM   1158 C C   . ARG B 2 17  ? 6.012   14.718  -6.858  1.00 69.31 ? 18  ARG B C   1 
ATOM   1159 O O   . ARG B 2 17  ? 6.462   15.301  -7.869  1.00 70.48 ? 18  ARG B O   1 
ATOM   1160 C CB  . ARG B 2 17  ? 6.853   12.375  -7.034  1.00 70.03 ? 18  ARG B CB  1 
ATOM   1161 C CG  . ARG B 2 17  ? 7.676   12.442  -8.311  1.00 74.40 ? 18  ARG B CG  1 
ATOM   1162 C CD  . ARG B 2 17  ? 8.198   11.065  -8.703  1.00 78.04 ? 18  ARG B CD  1 
ATOM   1163 N NE  . ARG B 2 17  ? 9.119   11.131  -9.836  1.00 80.44 ? 18  ARG B NE  1 
ATOM   1164 C CZ  . ARG B 2 17  ? 9.193   10.215  -10.798 1.00 80.79 ? 18  ARG B CZ  1 
ATOM   1165 N NH1 . ARG B 2 17  ? 8.399   9.151   -10.772 1.00 78.90 ? 18  ARG B NH1 1 
ATOM   1166 N NH2 . ARG B 2 17  ? 10.063  10.367  -11.790 1.00 80.01 ? 18  ARG B NH2 1 
HETATM 1167 O O5  . A2G C 3 .   ? -3.858  15.930  5.742   1.00 20.83 ? 1   A2G C O5  1 
HETATM 1168 C C1  . A2G C 3 .   ? -3.858  16.702  6.965   1.00 17.31 ? 1   A2G C C1  1 
HETATM 1169 O O1  . A2G C 3 .   ? -4.092  18.056  6.625   1.00 20.97 ? 1   A2G C O1  1 
HETATM 1170 C C2  . A2G C 3 .   ? -2.512  16.582  7.678   1.00 20.93 ? 1   A2G C C2  1 
HETATM 1171 N N2  . A2G C 3 .   ? -2.514  17.417  8.864   1.00 25.54 ? 1   A2G C N2  1 
HETATM 1172 C C3  . A2G C 3 .   ? -1.370  17.000  6.736   1.00 23.49 ? 1   A2G C C3  1 
HETATM 1173 O O3  . A2G C 3 .   ? -0.111  16.758  7.379   1.00 24.08 ? 1   A2G C O3  1 
HETATM 1174 C C4  . A2G C 3 .   ? -1.449  16.184  5.451   1.00 20.84 ? 1   A2G C C4  1 
HETATM 1175 O O4  . A2G C 3 .   ? -1.233  14.816  5.774   1.00 20.62 ? 1   A2G C O4  1 
HETATM 1176 C C5  . A2G C 3 .   ? -2.833  16.354  4.812   1.00 17.64 ? 1   A2G C C5  1 
HETATM 1177 C C6  . A2G C 3 .   ? -2.942  15.539  3.524   1.00 14.89 ? 1   A2G C C6  1 
HETATM 1178 O O6  . A2G C 3 .   ? -3.417  14.230  3.814   1.00 15.37 ? 1   A2G C O6  1 
HETATM 1179 C C7  . A2G C 3 .   ? -2.012  16.965  10.011  1.00 25.81 ? 1   A2G C C7  1 
HETATM 1180 O O7  . A2G C 3 .   ? -1.523  15.843  10.136  1.00 30.08 ? 1   A2G C O7  1 
HETATM 1181 C C8  . A2G C 3 .   ? -2.062  17.905  11.206  1.00 27.17 ? 1   A2G C C8  1 
HETATM 1182 C C1  . GAL C 3 .   ? 0.746   17.914  7.365   1.00 32.31 ? 2   GAL C C1  1 
HETATM 1183 C C2  . GAL C 3 .   ? 1.773   17.787  8.496   1.00 32.67 ? 2   GAL C C2  1 
HETATM 1184 C C3  . GAL C 3 .   ? 2.829   18.895  8.440   1.00 36.75 ? 2   GAL C C3  1 
HETATM 1185 C C4  . GAL C 3 .   ? 3.405   19.025  7.035   1.00 34.29 ? 2   GAL C C4  1 
HETATM 1186 C C5  . GAL C 3 .   ? 2.272   19.200  6.028   1.00 35.81 ? 2   GAL C C5  1 
HETATM 1187 C C6  . GAL C 3 .   ? 2.851   19.365  4.619   1.00 37.47 ? 2   GAL C C6  1 
HETATM 1188 O O2  . GAL C 3 .   ? 1.098   17.856  9.742   1.00 35.83 ? 2   GAL C O2  1 
HETATM 1189 O O3  . GAL C 3 .   ? 3.878   18.585  9.346   1.00 37.56 ? 2   GAL C O3  1 
HETATM 1190 O O4  . GAL C 3 .   ? 4.141   17.854  6.724   1.00 33.72 ? 2   GAL C O4  1 
HETATM 1191 O O5  . GAL C 3 .   ? 1.406   18.047  6.083   1.00 33.03 ? 2   GAL C O5  1 
HETATM 1192 O O6  . GAL C 3 .   ? 1.881   19.008  3.647   1.00 40.37 ? 2   GAL C O6  1 
HETATM 1193 O O   . HOH D 4 .   ? 6.569   -10.567 -6.623  1.00 9.83  ? 136 HOH A O   1 
HETATM 1194 O O   . HOH D 4 .   ? 1.240   -10.525 -2.338  1.00 11.92 ? 137 HOH A O   1 
HETATM 1195 O O   . HOH D 4 .   ? 4.674   -9.783  -3.431  1.00 12.64 ? 138 HOH A O   1 
HETATM 1196 O O   . HOH D 4 .   ? 0.305   -12.871 -1.633  1.00 15.11 ? 139 HOH A O   1 
HETATM 1197 O O   . HOH D 4 .   ? -2.139  4.766   11.865  1.00 15.19 ? 140 HOH A O   1 
HETATM 1198 O O   . HOH D 4 .   ? 3.733   -10.319 -1.114  1.00 15.69 ? 141 HOH A O   1 
HETATM 1199 O O   . HOH D 4 .   ? 2.418   -12.903 -0.273  1.00 18.09 ? 142 HOH A O   1 
HETATM 1200 O O   . HOH D 4 .   ? -1.834  6.631   10.029  1.00 18.31 ? 143 HOH A O   1 
HETATM 1201 O O   . HOH D 4 .   ? -5.056  -11.000 13.533  1.00 19.26 ? 144 HOH A O   1 
HETATM 1202 O O   . HOH D 4 .   ? 6.146   -7.989  -12.588 1.00 19.95 ? 145 HOH A O   1 
HETATM 1203 O O   . HOH D 4 .   ? -2.260  -1.983  8.004   1.00 20.38 ? 146 HOH A O   1 
HETATM 1204 O O   . HOH D 4 .   ? -11.798 12.821  -0.028  1.00 20.56 ? 147 HOH A O   1 
HETATM 1205 O O   . HOH D 4 .   ? -10.514 5.650   7.071   1.00 21.69 ? 148 HOH A O   1 
HETATM 1206 O O   . HOH D 4 .   ? -6.918  -6.125  5.980   1.00 21.94 ? 149 HOH A O   1 
HETATM 1207 O O   . HOH D 4 .   ? 7.952   -19.003 7.989   1.00 22.46 ? 150 HOH A O   1 
HETATM 1208 O O   . HOH D 4 .   ? 14.274  -7.622  3.573   1.00 22.52 ? 151 HOH A O   1 
HETATM 1209 O O   . HOH D 4 .   ? -4.195  8.191   10.060  1.00 23.48 ? 152 HOH A O   1 
HETATM 1210 O O   . HOH D 4 .   ? 7.348   5.854   4.244   1.00 25.39 ? 153 HOH A O   1 
HETATM 1211 O O   . HOH D 4 .   ? 7.560   8.738   7.591   1.00 26.43 ? 154 HOH A O   1 
HETATM 1212 O O   . HOH D 4 .   ? -13.738 11.183  0.934   1.00 26.51 ? 155 HOH A O   1 
HETATM 1213 O O   . HOH D 4 .   ? -3.092  3.659   -10.734 1.00 27.70 ? 156 HOH A O   1 
HETATM 1214 O O   . HOH D 4 .   ? 0.801   15.483  2.117   1.00 28.87 ? 157 HOH A O   1 
HETATM 1215 O O   . HOH D 4 .   ? -6.881  -14.090 1.608   1.00 29.04 ? 158 HOH A O   1 
HETATM 1216 O O   . HOH D 4 .   ? 9.258   -10.305 10.501  1.00 29.59 ? 159 HOH A O   1 
HETATM 1217 O O   . HOH D 4 .   ? 3.082   12.885  7.568   1.00 30.79 ? 160 HOH A O   1 
HETATM 1218 O O   . HOH D 4 .   ? -9.525  2.223   6.891   1.00 31.14 ? 161 HOH A O   1 
HETATM 1219 O O   . HOH D 4 .   ? 6.623   5.983   8.599   1.00 32.05 ? 162 HOH A O   1 
HETATM 1220 O O   . HOH D 4 .   ? 0.537   -2.606  12.477  1.00 32.06 ? 163 HOH A O   1 
HETATM 1221 O O   . HOH D 4 .   ? 0.321   5.126   13.691  1.00 34.16 ? 164 HOH A O   1 
HETATM 1222 O O   . HOH D 4 .   ? 18.519  -21.668 -4.628  1.00 34.79 ? 165 HOH A O   1 
HETATM 1223 O O   . HOH D 4 .   ? 11.380  1.628   9.016   1.00 34.80 ? 166 HOH A O   1 
HETATM 1224 O O   . HOH D 4 .   ? -3.325  -20.979 -2.695  1.00 35.37 ? 167 HOH A O   1 
HETATM 1225 O O   . HOH D 4 .   ? 0.546   -2.231  -11.270 1.00 37.04 ? 168 HOH A O   1 
HETATM 1226 O O   . HOH D 4 .   ? 11.003  -15.738 -2.421  1.00 37.96 ? 169 HOH A O   1 
HETATM 1227 O O   . HOH D 4 .   ? -11.794 17.986  8.683   1.00 38.66 ? 170 HOH A O   1 
HETATM 1228 O O   . HOH D 4 .   ? 2.254   17.550  0.994   1.00 39.20 ? 171 HOH A O   1 
HETATM 1229 O O   . HOH D 4 .   ? 8.432   -14.022 -8.438  1.00 39.78 ? 172 HOH A O   1 
HETATM 1230 O O   . HOH D 4 .   ? 17.351  -14.345 -8.420  1.00 40.29 ? 173 HOH A O   1 
HETATM 1231 O O   . HOH D 4 .   ? -7.783  20.331  -4.737  1.00 40.32 ? 174 HOH A O   1 
HETATM 1232 O O   . HOH D 4 .   ? 1.877   0.889   12.685  1.00 41.37 ? 175 HOH A O   1 
HETATM 1233 O O   . HOH D 4 .   ? -12.926 -9.567  -1.321  1.00 41.50 ? 176 HOH A O   1 
HETATM 1234 O O   . HOH D 4 .   ? 7.917   -11.636 -8.816  1.00 41.72 ? 177 HOH A O   1 
HETATM 1235 O O   . HOH D 4 .   ? 15.813  -11.613 1.593   1.00 42.96 ? 178 HOH A O   1 
HETATM 1236 O O   . HOH D 4 .   ? 10.335  -10.776 6.021   1.00 43.14 ? 179 HOH A O   1 
HETATM 1237 O O   . HOH D 4 .   ? -3.163  1.108   -14.001 1.00 43.61 ? 180 HOH A O   1 
HETATM 1238 O O   . HOH D 4 .   ? -10.772 -9.712  -3.988  1.00 43.95 ? 181 HOH A O   1 
HETATM 1239 O O   . HOH D 4 .   ? 6.622   -11.553 -12.440 1.00 43.95 ? 182 HOH A O   1 
HETATM 1240 O O   . HOH D 4 .   ? -12.478 16.072  0.700   1.00 44.38 ? 183 HOH A O   1 
HETATM 1241 O O   . HOH D 4 .   ? -5.407  5.227   12.592  1.00 45.07 ? 184 HOH A O   1 
HETATM 1242 O O   . HOH D 4 .   ? -11.852 18.998  1.684   1.00 45.42 ? 185 HOH A O   1 
HETATM 1243 O O   . HOH D 4 .   ? 16.876  -9.680  3.475   1.00 46.61 ? 186 HOH A O   1 
HETATM 1244 O O   . HOH D 4 .   ? -8.890  6.105   -14.464 1.00 47.49 ? 187 HOH A O   1 
HETATM 1245 O O   . HOH D 4 .   ? 9.573   6.465   5.262   1.00 47.69 ? 188 HOH A O   1 
HETATM 1246 O O   . HOH D 4 .   ? -5.947  22.834  2.391   1.00 47.98 ? 189 HOH A O   1 
HETATM 1247 O O   . HOH D 4 .   ? -3.696  33.205  -4.035  1.00 48.11 ? 190 HOH A O   1 
HETATM 1248 O O   . HOH D 4 .   ? -0.284  -2.318  -13.790 1.00 48.91 ? 191 HOH A O   1 
HETATM 1249 O O   . HOH D 4 .   ? -6.449  -15.012 4.982   1.00 48.96 ? 192 HOH A O   1 
HETATM 1250 O O   . HOH D 4 .   ? -7.768  17.427  -10.237 1.00 50.03 ? 193 HOH A O   1 
HETATM 1251 O O   . HOH D 4 .   ? 2.766   11.092  13.159  1.00 50.76 ? 194 HOH A O   1 
HETATM 1252 O O   . HOH D 4 .   ? 2.905   15.033  4.454   1.00 52.50 ? 195 HOH A O   1 
HETATM 1253 O O   . HOH D 4 .   ? -9.660  19.405  0.956   1.00 52.80 ? 196 HOH A O   1 
HETATM 1254 O O   . HOH D 4 .   ? 4.655   13.412  10.431  1.00 52.96 ? 197 HOH A O   1 
HETATM 1255 O O   . HOH D 4 .   ? -28.519 -12.676 9.773   1.00 53.61 ? 198 HOH A O   1 
HETATM 1256 O O   . HOH D 4 .   ? -13.394 -12.299 -1.426  1.00 54.80 ? 199 HOH A O   1 
HETATM 1257 O O   . HOH D 4 .   ? -3.239  -8.903  15.660  1.00 55.86 ? 200 HOH A O   1 
HETATM 1258 O O   . HOH D 4 .   ? -11.505 -6.017  -5.884  1.00 56.64 ? 201 HOH A O   1 
HETATM 1259 O O   . HOH D 4 .   ? -12.879 7.059   6.580   1.00 58.62 ? 202 HOH A O   1 
HETATM 1260 O O   . HOH D 4 .   ? 4.012   -18.847 5.424   1.00 58.84 ? 203 HOH A O   1 
HETATM 1261 O O   . HOH D 4 .   ? 5.505   3.215   14.243  1.00 59.67 ? 204 HOH A O   1 
HETATM 1262 O O   . HOH D 4 .   ? -6.125  27.727  -3.490  1.00 59.76 ? 205 HOH A O   1 
HETATM 1263 O O   . HOH D 4 .   ? -7.833  15.376  -12.704 1.00 60.96 ? 206 HOH A O   1 
HETATM 1264 O O   . HOH D 4 .   ? 15.782  1.841   8.594   1.00 62.41 ? 207 HOH A O   1 
HETATM 1265 O O   . HOH D 4 .   ? 5.789   5.200   12.633  1.00 62.56 ? 208 HOH A O   1 
HETATM 1266 O O   . HOH D 4 .   ? 4.572   -21.032 6.863   1.00 63.03 ? 209 HOH A O   1 
HETATM 1267 O O   . HOH D 4 .   ? 4.969   -14.375 -11.873 1.00 64.30 ? 210 HOH A O   1 
HETATM 1268 O O   . HOH D 4 .   ? -4.276  21.357  -5.560  1.00 64.36 ? 211 HOH A O   1 
HETATM 1269 O O   . HOH D 4 .   ? 19.925  -14.042 -10.394 1.00 66.61 ? 212 HOH A O   1 
HETATM 1270 O O   . HOH D 4 .   ? 8.477   -15.553 -4.466  1.00 66.73 ? 213 HOH A O   1 
HETATM 1271 O O   . HOH D 4 .   ? -8.907  -9.635  7.400   1.00 69.99 ? 214 HOH A O   1 
HETATM 1272 O O   . HOH D 4 .   ? 2.191   0.931   16.892  1.00 73.49 ? 215 HOH A O   1 
HETATM 1273 O O   . HOH D 4 .   ? 6.490   12.935  8.252   1.00 73.61 ? 216 HOH A O   1 
HETATM 1274 O O   . HOH D 4 .   ? 3.257   -20.683 13.627  1.00 73.66 ? 217 HOH A O   1 
HETATM 1275 O O   . HOH D 4 .   ? 6.034   -0.415  -15.368 1.00 76.69 ? 218 HOH A O   1 
HETATM 1276 O O   . HOH E 4 .   ? 14.218  6.899   0.545   1.00 25.72 ? 22  HOH B O   1 
HETATM 1277 O O   . HOH E 4 .   ? 12.803  -5.728  9.370   1.00 28.94 ? 23  HOH B O   1 
HETATM 1278 O O   . HOH E 4 .   ? 12.363  -8.519  5.949   1.00 38.51 ? 24  HOH B O   1 
HETATM 1279 O O   . HOH E 4 .   ? 3.784   14.349  1.475   1.00 38.61 ? 25  HOH B O   1 
HETATM 1280 O O   . HOH E 4 .   ? 12.656  -8.301  9.027   1.00 40.60 ? 26  HOH B O   1 
HETATM 1281 O O   . HOH E 4 .   ? 11.956  10.791  -13.052 1.00 55.41 ? 27  HOH B O   1 
HETATM 1282 O O   . HOH E 4 .   ? 9.188   11.300  -2.147  1.00 61.16 ? 28  HOH B O   1 
HETATM 1283 O O   . HOH E 4 .   ? 13.216  10.435  0.585   1.00 65.94 ? 29  HOH B O   1 
# 
